data_1WWI
# 
_entry.id   1WWI 
# 
_audit_conform.dict_name       mmcif_pdbx.dic 
_audit_conform.dict_version    5.397 
_audit_conform.dict_location   http://mmcif.pdb.org/dictionaries/ascii/mmcif_pdbx.dic 
# 
loop_
_database_2.database_id 
_database_2.database_code 
_database_2.pdbx_database_accession 
_database_2.pdbx_DOI 
PDB   1WWI         pdb_00001wwi 10.2210/pdb1wwi/pdb 
RCSB  RCSB024083   ?            ?                   
WWPDB D_1000024083 ?            ?                   
# 
loop_
_pdbx_audit_revision_history.ordinal 
_pdbx_audit_revision_history.data_content_type 
_pdbx_audit_revision_history.major_revision 
_pdbx_audit_revision_history.minor_revision 
_pdbx_audit_revision_history.revision_date 
1 'Structure model' 1 0 2005-07-05 
2 'Structure model' 1 1 2008-04-30 
3 'Structure model' 1 2 2011-07-13 
4 'Structure model' 1 3 2024-10-16 
# 
_pdbx_audit_revision_details.ordinal             1 
_pdbx_audit_revision_details.revision_ordinal    1 
_pdbx_audit_revision_details.data_content_type   'Structure model' 
_pdbx_audit_revision_details.provider            repository 
_pdbx_audit_revision_details.type                'Initial release' 
_pdbx_audit_revision_details.description         ? 
_pdbx_audit_revision_details.details             ? 
# 
loop_
_pdbx_audit_revision_group.ordinal 
_pdbx_audit_revision_group.revision_ordinal 
_pdbx_audit_revision_group.data_content_type 
_pdbx_audit_revision_group.group 
1 2 'Structure model' 'Version format compliance' 
2 3 'Structure model' 'Derived calculations'      
3 3 'Structure model' 'Version format compliance' 
4 4 'Structure model' 'Data collection'           
5 4 'Structure model' 'Database references'       
6 4 'Structure model' 'Derived calculations'      
7 4 'Structure model' 'Structure summary'         
# 
loop_
_pdbx_audit_revision_category.ordinal 
_pdbx_audit_revision_category.revision_ordinal 
_pdbx_audit_revision_category.data_content_type 
_pdbx_audit_revision_category.category 
1 4 'Structure model' chem_comp_atom            
2 4 'Structure model' chem_comp_bond            
3 4 'Structure model' database_2                
4 4 'Structure model' pdbx_entry_details        
5 4 'Structure model' pdbx_modification_feature 
6 4 'Structure model' struct_conn               
7 4 'Structure model' struct_ref_seq_dif        
# 
loop_
_pdbx_audit_revision_item.ordinal 
_pdbx_audit_revision_item.revision_ordinal 
_pdbx_audit_revision_item.data_content_type 
_pdbx_audit_revision_item.item 
1 4 'Structure model' '_database_2.pdbx_DOI'                
2 4 'Structure model' '_database_2.pdbx_database_accession' 
3 4 'Structure model' '_struct_conn.pdbx_leaving_atom_flag' 
4 4 'Structure model' '_struct_ref_seq_dif.details'         
# 
_pdbx_database_status.status_code                     REL 
_pdbx_database_status.entry_id                        1WWI 
_pdbx_database_status.recvd_initial_deposition_date   2005-01-05 
_pdbx_database_status.deposit_site                    PDBJ 
_pdbx_database_status.process_site                    PDBJ 
_pdbx_database_status.status_code_sf                  REL 
_pdbx_database_status.status_code_mr                  ? 
_pdbx_database_status.SG_entry                        Y 
_pdbx_database_status.pdb_format_compatible           Y 
_pdbx_database_status.status_code_cs                  ? 
_pdbx_database_status.status_code_nmr_data            ? 
_pdbx_database_status.methods_development_category    ? 
# 
_pdbx_database_related.db_name        TargetDB 
_pdbx_database_related.db_id          ttk003001566 
_pdbx_database_related.details        . 
_pdbx_database_related.content_type   unspecified 
# 
loop_
_audit_author.name 
_audit_author.pdbx_ordinal 
'Wang, H.'                                               1  
'Murayama, K.'                                           2  
'Terada, T.'                                             3  
'Chen, L.'                                               4  
'Liu, Z.J.'                                              5  
'Wang, B.C.'                                             6  
'Shirouzu, M.'                                           7  
'Kuramitsu, S.'                                          8  
'Yokoyama, S.'                                           9  
'RIKEN Structural Genomics/Proteomics Initiative (RSGI)' 10 
# 
_citation.id                        primary 
_citation.title                     'Crystal structure of ttk003001566 from Thermus Thermophilus HB8' 
_citation.journal_abbrev            'TO BE PUBLISHED' 
_citation.journal_volume            ? 
_citation.page_first                ? 
_citation.page_last                 ? 
_citation.year                      ? 
_citation.journal_id_ASTM           ? 
_citation.country                   ? 
_citation.journal_id_ISSN           ? 
_citation.journal_id_CSD            0353 
_citation.book_publisher            ? 
_citation.pdbx_database_id_PubMed   ? 
_citation.pdbx_database_id_DOI      ? 
# 
loop_
_citation_author.citation_id 
_citation_author.name 
_citation_author.ordinal 
_citation_author.identifier_ORCID 
primary 'Wang, H.'      1 ? 
primary 'Murayama, K.'  2 ? 
primary 'Terada, T.'    3 ? 
primary 'Chen, L.'      4 ? 
primary 'Liu, Z.J.'     5 ? 
primary 'Wang, B.C.'    6 ? 
primary 'Shirouzu, M.'  7 ? 
primary 'Kuramitsu, S.' 8 ? 
primary 'Yokoyama, S.'  9 ? 
# 
loop_
_entity.id 
_entity.type 
_entity.src_method 
_entity.pdbx_description 
_entity.formula_weight 
_entity.pdbx_number_of_molecules 
_entity.pdbx_ec 
_entity.pdbx_mutation 
_entity.pdbx_fragment 
_entity.details 
1 polymer man 'hypothetical protein TTHA1479' 17023.221 1   ? ? ? ? 
2 water   nat water                           18.015    140 ? ? ? ? 
# 
_entity_poly.entity_id                      1 
_entity_poly.type                           'polypeptide(L)' 
_entity_poly.nstd_linkage                   no 
_entity_poly.nstd_monomer                   yes 
_entity_poly.pdbx_seq_one_letter_code       
;(MSE)L(MSE)KVAEFERLFRQAAGLDVDKNDLKRVSDFLRNKLYDLLAVAERNAKYNGRDLIFEPDLPIAKGLQETLQE
FRR(MSE)DTALELKPVLDALAALPPLDLEVAEDVRNLLPELAGALVVAYARVLKELDPALKNPQTEHHERAERVFNLLL
;
_entity_poly.pdbx_seq_one_letter_code_can   
;MLMKVAEFERLFRQAAGLDVDKNDLKRVSDFLRNKLYDLLAVAERNAKYNGRDLIFEPDLPIAKGLQETLQEFRRMDTAL
ELKPVLDALAALPPLDLEVAEDVRNLLPELAGALVVAYARVLKELDPALKNPQTEHHERAERVFNLLL
;
_entity_poly.pdbx_strand_id                 A 
_entity_poly.pdbx_target_identifier         ttk003001566 
# 
_pdbx_entity_nonpoly.entity_id   2 
_pdbx_entity_nonpoly.name        water 
_pdbx_entity_nonpoly.comp_id     HOH 
# 
loop_
_entity_poly_seq.entity_id 
_entity_poly_seq.num 
_entity_poly_seq.mon_id 
_entity_poly_seq.hetero 
1 1   MSE n 
1 2   LEU n 
1 3   MSE n 
1 4   LYS n 
1 5   VAL n 
1 6   ALA n 
1 7   GLU n 
1 8   PHE n 
1 9   GLU n 
1 10  ARG n 
1 11  LEU n 
1 12  PHE n 
1 13  ARG n 
1 14  GLN n 
1 15  ALA n 
1 16  ALA n 
1 17  GLY n 
1 18  LEU n 
1 19  ASP n 
1 20  VAL n 
1 21  ASP n 
1 22  LYS n 
1 23  ASN n 
1 24  ASP n 
1 25  LEU n 
1 26  LYS n 
1 27  ARG n 
1 28  VAL n 
1 29  SER n 
1 30  ASP n 
1 31  PHE n 
1 32  LEU n 
1 33  ARG n 
1 34  ASN n 
1 35  LYS n 
1 36  LEU n 
1 37  TYR n 
1 38  ASP n 
1 39  LEU n 
1 40  LEU n 
1 41  ALA n 
1 42  VAL n 
1 43  ALA n 
1 44  GLU n 
1 45  ARG n 
1 46  ASN n 
1 47  ALA n 
1 48  LYS n 
1 49  TYR n 
1 50  ASN n 
1 51  GLY n 
1 52  ARG n 
1 53  ASP n 
1 54  LEU n 
1 55  ILE n 
1 56  PHE n 
1 57  GLU n 
1 58  PRO n 
1 59  ASP n 
1 60  LEU n 
1 61  PRO n 
1 62  ILE n 
1 63  ALA n 
1 64  LYS n 
1 65  GLY n 
1 66  LEU n 
1 67  GLN n 
1 68  GLU n 
1 69  THR n 
1 70  LEU n 
1 71  GLN n 
1 72  GLU n 
1 73  PHE n 
1 74  ARG n 
1 75  ARG n 
1 76  MSE n 
1 77  ASP n 
1 78  THR n 
1 79  ALA n 
1 80  LEU n 
1 81  GLU n 
1 82  LEU n 
1 83  LYS n 
1 84  PRO n 
1 85  VAL n 
1 86  LEU n 
1 87  ASP n 
1 88  ALA n 
1 89  LEU n 
1 90  ALA n 
1 91  ALA n 
1 92  LEU n 
1 93  PRO n 
1 94  PRO n 
1 95  LEU n 
1 96  ASP n 
1 97  LEU n 
1 98  GLU n 
1 99  VAL n 
1 100 ALA n 
1 101 GLU n 
1 102 ASP n 
1 103 VAL n 
1 104 ARG n 
1 105 ASN n 
1 106 LEU n 
1 107 LEU n 
1 108 PRO n 
1 109 GLU n 
1 110 LEU n 
1 111 ALA n 
1 112 GLY n 
1 113 ALA n 
1 114 LEU n 
1 115 VAL n 
1 116 VAL n 
1 117 ALA n 
1 118 TYR n 
1 119 ALA n 
1 120 ARG n 
1 121 VAL n 
1 122 LEU n 
1 123 LYS n 
1 124 GLU n 
1 125 LEU n 
1 126 ASP n 
1 127 PRO n 
1 128 ALA n 
1 129 LEU n 
1 130 LYS n 
1 131 ASN n 
1 132 PRO n 
1 133 GLN n 
1 134 THR n 
1 135 GLU n 
1 136 HIS n 
1 137 HIS n 
1 138 GLU n 
1 139 ARG n 
1 140 ALA n 
1 141 GLU n 
1 142 ARG n 
1 143 VAL n 
1 144 PHE n 
1 145 ASN n 
1 146 LEU n 
1 147 LEU n 
1 148 LEU n 
# 
_entity_src_gen.entity_id                          1 
_entity_src_gen.pdbx_src_id                        1 
_entity_src_gen.pdbx_alt_source_flag               sample 
_entity_src_gen.pdbx_seq_type                      ? 
_entity_src_gen.pdbx_beg_seq_num                   ? 
_entity_src_gen.pdbx_end_seq_num                   ? 
_entity_src_gen.gene_src_common_name               ? 
_entity_src_gen.gene_src_genus                     Thermus 
_entity_src_gen.pdbx_gene_src_gene                 ? 
_entity_src_gen.gene_src_species                   'Thermus thermophilus' 
_entity_src_gen.gene_src_strain                    'HB8 / ATCC 27634 / DSM 579' 
_entity_src_gen.gene_src_tissue                    ? 
_entity_src_gen.gene_src_tissue_fraction           ? 
_entity_src_gen.gene_src_details                   ? 
_entity_src_gen.pdbx_gene_src_fragment             ? 
_entity_src_gen.pdbx_gene_src_scientific_name      'Thermus thermophilus HB8' 
_entity_src_gen.pdbx_gene_src_ncbi_taxonomy_id     300852 
_entity_src_gen.pdbx_gene_src_variant              ? 
_entity_src_gen.pdbx_gene_src_cell_line            ? 
_entity_src_gen.pdbx_gene_src_atcc                 ? 
_entity_src_gen.pdbx_gene_src_organ                ? 
_entity_src_gen.pdbx_gene_src_organelle            ? 
_entity_src_gen.pdbx_gene_src_cell                 ? 
_entity_src_gen.pdbx_gene_src_cellular_location    ? 
_entity_src_gen.host_org_common_name               ? 
_entity_src_gen.pdbx_host_org_scientific_name      'Escherichia coli' 
_entity_src_gen.pdbx_host_org_ncbi_taxonomy_id     562 
_entity_src_gen.host_org_genus                     Escherichia 
_entity_src_gen.pdbx_host_org_gene                 ? 
_entity_src_gen.pdbx_host_org_organ                ? 
_entity_src_gen.host_org_species                   ? 
_entity_src_gen.pdbx_host_org_tissue               ? 
_entity_src_gen.pdbx_host_org_tissue_fraction      ? 
_entity_src_gen.pdbx_host_org_strain               ? 
_entity_src_gen.pdbx_host_org_variant              ? 
_entity_src_gen.pdbx_host_org_cell_line            ? 
_entity_src_gen.pdbx_host_org_atcc                 ? 
_entity_src_gen.pdbx_host_org_culture_collection   ? 
_entity_src_gen.pdbx_host_org_cell                 ? 
_entity_src_gen.pdbx_host_org_organelle            ? 
_entity_src_gen.pdbx_host_org_cellular_location    ? 
_entity_src_gen.pdbx_host_org_vector_type          plasmid 
_entity_src_gen.pdbx_host_org_vector               ? 
_entity_src_gen.host_org_details                   ? 
_entity_src_gen.expression_system_id               ? 
_entity_src_gen.plasmid_name                       pET11a 
_entity_src_gen.plasmid_details                    ? 
_entity_src_gen.pdbx_description                   ? 
# 
loop_
_chem_comp.id 
_chem_comp.type 
_chem_comp.mon_nstd_flag 
_chem_comp.name 
_chem_comp.pdbx_synonyms 
_chem_comp.formula 
_chem_comp.formula_weight 
ALA 'L-peptide linking' y ALANINE          ? 'C3 H7 N O2'     89.093  
ARG 'L-peptide linking' y ARGININE         ? 'C6 H15 N4 O2 1' 175.209 
ASN 'L-peptide linking' y ASPARAGINE       ? 'C4 H8 N2 O3'    132.118 
ASP 'L-peptide linking' y 'ASPARTIC ACID'  ? 'C4 H7 N O4'     133.103 
GLN 'L-peptide linking' y GLUTAMINE        ? 'C5 H10 N2 O3'   146.144 
GLU 'L-peptide linking' y 'GLUTAMIC ACID'  ? 'C5 H9 N O4'     147.129 
GLY 'peptide linking'   y GLYCINE          ? 'C2 H5 N O2'     75.067  
HIS 'L-peptide linking' y HISTIDINE        ? 'C6 H10 N3 O2 1' 156.162 
HOH non-polymer         . WATER            ? 'H2 O'           18.015  
ILE 'L-peptide linking' y ISOLEUCINE       ? 'C6 H13 N O2'    131.173 
LEU 'L-peptide linking' y LEUCINE          ? 'C6 H13 N O2'    131.173 
LYS 'L-peptide linking' y LYSINE           ? 'C6 H15 N2 O2 1' 147.195 
MET 'L-peptide linking' y METHIONINE       ? 'C5 H11 N O2 S'  149.211 
MSE 'L-peptide linking' n SELENOMETHIONINE ? 'C5 H11 N O2 Se' 196.106 
PHE 'L-peptide linking' y PHENYLALANINE    ? 'C9 H11 N O2'    165.189 
PRO 'L-peptide linking' y PROLINE          ? 'C5 H9 N O2'     115.130 
SER 'L-peptide linking' y SERINE           ? 'C3 H7 N O3'     105.093 
THR 'L-peptide linking' y THREONINE        ? 'C4 H9 N O3'     119.119 
TYR 'L-peptide linking' y TYROSINE         ? 'C9 H11 N O3'    181.189 
VAL 'L-peptide linking' y VALINE           ? 'C5 H11 N O2'    117.146 
# 
loop_
_pdbx_poly_seq_scheme.asym_id 
_pdbx_poly_seq_scheme.entity_id 
_pdbx_poly_seq_scheme.seq_id 
_pdbx_poly_seq_scheme.mon_id 
_pdbx_poly_seq_scheme.ndb_seq_num 
_pdbx_poly_seq_scheme.pdb_seq_num 
_pdbx_poly_seq_scheme.auth_seq_num 
_pdbx_poly_seq_scheme.pdb_mon_id 
_pdbx_poly_seq_scheme.auth_mon_id 
_pdbx_poly_seq_scheme.pdb_strand_id 
_pdbx_poly_seq_scheme.pdb_ins_code 
_pdbx_poly_seq_scheme.hetero 
A 1 1   MSE 1   1   1   MSE MSE A . n 
A 1 2   LEU 2   2   2   LEU LEU A . n 
A 1 3   MSE 3   3   3   MSE MSE A . n 
A 1 4   LYS 4   4   4   LYS LYS A . n 
A 1 5   VAL 5   5   5   VAL VAL A . n 
A 1 6   ALA 6   6   6   ALA ALA A . n 
A 1 7   GLU 7   7   7   GLU GLU A . n 
A 1 8   PHE 8   8   8   PHE PHE A . n 
A 1 9   GLU 9   9   9   GLU GLU A . n 
A 1 10  ARG 10  10  10  ARG ARG A . n 
A 1 11  LEU 11  11  11  LEU LEU A . n 
A 1 12  PHE 12  12  12  PHE PHE A . n 
A 1 13  ARG 13  13  13  ARG ARG A . n 
A 1 14  GLN 14  14  14  GLN GLN A . n 
A 1 15  ALA 15  15  15  ALA ALA A . n 
A 1 16  ALA 16  16  16  ALA ALA A . n 
A 1 17  GLY 17  17  17  GLY GLY A . n 
A 1 18  LEU 18  18  18  LEU LEU A . n 
A 1 19  ASP 19  19  19  ASP ASP A . n 
A 1 20  VAL 20  20  20  VAL VAL A . n 
A 1 21  ASP 21  21  21  ASP ASP A . n 
A 1 22  LYS 22  22  22  LYS LYS A . n 
A 1 23  ASN 23  23  23  ASN ASN A . n 
A 1 24  ASP 24  24  24  ASP ASP A . n 
A 1 25  LEU 25  25  25  LEU LEU A . n 
A 1 26  LYS 26  26  26  LYS LYS A . n 
A 1 27  ARG 27  27  27  ARG ARG A . n 
A 1 28  VAL 28  28  28  VAL VAL A . n 
A 1 29  SER 29  29  29  SER SER A . n 
A 1 30  ASP 30  30  30  ASP ASP A . n 
A 1 31  PHE 31  31  31  PHE PHE A . n 
A 1 32  LEU 32  32  32  LEU LEU A . n 
A 1 33  ARG 33  33  33  ARG ARG A . n 
A 1 34  ASN 34  34  34  ASN ASN A . n 
A 1 35  LYS 35  35  35  LYS LYS A . n 
A 1 36  LEU 36  36  36  LEU LEU A . n 
A 1 37  TYR 37  37  37  TYR TYR A . n 
A 1 38  ASP 38  38  38  ASP ASP A . n 
A 1 39  LEU 39  39  39  LEU LEU A . n 
A 1 40  LEU 40  40  40  LEU LEU A . n 
A 1 41  ALA 41  41  41  ALA ALA A . n 
A 1 42  VAL 42  42  42  VAL VAL A . n 
A 1 43  ALA 43  43  43  ALA ALA A . n 
A 1 44  GLU 44  44  44  GLU GLU A . n 
A 1 45  ARG 45  45  45  ARG ARG A . n 
A 1 46  ASN 46  46  46  ASN ASN A . n 
A 1 47  ALA 47  47  47  ALA ALA A . n 
A 1 48  LYS 48  48  48  LYS LYS A . n 
A 1 49  TYR 49  49  49  TYR TYR A . n 
A 1 50  ASN 50  50  50  ASN ASN A . n 
A 1 51  GLY 51  51  51  GLY GLY A . n 
A 1 52  ARG 52  52  52  ARG ARG A . n 
A 1 53  ASP 53  53  53  ASP ASP A . n 
A 1 54  LEU 54  54  54  LEU LEU A . n 
A 1 55  ILE 55  55  55  ILE ILE A . n 
A 1 56  PHE 56  56  56  PHE PHE A . n 
A 1 57  GLU 57  57  57  GLU GLU A . n 
A 1 58  PRO 58  58  58  PRO PRO A . n 
A 1 59  ASP 59  59  59  ASP ASP A . n 
A 1 60  LEU 60  60  60  LEU LEU A . n 
A 1 61  PRO 61  61  61  PRO PRO A . n 
A 1 62  ILE 62  62  62  ILE ILE A . n 
A 1 63  ALA 63  63  63  ALA ALA A . n 
A 1 64  LYS 64  64  64  LYS LYS A . n 
A 1 65  GLY 65  65  65  GLY GLY A . n 
A 1 66  LEU 66  66  66  LEU LEU A . n 
A 1 67  GLN 67  67  67  GLN GLN A . n 
A 1 68  GLU 68  68  68  GLU GLU A . n 
A 1 69  THR 69  69  69  THR THR A . n 
A 1 70  LEU 70  70  70  LEU LEU A . n 
A 1 71  GLN 71  71  71  GLN GLN A . n 
A 1 72  GLU 72  72  72  GLU GLU A . n 
A 1 73  PHE 73  73  73  PHE PHE A . n 
A 1 74  ARG 74  74  74  ARG ARG A . n 
A 1 75  ARG 75  75  75  ARG ARG A . n 
A 1 76  MSE 76  76  76  MSE MSE A . n 
A 1 77  ASP 77  77  77  ASP ASP A . n 
A 1 78  THR 78  78  78  THR THR A . n 
A 1 79  ALA 79  79  79  ALA ALA A . n 
A 1 80  LEU 80  80  80  LEU LEU A . n 
A 1 81  GLU 81  81  81  GLU GLU A . n 
A 1 82  LEU 82  82  82  LEU LEU A . n 
A 1 83  LYS 83  83  83  LYS LYS A . n 
A 1 84  PRO 84  84  84  PRO PRO A . n 
A 1 85  VAL 85  85  85  VAL VAL A . n 
A 1 86  LEU 86  86  86  LEU LEU A . n 
A 1 87  ASP 87  87  87  ASP ASP A . n 
A 1 88  ALA 88  88  88  ALA ALA A . n 
A 1 89  LEU 89  89  89  LEU LEU A . n 
A 1 90  ALA 90  90  90  ALA ALA A . n 
A 1 91  ALA 91  91  91  ALA ALA A . n 
A 1 92  LEU 92  92  92  LEU LEU A . n 
A 1 93  PRO 93  93  93  PRO PRO A . n 
A 1 94  PRO 94  94  94  PRO PRO A . n 
A 1 95  LEU 95  95  95  LEU LEU A . n 
A 1 96  ASP 96  96  96  ASP ASP A . n 
A 1 97  LEU 97  97  97  LEU LEU A . n 
A 1 98  GLU 98  98  98  GLU GLU A . n 
A 1 99  VAL 99  99  99  VAL VAL A . n 
A 1 100 ALA 100 100 100 ALA ALA A . n 
A 1 101 GLU 101 101 101 GLU GLU A . n 
A 1 102 ASP 102 102 102 ASP ASP A . n 
A 1 103 VAL 103 103 103 VAL VAL A . n 
A 1 104 ARG 104 104 104 ARG ARG A . n 
A 1 105 ASN 105 105 105 ASN ASN A . n 
A 1 106 LEU 106 106 106 LEU LEU A . n 
A 1 107 LEU 107 107 107 LEU LEU A . n 
A 1 108 PRO 108 108 108 PRO PRO A . n 
A 1 109 GLU 109 109 109 GLU GLU A . n 
A 1 110 LEU 110 110 110 LEU LEU A . n 
A 1 111 ALA 111 111 111 ALA ALA A . n 
A 1 112 GLY 112 112 112 GLY GLY A . n 
A 1 113 ALA 113 113 113 ALA ALA A . n 
A 1 114 LEU 114 114 114 LEU LEU A . n 
A 1 115 VAL 115 115 115 VAL VAL A . n 
A 1 116 VAL 116 116 116 VAL VAL A . n 
A 1 117 ALA 117 117 117 ALA ALA A . n 
A 1 118 TYR 118 118 118 TYR TYR A . n 
A 1 119 ALA 119 119 119 ALA ALA A . n 
A 1 120 ARG 120 120 120 ARG ARG A . n 
A 1 121 VAL 121 121 121 VAL VAL A . n 
A 1 122 LEU 122 122 122 LEU LEU A . n 
A 1 123 LYS 123 123 123 LYS LYS A . n 
A 1 124 GLU 124 124 124 GLU GLU A . n 
A 1 125 LEU 125 125 125 LEU LEU A . n 
A 1 126 ASP 126 126 126 ASP ASP A . n 
A 1 127 PRO 127 127 127 PRO PRO A . n 
A 1 128 ALA 128 128 128 ALA ALA A . n 
A 1 129 LEU 129 129 129 LEU LEU A . n 
A 1 130 LYS 130 130 130 LYS LYS A . n 
A 1 131 ASN 131 131 131 ASN ASN A . n 
A 1 132 PRO 132 132 132 PRO PRO A . n 
A 1 133 GLN 133 133 133 GLN GLN A . n 
A 1 134 THR 134 134 134 THR THR A . n 
A 1 135 GLU 135 135 135 GLU GLU A . n 
A 1 136 HIS 136 136 136 HIS HIS A . n 
A 1 137 HIS 137 137 137 HIS HIS A . n 
A 1 138 GLU 138 138 138 GLU GLU A . n 
A 1 139 ARG 139 139 139 ARG ARG A . n 
A 1 140 ALA 140 140 140 ALA ALA A . n 
A 1 141 GLU 141 141 141 GLU GLU A . n 
A 1 142 ARG 142 142 142 ARG ARG A . n 
A 1 143 VAL 143 143 143 VAL VAL A . n 
A 1 144 PHE 144 144 144 PHE PHE A . n 
A 1 145 ASN 145 145 145 ASN ASN A . n 
A 1 146 LEU 146 146 146 LEU LEU A . n 
A 1 147 LEU 147 147 147 LEU LEU A . n 
A 1 148 LEU 148 148 148 LEU LEU A . n 
# 
loop_
_pdbx_nonpoly_scheme.asym_id 
_pdbx_nonpoly_scheme.entity_id 
_pdbx_nonpoly_scheme.mon_id 
_pdbx_nonpoly_scheme.ndb_seq_num 
_pdbx_nonpoly_scheme.pdb_seq_num 
_pdbx_nonpoly_scheme.auth_seq_num 
_pdbx_nonpoly_scheme.pdb_mon_id 
_pdbx_nonpoly_scheme.auth_mon_id 
_pdbx_nonpoly_scheme.pdb_strand_id 
_pdbx_nonpoly_scheme.pdb_ins_code 
B 2 HOH 1   149 1   HOH HOH A . 
B 2 HOH 2   150 2   HOH HOH A . 
B 2 HOH 3   151 3   HOH HOH A . 
B 2 HOH 4   152 4   HOH HOH A . 
B 2 HOH 5   153 5   HOH HOH A . 
B 2 HOH 6   154 6   HOH HOH A . 
B 2 HOH 7   155 7   HOH HOH A . 
B 2 HOH 8   156 8   HOH HOH A . 
B 2 HOH 9   157 9   HOH HOH A . 
B 2 HOH 10  158 10  HOH HOH A . 
B 2 HOH 11  159 11  HOH HOH A . 
B 2 HOH 12  160 12  HOH HOH A . 
B 2 HOH 13  161 13  HOH HOH A . 
B 2 HOH 14  162 14  HOH HOH A . 
B 2 HOH 15  163 15  HOH HOH A . 
B 2 HOH 16  164 16  HOH HOH A . 
B 2 HOH 17  165 17  HOH HOH A . 
B 2 HOH 18  166 18  HOH HOH A . 
B 2 HOH 19  167 19  HOH HOH A . 
B 2 HOH 20  168 20  HOH HOH A . 
B 2 HOH 21  169 21  HOH HOH A . 
B 2 HOH 22  170 22  HOH HOH A . 
B 2 HOH 23  171 23  HOH HOH A . 
B 2 HOH 24  172 24  HOH HOH A . 
B 2 HOH 25  173 25  HOH HOH A . 
B 2 HOH 26  174 26  HOH HOH A . 
B 2 HOH 27  175 27  HOH HOH A . 
B 2 HOH 28  176 28  HOH HOH A . 
B 2 HOH 29  177 30  HOH HOH A . 
B 2 HOH 30  178 31  HOH HOH A . 
B 2 HOH 31  179 32  HOH HOH A . 
B 2 HOH 32  180 33  HOH HOH A . 
B 2 HOH 33  181 34  HOH HOH A . 
B 2 HOH 34  182 35  HOH HOH A . 
B 2 HOH 35  183 36  HOH HOH A . 
B 2 HOH 36  184 37  HOH HOH A . 
B 2 HOH 37  185 38  HOH HOH A . 
B 2 HOH 38  186 39  HOH HOH A . 
B 2 HOH 39  187 40  HOH HOH A . 
B 2 HOH 40  188 41  HOH HOH A . 
B 2 HOH 41  189 42  HOH HOH A . 
B 2 HOH 42  190 43  HOH HOH A . 
B 2 HOH 43  191 44  HOH HOH A . 
B 2 HOH 44  192 45  HOH HOH A . 
B 2 HOH 45  193 46  HOH HOH A . 
B 2 HOH 46  194 47  HOH HOH A . 
B 2 HOH 47  195 48  HOH HOH A . 
B 2 HOH 48  196 49  HOH HOH A . 
B 2 HOH 49  197 50  HOH HOH A . 
B 2 HOH 50  198 51  HOH HOH A . 
B 2 HOH 51  199 52  HOH HOH A . 
B 2 HOH 52  200 53  HOH HOH A . 
B 2 HOH 53  201 54  HOH HOH A . 
B 2 HOH 54  202 55  HOH HOH A . 
B 2 HOH 55  203 56  HOH HOH A . 
B 2 HOH 56  204 57  HOH HOH A . 
B 2 HOH 57  205 58  HOH HOH A . 
B 2 HOH 58  206 59  HOH HOH A . 
B 2 HOH 59  207 60  HOH HOH A . 
B 2 HOH 60  208 61  HOH HOH A . 
B 2 HOH 61  209 62  HOH HOH A . 
B 2 HOH 62  210 63  HOH HOH A . 
B 2 HOH 63  211 64  HOH HOH A . 
B 2 HOH 64  212 65  HOH HOH A . 
B 2 HOH 65  213 66  HOH HOH A . 
B 2 HOH 66  214 68  HOH HOH A . 
B 2 HOH 67  215 69  HOH HOH A . 
B 2 HOH 68  216 70  HOH HOH A . 
B 2 HOH 69  217 71  HOH HOH A . 
B 2 HOH 70  218 73  HOH HOH A . 
B 2 HOH 71  219 74  HOH HOH A . 
B 2 HOH 72  220 75  HOH HOH A . 
B 2 HOH 73  221 76  HOH HOH A . 
B 2 HOH 74  222 77  HOH HOH A . 
B 2 HOH 75  223 78  HOH HOH A . 
B 2 HOH 76  224 79  HOH HOH A . 
B 2 HOH 77  225 81  HOH HOH A . 
B 2 HOH 78  226 82  HOH HOH A . 
B 2 HOH 79  227 83  HOH HOH A . 
B 2 HOH 80  228 85  HOH HOH A . 
B 2 HOH 81  229 87  HOH HOH A . 
B 2 HOH 82  230 88  HOH HOH A . 
B 2 HOH 83  231 91  HOH HOH A . 
B 2 HOH 84  232 92  HOH HOH A . 
B 2 HOH 85  233 93  HOH HOH A . 
B 2 HOH 86  234 94  HOH HOH A . 
B 2 HOH 87  235 95  HOH HOH A . 
B 2 HOH 88  236 96  HOH HOH A . 
B 2 HOH 89  237 97  HOH HOH A . 
B 2 HOH 90  238 101 HOH HOH A . 
B 2 HOH 91  239 102 HOH HOH A . 
B 2 HOH 92  240 103 HOH HOH A . 
B 2 HOH 93  241 104 HOH HOH A . 
B 2 HOH 94  242 107 HOH HOH A . 
B 2 HOH 95  243 108 HOH HOH A . 
B 2 HOH 96  244 109 HOH HOH A . 
B 2 HOH 97  245 110 HOH HOH A . 
B 2 HOH 98  246 111 HOH HOH A . 
B 2 HOH 99  247 112 HOH HOH A . 
B 2 HOH 100 248 113 HOH HOH A . 
B 2 HOH 101 249 114 HOH HOH A . 
B 2 HOH 102 250 115 HOH HOH A . 
B 2 HOH 103 251 116 HOH HOH A . 
B 2 HOH 104 252 117 HOH HOH A . 
B 2 HOH 105 253 118 HOH HOH A . 
B 2 HOH 106 254 119 HOH HOH A . 
B 2 HOH 107 255 120 HOH HOH A . 
B 2 HOH 108 256 122 HOH HOH A . 
B 2 HOH 109 257 123 HOH HOH A . 
B 2 HOH 110 258 124 HOH HOH A . 
B 2 HOH 111 259 125 HOH HOH A . 
B 2 HOH 112 260 126 HOH HOH A . 
B 2 HOH 113 261 127 HOH HOH A . 
B 2 HOH 114 262 128 HOH HOH A . 
B 2 HOH 115 263 129 HOH HOH A . 
B 2 HOH 116 264 130 HOH HOH A . 
B 2 HOH 117 265 131 HOH HOH A . 
B 2 HOH 118 266 132 HOH HOH A . 
B 2 HOH 119 267 133 HOH HOH A . 
B 2 HOH 120 268 134 HOH HOH A . 
B 2 HOH 121 269 135 HOH HOH A . 
B 2 HOH 122 270 136 HOH HOH A . 
B 2 HOH 123 271 137 HOH HOH A . 
B 2 HOH 124 272 138 HOH HOH A . 
B 2 HOH 125 273 139 HOH HOH A . 
B 2 HOH 126 274 140 HOH HOH A . 
B 2 HOH 127 275 141 HOH HOH A . 
B 2 HOH 128 276 142 HOH HOH A . 
B 2 HOH 129 277 143 HOH HOH A . 
B 2 HOH 130 278 147 HOH HOH A . 
B 2 HOH 131 279 148 HOH HOH A . 
B 2 HOH 132 280 149 HOH HOH A . 
B 2 HOH 133 281 150 HOH HOH A . 
B 2 HOH 134 282 151 HOH HOH A . 
B 2 HOH 135 283 152 HOH HOH A . 
B 2 HOH 136 284 153 HOH HOH A . 
B 2 HOH 137 285 154 HOH HOH A . 
B 2 HOH 138 286 155 HOH HOH A . 
B 2 HOH 139 287 156 HOH HOH A . 
B 2 HOH 140 288 157 HOH HOH A . 
# 
_pdbx_unobs_or_zero_occ_atoms.id               1 
_pdbx_unobs_or_zero_occ_atoms.PDB_model_num    1 
_pdbx_unobs_or_zero_occ_atoms.polymer_flag     Y 
_pdbx_unobs_or_zero_occ_atoms.occupancy_flag   0 
_pdbx_unobs_or_zero_occ_atoms.auth_asym_id     A 
_pdbx_unobs_or_zero_occ_atoms.auth_comp_id     LYS 
_pdbx_unobs_or_zero_occ_atoms.auth_seq_id      22 
_pdbx_unobs_or_zero_occ_atoms.PDB_ins_code     ? 
_pdbx_unobs_or_zero_occ_atoms.auth_atom_id     NZ 
_pdbx_unobs_or_zero_occ_atoms.label_alt_id     ? 
_pdbx_unobs_or_zero_occ_atoms.label_asym_id    A 
_pdbx_unobs_or_zero_occ_atoms.label_comp_id    LYS 
_pdbx_unobs_or_zero_occ_atoms.label_seq_id     22 
_pdbx_unobs_or_zero_occ_atoms.label_atom_id    NZ 
# 
loop_
_software.name 
_software.classification 
_software.version 
_software.citation_id 
_software.pdbx_ordinal 
CNS       refinement       1.1 ? 1 
HKL-2000  'data reduction' .   ? 2 
SCALEPACK 'data scaling'   .   ? 3 
SOLVE     phasing          .   ? 4 
# 
_cell.entry_id           1WWI 
_cell.length_a           31.448 
_cell.length_b           107.406 
_cell.length_c           89.722 
_cell.angle_alpha        90.00 
_cell.angle_beta         90.00 
_cell.angle_gamma        90.00 
_cell.Z_PDB              8 
_cell.pdbx_unique_axis   ? 
# 
_symmetry.entry_id                         1WWI 
_symmetry.space_group_name_H-M             'C 2 2 21' 
_symmetry.pdbx_full_space_group_name_H-M   ? 
_symmetry.cell_setting                     ? 
_symmetry.Int_Tables_number                20 
_symmetry.space_group_name_Hall            ? 
# 
_exptl.entry_id          1WWI 
_exptl.method            'X-RAY DIFFRACTION' 
_exptl.crystals_number   1 
# 
_exptl_crystal.id                    1 
_exptl_crystal.density_meas          ? 
_exptl_crystal.density_Matthews      2.2 
_exptl_crystal.density_percent_sol   45 
_exptl_crystal.description           ? 
_exptl_crystal.F_000                 ? 
_exptl_crystal.preparation           ? 
# 
_exptl_crystal_grow.crystal_id      1 
_exptl_crystal_grow.method          'VAPOR DIFFUSION, HANGING DROP' 
_exptl_crystal_grow.temp            293 
_exptl_crystal_grow.temp_details    ? 
_exptl_crystal_grow.pH              5.5 
_exptl_crystal_grow.pdbx_details    'PEG6000, Lithium Nitrate, MES, pH 5.5, VAPOR DIFFUSION, HANGING DROP, temperature 293K' 
_exptl_crystal_grow.pdbx_pH_range   . 
# 
_diffrn.id                     1 
_diffrn.ambient_temp           100 
_diffrn.ambient_temp_details   ? 
_diffrn.crystal_id             1 
# 
_diffrn_detector.diffrn_id              1 
_diffrn_detector.detector               CCD 
_diffrn_detector.type                   'MARMOSAIC 225 mm CCD' 
_diffrn_detector.pdbx_collection_date   2004-08-22 
_diffrn_detector.details                ? 
# 
_diffrn_radiation.diffrn_id                        1 
_diffrn_radiation.wavelength_id                    1 
_diffrn_radiation.pdbx_monochromatic_or_laue_m_l   M 
_diffrn_radiation.monochromator                    ? 
_diffrn_radiation.pdbx_diffrn_protocol             MAD 
_diffrn_radiation.pdbx_scattering_type             x-ray 
# 
loop_
_diffrn_radiation_wavelength.id 
_diffrn_radiation_wavelength.wavelength 
_diffrn_radiation_wavelength.wt 
1 0.9793 1.0 
2 0.9795 1.0 
3 0.9686 1.0 
# 
_diffrn_source.diffrn_id                   1 
_diffrn_source.source                      SYNCHROTRON 
_diffrn_source.type                        'APS BEAMLINE 22-ID' 
_diffrn_source.pdbx_synchrotron_site       APS 
_diffrn_source.pdbx_synchrotron_beamline   22-ID 
_diffrn_source.pdbx_wavelength             ? 
_diffrn_source.pdbx_wavelength_list        '0.9793, 0.9795, 0.9686' 
# 
_reflns.entry_id                     1WWI 
_reflns.observed_criterion_sigma_I   -3 
_reflns.observed_criterion_sigma_F   ? 
_reflns.d_resolution_low             50 
_reflns.d_resolution_high            1.58 
_reflns.number_obs                   21115 
_reflns.number_all                   ? 
_reflns.percent_possible_obs         98.3 
_reflns.pdbx_Rmerge_I_obs            ? 
_reflns.pdbx_Rsym_value              0.063 
_reflns.pdbx_netI_over_sigmaI        18.3 
_reflns.B_iso_Wilson_estimate        18.4 
_reflns.pdbx_redundancy              4.9 
_reflns.R_free_details               ? 
_reflns.limit_h_max                  ? 
_reflns.limit_h_min                  ? 
_reflns.limit_k_max                  ? 
_reflns.limit_k_min                  ? 
_reflns.limit_l_max                  ? 
_reflns.limit_l_min                  ? 
_reflns.observed_criterion_F_max     ? 
_reflns.observed_criterion_F_min     ? 
_reflns.pdbx_chi_squared             ? 
_reflns.pdbx_scaling_rejects         ? 
_reflns.pdbx_ordinal                 1 
_reflns.pdbx_diffrn_id               1 
# 
_reflns_shell.d_res_high             1.58 
_reflns_shell.d_res_low              1.64 
_reflns_shell.percent_possible_all   96.6 
_reflns_shell.Rmerge_I_obs           ? 
_reflns_shell.pdbx_Rsym_value        0.181 
_reflns_shell.meanI_over_sigI_obs    7.3 
_reflns_shell.pdbx_redundancy        4.6 
_reflns_shell.percent_possible_obs   ? 
_reflns_shell.number_unique_all      2029 
_reflns_shell.number_measured_all    ? 
_reflns_shell.number_measured_obs    ? 
_reflns_shell.number_unique_obs      ? 
_reflns_shell.pdbx_chi_squared       ? 
_reflns_shell.pdbx_ordinal           1 
_reflns_shell.pdbx_diffrn_id         1 
# 
_refine.entry_id                                 1WWI 
_refine.ls_number_reflns_obs                     20800 
_refine.ls_number_reflns_all                     ? 
_refine.pdbx_ls_sigma_I                          ? 
_refine.pdbx_ls_sigma_F                          0.0 
_refine.pdbx_data_cutoff_high_absF               467659.69 
_refine.pdbx_data_cutoff_low_absF                0.000000 
_refine.pdbx_data_cutoff_high_rms_absF           ? 
_refine.ls_d_res_low                             30.18 
_refine.ls_d_res_high                            1.58 
_refine.ls_percent_reflns_obs                    97.4 
_refine.ls_R_factor_obs                          0.186 
_refine.ls_R_factor_all                          ? 
_refine.ls_R_factor_R_work                       0.186 
_refine.ls_R_factor_R_free                       0.196 
_refine.ls_R_factor_R_free_error                 0.006 
_refine.ls_R_factor_R_free_error_details         ? 
_refine.ls_percent_reflns_R_free                 4.8 
_refine.ls_number_reflns_R_free                  1005 
_refine.ls_number_parameters                     ? 
_refine.ls_number_restraints                     ? 
_refine.occupancy_min                            ? 
_refine.occupancy_max                            ? 
_refine.correlation_coeff_Fo_to_Fc               ? 
_refine.correlation_coeff_Fo_to_Fc_free          ? 
_refine.B_iso_mean                               20.0 
_refine.aniso_B[1][1]                            2.37 
_refine.aniso_B[2][2]                            0.69 
_refine.aniso_B[3][3]                            -3.06 
_refine.aniso_B[1][2]                            0.00 
_refine.aniso_B[1][3]                            0.00 
_refine.aniso_B[2][3]                            0.00 
_refine.solvent_model_details                    'FLAT MODEL' 
_refine.solvent_model_param_ksol                 0.350328 
_refine.solvent_model_param_bsol                 49.6764 
_refine.pdbx_solvent_vdw_probe_radii             ? 
_refine.pdbx_solvent_ion_probe_radii             ? 
_refine.pdbx_solvent_shrinkage_radii             ? 
_refine.pdbx_ls_cross_valid_method               THROUGHOUT 
_refine.details                                  ? 
_refine.pdbx_starting_model                      ? 
_refine.pdbx_method_to_determine_struct          MAD 
_refine.pdbx_isotropic_thermal_model             RESTRAINED 
_refine.pdbx_stereochemistry_target_values       ? 
_refine.pdbx_stereochem_target_val_spec_case     ? 
_refine.pdbx_R_Free_selection_details            RANDOM 
_refine.pdbx_overall_ESU_R                       ? 
_refine.pdbx_overall_ESU_R_Free                  ? 
_refine.overall_SU_ML                            ? 
_refine.overall_SU_B                             ? 
_refine.ls_redundancy_reflns_obs                 ? 
_refine.B_iso_min                                ? 
_refine.B_iso_max                                ? 
_refine.overall_SU_R_Cruickshank_DPI             ? 
_refine.overall_SU_R_free                        ? 
_refine.ls_wR_factor_R_free                      ? 
_refine.ls_wR_factor_R_work                      ? 
_refine.overall_FOM_free_R_set                   ? 
_refine.overall_FOM_work_R_set                   ? 
_refine.pdbx_refine_id                           'X-RAY DIFFRACTION' 
_refine.pdbx_diffrn_id                           1 
_refine.pdbx_TLS_residual_ADP_flag               ? 
_refine.pdbx_overall_phase_error                 ? 
_refine.pdbx_overall_SU_R_free_Cruickshank_DPI   ? 
_refine.pdbx_overall_SU_R_Blow_DPI               ? 
_refine.pdbx_overall_SU_R_free_Blow_DPI          ? 
# 
_refine_analyze.entry_id                        1WWI 
_refine_analyze.Luzzati_coordinate_error_obs    0.16 
_refine_analyze.Luzzati_sigma_a_obs             0.05 
_refine_analyze.Luzzati_d_res_low_obs           5.00 
_refine_analyze.Luzzati_coordinate_error_free   0.18 
_refine_analyze.Luzzati_sigma_a_free            0.10 
_refine_analyze.Luzzati_d_res_low_free          ? 
_refine_analyze.number_disordered_residues      ? 
_refine_analyze.occupancy_sum_hydrogen          ? 
_refine_analyze.occupancy_sum_non_hydrogen      ? 
_refine_analyze.pdbx_Luzzati_d_res_high_obs     ? 
_refine_analyze.pdbx_refine_id                  'X-RAY DIFFRACTION' 
# 
_refine_hist.pdbx_refine_id                   'X-RAY DIFFRACTION' 
_refine_hist.cycle_id                         LAST 
_refine_hist.pdbx_number_atoms_protein        1188 
_refine_hist.pdbx_number_atoms_nucleic_acid   0 
_refine_hist.pdbx_number_atoms_ligand         0 
_refine_hist.number_atoms_solvent             140 
_refine_hist.number_atoms_total               1328 
_refine_hist.d_res_high                       1.58 
_refine_hist.d_res_low                        30.18 
# 
loop_
_refine_ls_restr.type 
_refine_ls_restr.dev_ideal 
_refine_ls_restr.dev_ideal_target 
_refine_ls_restr.weight 
_refine_ls_restr.number 
_refine_ls_restr.pdbx_refine_id 
_refine_ls_restr.pdbx_restraint_function 
c_bond_d                0.007 ? ? ? 'X-RAY DIFFRACTION' ? 
c_bond_d_na             ?     ? ? ? 'X-RAY DIFFRACTION' ? 
c_bond_d_prot           ?     ? ? ? 'X-RAY DIFFRACTION' ? 
c_angle_d               ?     ? ? ? 'X-RAY DIFFRACTION' ? 
c_angle_d_na            ?     ? ? ? 'X-RAY DIFFRACTION' ? 
c_angle_d_prot          ?     ? ? ? 'X-RAY DIFFRACTION' ? 
c_angle_deg             1.3   ? ? ? 'X-RAY DIFFRACTION' ? 
c_angle_deg_na          ?     ? ? ? 'X-RAY DIFFRACTION' ? 
c_angle_deg_prot        ?     ? ? ? 'X-RAY DIFFRACTION' ? 
c_dihedral_angle_d      18.5  ? ? ? 'X-RAY DIFFRACTION' ? 
c_dihedral_angle_d_na   ?     ? ? ? 'X-RAY DIFFRACTION' ? 
c_dihedral_angle_d_prot ?     ? ? ? 'X-RAY DIFFRACTION' ? 
c_improper_angle_d      0.89  ? ? ? 'X-RAY DIFFRACTION' ? 
c_improper_angle_d_na   ?     ? ? ? 'X-RAY DIFFRACTION' ? 
c_improper_angle_d_prot ?     ? ? ? 'X-RAY DIFFRACTION' ? 
c_mcbond_it             ?     ? ? ? 'X-RAY DIFFRACTION' ? 
c_mcangle_it            ?     ? ? ? 'X-RAY DIFFRACTION' ? 
c_scbond_it             ?     ? ? ? 'X-RAY DIFFRACTION' ? 
c_scangle_it            ?     ? ? ? 'X-RAY DIFFRACTION' ? 
# 
_refine_ls_shell.pdbx_total_number_of_bins_used   6 
_refine_ls_shell.d_res_high                       1.58 
_refine_ls_shell.d_res_low                        1.68 
_refine_ls_shell.number_reflns_R_work             3230 
_refine_ls_shell.R_factor_R_work                  0.193 
_refine_ls_shell.percent_reflns_obs               96.8 
_refine_ls_shell.R_factor_R_free                  0.218 
_refine_ls_shell.R_factor_R_free_error            0.018 
_refine_ls_shell.percent_reflns_R_free            4.4 
_refine_ls_shell.number_reflns_R_free             150 
_refine_ls_shell.number_reflns_obs                ? 
_refine_ls_shell.redundancy_reflns_obs            ? 
_refine_ls_shell.number_reflns_all                ? 
_refine_ls_shell.R_factor_all                     ? 
_refine_ls_shell.pdbx_refine_id                   'X-RAY DIFFRACTION' 
# 
loop_
_pdbx_xplor_file.serial_no 
_pdbx_xplor_file.param_file 
_pdbx_xplor_file.topol_file 
_pdbx_xplor_file.pdbx_refine_id 
1 PROTEIN_REP.PARAM PROTEIN.TOP 'X-RAY DIFFRACTION' 
2 WATER_REP.PARAM   ?           'X-RAY DIFFRACTION' 
# 
_struct.entry_id                  1WWI 
_struct.title                     'Crystal structure of ttk003001566 from Thermus Thermophilus HB8' 
_struct.pdbx_model_details        ? 
_struct.pdbx_CASP_flag            ? 
_struct.pdbx_model_type_details   ? 
# 
_struct_keywords.entry_id        1WWI 
_struct_keywords.pdbx_keywords   'STRUCTURAL GENOMICS, UNKNOWN FUNCTION' 
_struct_keywords.text            'STRUCTURAL GENOMICS, UNKNOWN FUNCTION, RIKEN Structural Genomics/Proteomics Initiative, RSGI' 
# 
loop_
_struct_asym.id 
_struct_asym.pdbx_blank_PDB_chainid_flag 
_struct_asym.pdbx_modified 
_struct_asym.entity_id 
_struct_asym.details 
A N N 1 ? 
B N N 2 ? 
# 
_struct_ref.id                         1 
_struct_ref.db_name                    UNP 
_struct_ref.db_code                    Q5SI95_THET8 
_struct_ref.pdbx_db_accession          Q5SI95 
_struct_ref.entity_id                  1 
_struct_ref.pdbx_seq_one_letter_code   
;MLMKVAEFERLFRQAAGLDVDKNDLKRVSDFLRNKLYDLLAVAERNAKYNGRDLIFEPDLPIAKGLQETLQEFRRMDTAL
ELKPVLDALAALPPLDLEVAEDVRNLLPELAGALVVAYARVLKELDPALKNPQTEHHERAERVFNLLL
;
_struct_ref.pdbx_align_begin           1 
_struct_ref.pdbx_db_isoform            ? 
# 
_struct_ref_seq.align_id                      1 
_struct_ref_seq.ref_id                        1 
_struct_ref_seq.pdbx_PDB_id_code              1WWI 
_struct_ref_seq.pdbx_strand_id                A 
_struct_ref_seq.seq_align_beg                 1 
_struct_ref_seq.pdbx_seq_align_beg_ins_code   ? 
_struct_ref_seq.seq_align_end                 148 
_struct_ref_seq.pdbx_seq_align_end_ins_code   ? 
_struct_ref_seq.pdbx_db_accession             Q5SI95 
_struct_ref_seq.db_align_beg                  1 
_struct_ref_seq.pdbx_db_align_beg_ins_code    ? 
_struct_ref_seq.db_align_end                  148 
_struct_ref_seq.pdbx_db_align_end_ins_code    ? 
_struct_ref_seq.pdbx_auth_seq_align_beg       1 
_struct_ref_seq.pdbx_auth_seq_align_end       148 
# 
loop_
_struct_ref_seq_dif.align_id 
_struct_ref_seq_dif.pdbx_pdb_id_code 
_struct_ref_seq_dif.mon_id 
_struct_ref_seq_dif.pdbx_pdb_strand_id 
_struct_ref_seq_dif.seq_num 
_struct_ref_seq_dif.pdbx_pdb_ins_code 
_struct_ref_seq_dif.pdbx_seq_db_name 
_struct_ref_seq_dif.pdbx_seq_db_accession_code 
_struct_ref_seq_dif.db_mon_id 
_struct_ref_seq_dif.pdbx_seq_db_seq_num 
_struct_ref_seq_dif.details 
_struct_ref_seq_dif.pdbx_auth_seq_num 
_struct_ref_seq_dif.pdbx_ordinal 
1 1WWI MSE A 1  ? UNP Q5SI95 MET 1  'modified residue' 1  1 
1 1WWI MSE A 3  ? UNP Q5SI95 MET 3  'modified residue' 3  2 
1 1WWI MSE A 76 ? UNP Q5SI95 MET 76 'modified residue' 76 3 
# 
loop_
_pdbx_struct_assembly.id 
_pdbx_struct_assembly.details 
_pdbx_struct_assembly.method_details 
_pdbx_struct_assembly.oligomeric_details 
_pdbx_struct_assembly.oligomeric_count 
1 author_defined_assembly   ?        monomeric 1 
2 software_defined_assembly PISA,PQS dimeric   2 
# 
loop_
_pdbx_struct_assembly_prop.biol_id 
_pdbx_struct_assembly_prop.type 
_pdbx_struct_assembly_prop.value 
_pdbx_struct_assembly_prop.details 
2 'ABSA (A^2)' 2870  ? 
2 MORE         -19   ? 
2 'SSA (A^2)'  13170 ? 
# 
loop_
_pdbx_struct_assembly_gen.assembly_id 
_pdbx_struct_assembly_gen.oper_expression 
_pdbx_struct_assembly_gen.asym_id_list 
1 1   A,B 
2 1,2 A,B 
# 
loop_
_pdbx_struct_oper_list.id 
_pdbx_struct_oper_list.type 
_pdbx_struct_oper_list.name 
_pdbx_struct_oper_list.symmetry_operation 
_pdbx_struct_oper_list.matrix[1][1] 
_pdbx_struct_oper_list.matrix[1][2] 
_pdbx_struct_oper_list.matrix[1][3] 
_pdbx_struct_oper_list.vector[1] 
_pdbx_struct_oper_list.matrix[2][1] 
_pdbx_struct_oper_list.matrix[2][2] 
_pdbx_struct_oper_list.matrix[2][3] 
_pdbx_struct_oper_list.vector[2] 
_pdbx_struct_oper_list.matrix[3][1] 
_pdbx_struct_oper_list.matrix[3][2] 
_pdbx_struct_oper_list.matrix[3][3] 
_pdbx_struct_oper_list.vector[3] 
1 'identity operation'         1_555 x,y,z       1.0000000000 0.0000000000 0.0000000000  0.0000000000  0.0000000000 1.0000000000  0.0000000000  0.0000000000 0.0000000000  0.0000000000  1.0000000000  0.0000000000  
2 'crystal symmetry operation' 3_555 -x,y,-z+1/2 0.0182301899 0.9996730682 -0.0179281031 -2.6798445131 0.9996730682 -0.0185458522 -0.0176013656 3.1315942856 -0.0179281031 -0.0176013656 -0.9996843377 22.4157501546 
# 
_struct_biol.id   1 
# 
loop_
_struct_conf.conf_type_id 
_struct_conf.id 
_struct_conf.pdbx_PDB_helix_id 
_struct_conf.beg_label_comp_id 
_struct_conf.beg_label_asym_id 
_struct_conf.beg_label_seq_id 
_struct_conf.pdbx_beg_PDB_ins_code 
_struct_conf.end_label_comp_id 
_struct_conf.end_label_asym_id 
_struct_conf.end_label_seq_id 
_struct_conf.pdbx_end_PDB_ins_code 
_struct_conf.beg_auth_comp_id 
_struct_conf.beg_auth_asym_id 
_struct_conf.beg_auth_seq_id 
_struct_conf.end_auth_comp_id 
_struct_conf.end_auth_asym_id 
_struct_conf.end_auth_seq_id 
_struct_conf.pdbx_PDB_helix_class 
_struct_conf.details 
_struct_conf.pdbx_PDB_helix_length 
HELX_P HELX_P1 1 LYS A 4   ? GLY A 17  ? LYS A 4   GLY A 17  1 ? 14 
HELX_P HELX_P2 2 ASP A 21  ? ASN A 23  ? ASP A 21  ASN A 23  5 ? 3  
HELX_P HELX_P3 3 ASP A 24  ? ASN A 50  ? ASP A 24  ASN A 50  1 ? 27 
HELX_P HELX_P4 4 PHE A 56  ? LEU A 60  ? PHE A 56  LEU A 60  5 ? 5  
HELX_P HELX_P5 5 ALA A 63  ? ARG A 75  ? ALA A 63  ARG A 75  1 ? 13 
HELX_P HELX_P6 6 GLU A 81  ? ALA A 91  ? GLU A 81  ALA A 91  1 ? 11 
HELX_P HELX_P7 7 ALA A 100 ? ASP A 126 ? ALA A 100 ASP A 126 1 ? 27 
HELX_P HELX_P8 8 GLN A 133 ? LEU A 148 ? GLN A 133 LEU A 148 1 ? 16 
# 
_struct_conf_type.id          HELX_P 
_struct_conf_type.criteria    ? 
_struct_conf_type.reference   ? 
# 
loop_
_struct_conn.id 
_struct_conn.conn_type_id 
_struct_conn.pdbx_leaving_atom_flag 
_struct_conn.pdbx_PDB_id 
_struct_conn.ptnr1_label_asym_id 
_struct_conn.ptnr1_label_comp_id 
_struct_conn.ptnr1_label_seq_id 
_struct_conn.ptnr1_label_atom_id 
_struct_conn.pdbx_ptnr1_label_alt_id 
_struct_conn.pdbx_ptnr1_PDB_ins_code 
_struct_conn.pdbx_ptnr1_standard_comp_id 
_struct_conn.ptnr1_symmetry 
_struct_conn.ptnr2_label_asym_id 
_struct_conn.ptnr2_label_comp_id 
_struct_conn.ptnr2_label_seq_id 
_struct_conn.ptnr2_label_atom_id 
_struct_conn.pdbx_ptnr2_label_alt_id 
_struct_conn.pdbx_ptnr2_PDB_ins_code 
_struct_conn.ptnr1_auth_asym_id 
_struct_conn.ptnr1_auth_comp_id 
_struct_conn.ptnr1_auth_seq_id 
_struct_conn.ptnr2_auth_asym_id 
_struct_conn.ptnr2_auth_comp_id 
_struct_conn.ptnr2_auth_seq_id 
_struct_conn.ptnr2_symmetry 
_struct_conn.pdbx_ptnr3_label_atom_id 
_struct_conn.pdbx_ptnr3_label_seq_id 
_struct_conn.pdbx_ptnr3_label_comp_id 
_struct_conn.pdbx_ptnr3_label_asym_id 
_struct_conn.pdbx_ptnr3_label_alt_id 
_struct_conn.pdbx_ptnr3_PDB_ins_code 
_struct_conn.details 
_struct_conn.pdbx_dist_value 
_struct_conn.pdbx_value_order 
_struct_conn.pdbx_role 
covale1 covale both ? A MSE 1  C ? ? ? 1_555 A LEU 2  N ? ? A MSE 1  A LEU 2  1_555 ? ? ? ? ? ? ? 1.328 ? ? 
covale2 covale both ? A LEU 2  C ? ? ? 1_555 A MSE 3  N ? ? A LEU 2  A MSE 3  1_555 ? ? ? ? ? ? ? 1.328 ? ? 
covale3 covale both ? A MSE 3  C ? ? ? 1_555 A LYS 4  N ? ? A MSE 3  A LYS 4  1_555 ? ? ? ? ? ? ? 1.331 ? ? 
covale4 covale both ? A ARG 75 C ? ? ? 1_555 A MSE 76 N ? ? A ARG 75 A MSE 76 1_555 ? ? ? ? ? ? ? 1.334 ? ? 
covale5 covale both ? A MSE 76 C ? ? ? 1_555 A ASP 77 N ? ? A MSE 76 A ASP 77 1_555 ? ? ? ? ? ? ? 1.332 ? ? 
# 
_struct_conn_type.id          covale 
_struct_conn_type.criteria    ? 
_struct_conn_type.reference   ? 
# 
loop_
_pdbx_modification_feature.ordinal 
_pdbx_modification_feature.label_comp_id 
_pdbx_modification_feature.label_asym_id 
_pdbx_modification_feature.label_seq_id 
_pdbx_modification_feature.label_alt_id 
_pdbx_modification_feature.modified_residue_label_comp_id 
_pdbx_modification_feature.modified_residue_label_asym_id 
_pdbx_modification_feature.modified_residue_label_seq_id 
_pdbx_modification_feature.modified_residue_label_alt_id 
_pdbx_modification_feature.auth_comp_id 
_pdbx_modification_feature.auth_asym_id 
_pdbx_modification_feature.auth_seq_id 
_pdbx_modification_feature.PDB_ins_code 
_pdbx_modification_feature.symmetry 
_pdbx_modification_feature.modified_residue_auth_comp_id 
_pdbx_modification_feature.modified_residue_auth_asym_id 
_pdbx_modification_feature.modified_residue_auth_seq_id 
_pdbx_modification_feature.modified_residue_PDB_ins_code 
_pdbx_modification_feature.modified_residue_symmetry 
_pdbx_modification_feature.comp_id_linking_atom 
_pdbx_modification_feature.modified_residue_id_linking_atom 
_pdbx_modification_feature.modified_residue_id 
_pdbx_modification_feature.ref_pcm_id 
_pdbx_modification_feature.ref_comp_id 
_pdbx_modification_feature.type 
_pdbx_modification_feature.category 
1 MSE A 1  ? . . . . MSE A 1  ? 1_555 . . . . . . . MET 1 MSE Selenomethionine 'Named protein modification' 
2 MSE A 3  ? . . . . MSE A 3  ? 1_555 . . . . . . . MET 1 MSE Selenomethionine 'Named protein modification' 
3 MSE A 76 ? . . . . MSE A 76 ? 1_555 . . . . . . . MET 1 MSE Selenomethionine 'Named protein modification' 
# 
_struct_sheet.id               A 
_struct_sheet.type             ? 
_struct_sheet.number_strands   2 
_struct_sheet.details          ? 
# 
_struct_sheet_order.sheet_id     A 
_struct_sheet_order.range_id_1   1 
_struct_sheet_order.range_id_2   2 
_struct_sheet_order.offset       ? 
_struct_sheet_order.sense        parallel 
# 
loop_
_struct_sheet_range.sheet_id 
_struct_sheet_range.id 
_struct_sheet_range.beg_label_comp_id 
_struct_sheet_range.beg_label_asym_id 
_struct_sheet_range.beg_label_seq_id 
_struct_sheet_range.pdbx_beg_PDB_ins_code 
_struct_sheet_range.end_label_comp_id 
_struct_sheet_range.end_label_asym_id 
_struct_sheet_range.end_label_seq_id 
_struct_sheet_range.pdbx_end_PDB_ins_code 
_struct_sheet_range.beg_auth_comp_id 
_struct_sheet_range.beg_auth_asym_id 
_struct_sheet_range.beg_auth_seq_id 
_struct_sheet_range.end_auth_comp_id 
_struct_sheet_range.end_auth_asym_id 
_struct_sheet_range.end_auth_seq_id 
A 1 LEU A 54 ? ILE A 55 ? LEU A 54 ILE A 55 
A 2 GLU A 98 ? VAL A 99 ? GLU A 98 VAL A 99 
# 
_pdbx_struct_sheet_hbond.sheet_id                A 
_pdbx_struct_sheet_hbond.range_id_1              1 
_pdbx_struct_sheet_hbond.range_id_2              2 
_pdbx_struct_sheet_hbond.range_1_label_atom_id   N 
_pdbx_struct_sheet_hbond.range_1_label_comp_id   ILE 
_pdbx_struct_sheet_hbond.range_1_label_asym_id   A 
_pdbx_struct_sheet_hbond.range_1_label_seq_id    55 
_pdbx_struct_sheet_hbond.range_1_PDB_ins_code    ? 
_pdbx_struct_sheet_hbond.range_1_auth_atom_id    N 
_pdbx_struct_sheet_hbond.range_1_auth_comp_id    ILE 
_pdbx_struct_sheet_hbond.range_1_auth_asym_id    A 
_pdbx_struct_sheet_hbond.range_1_auth_seq_id     55 
_pdbx_struct_sheet_hbond.range_2_label_atom_id   O 
_pdbx_struct_sheet_hbond.range_2_label_comp_id   GLU 
_pdbx_struct_sheet_hbond.range_2_label_asym_id   A 
_pdbx_struct_sheet_hbond.range_2_label_seq_id    98 
_pdbx_struct_sheet_hbond.range_2_PDB_ins_code    ? 
_pdbx_struct_sheet_hbond.range_2_auth_atom_id    O 
_pdbx_struct_sheet_hbond.range_2_auth_comp_id    GLU 
_pdbx_struct_sheet_hbond.range_2_auth_asym_id    A 
_pdbx_struct_sheet_hbond.range_2_auth_seq_id     98 
# 
_pdbx_entry_details.entry_id                   1WWI 
_pdbx_entry_details.compound_details           ? 
_pdbx_entry_details.source_details             ? 
_pdbx_entry_details.nonpolymer_details         ? 
_pdbx_entry_details.sequence_details           ? 
_pdbx_entry_details.has_ligand_of_interest     ? 
_pdbx_entry_details.has_protein_modification   Y 
# 
_pdbx_validate_torsion.id              1 
_pdbx_validate_torsion.PDB_model_num   1 
_pdbx_validate_torsion.auth_comp_id    ASP 
_pdbx_validate_torsion.auth_asym_id    A 
_pdbx_validate_torsion.auth_seq_id     126 
_pdbx_validate_torsion.PDB_ins_code    ? 
_pdbx_validate_torsion.label_alt_id    ? 
_pdbx_validate_torsion.phi             -154.93 
_pdbx_validate_torsion.psi             80.10 
# 
_pdbx_SG_project.id                    1 
_pdbx_SG_project.project_name          ? 
_pdbx_SG_project.full_name_of_center   'RIKEN Structural Genomics/Proteomics Initiative' 
_pdbx_SG_project.initial_of_center     RSGI 
# 
loop_
_pdbx_struct_mod_residue.id 
_pdbx_struct_mod_residue.label_asym_id 
_pdbx_struct_mod_residue.label_comp_id 
_pdbx_struct_mod_residue.label_seq_id 
_pdbx_struct_mod_residue.auth_asym_id 
_pdbx_struct_mod_residue.auth_comp_id 
_pdbx_struct_mod_residue.auth_seq_id 
_pdbx_struct_mod_residue.PDB_ins_code 
_pdbx_struct_mod_residue.parent_comp_id 
_pdbx_struct_mod_residue.details 
1 A MSE 1  A MSE 1  ? MET SELENOMETHIONINE 
2 A MSE 3  A MSE 3  ? MET SELENOMETHIONINE 
3 A MSE 76 A MSE 76 ? MET SELENOMETHIONINE 
# 
loop_
_chem_comp_atom.comp_id 
_chem_comp_atom.atom_id 
_chem_comp_atom.type_symbol 
_chem_comp_atom.pdbx_aromatic_flag 
_chem_comp_atom.pdbx_stereo_config 
_chem_comp_atom.pdbx_ordinal 
ALA N    N  N N 1   
ALA CA   C  N S 2   
ALA C    C  N N 3   
ALA O    O  N N 4   
ALA CB   C  N N 5   
ALA OXT  O  N N 6   
ALA H    H  N N 7   
ALA H2   H  N N 8   
ALA HA   H  N N 9   
ALA HB1  H  N N 10  
ALA HB2  H  N N 11  
ALA HB3  H  N N 12  
ALA HXT  H  N N 13  
ARG N    N  N N 14  
ARG CA   C  N S 15  
ARG C    C  N N 16  
ARG O    O  N N 17  
ARG CB   C  N N 18  
ARG CG   C  N N 19  
ARG CD   C  N N 20  
ARG NE   N  N N 21  
ARG CZ   C  N N 22  
ARG NH1  N  N N 23  
ARG NH2  N  N N 24  
ARG OXT  O  N N 25  
ARG H    H  N N 26  
ARG H2   H  N N 27  
ARG HA   H  N N 28  
ARG HB2  H  N N 29  
ARG HB3  H  N N 30  
ARG HG2  H  N N 31  
ARG HG3  H  N N 32  
ARG HD2  H  N N 33  
ARG HD3  H  N N 34  
ARG HE   H  N N 35  
ARG HH11 H  N N 36  
ARG HH12 H  N N 37  
ARG HH21 H  N N 38  
ARG HH22 H  N N 39  
ARG HXT  H  N N 40  
ASN N    N  N N 41  
ASN CA   C  N S 42  
ASN C    C  N N 43  
ASN O    O  N N 44  
ASN CB   C  N N 45  
ASN CG   C  N N 46  
ASN OD1  O  N N 47  
ASN ND2  N  N N 48  
ASN OXT  O  N N 49  
ASN H    H  N N 50  
ASN H2   H  N N 51  
ASN HA   H  N N 52  
ASN HB2  H  N N 53  
ASN HB3  H  N N 54  
ASN HD21 H  N N 55  
ASN HD22 H  N N 56  
ASN HXT  H  N N 57  
ASP N    N  N N 58  
ASP CA   C  N S 59  
ASP C    C  N N 60  
ASP O    O  N N 61  
ASP CB   C  N N 62  
ASP CG   C  N N 63  
ASP OD1  O  N N 64  
ASP OD2  O  N N 65  
ASP OXT  O  N N 66  
ASP H    H  N N 67  
ASP H2   H  N N 68  
ASP HA   H  N N 69  
ASP HB2  H  N N 70  
ASP HB3  H  N N 71  
ASP HD2  H  N N 72  
ASP HXT  H  N N 73  
GLN N    N  N N 74  
GLN CA   C  N S 75  
GLN C    C  N N 76  
GLN O    O  N N 77  
GLN CB   C  N N 78  
GLN CG   C  N N 79  
GLN CD   C  N N 80  
GLN OE1  O  N N 81  
GLN NE2  N  N N 82  
GLN OXT  O  N N 83  
GLN H    H  N N 84  
GLN H2   H  N N 85  
GLN HA   H  N N 86  
GLN HB2  H  N N 87  
GLN HB3  H  N N 88  
GLN HG2  H  N N 89  
GLN HG3  H  N N 90  
GLN HE21 H  N N 91  
GLN HE22 H  N N 92  
GLN HXT  H  N N 93  
GLU N    N  N N 94  
GLU CA   C  N S 95  
GLU C    C  N N 96  
GLU O    O  N N 97  
GLU CB   C  N N 98  
GLU CG   C  N N 99  
GLU CD   C  N N 100 
GLU OE1  O  N N 101 
GLU OE2  O  N N 102 
GLU OXT  O  N N 103 
GLU H    H  N N 104 
GLU H2   H  N N 105 
GLU HA   H  N N 106 
GLU HB2  H  N N 107 
GLU HB3  H  N N 108 
GLU HG2  H  N N 109 
GLU HG3  H  N N 110 
GLU HE2  H  N N 111 
GLU HXT  H  N N 112 
GLY N    N  N N 113 
GLY CA   C  N N 114 
GLY C    C  N N 115 
GLY O    O  N N 116 
GLY OXT  O  N N 117 
GLY H    H  N N 118 
GLY H2   H  N N 119 
GLY HA2  H  N N 120 
GLY HA3  H  N N 121 
GLY HXT  H  N N 122 
HIS N    N  N N 123 
HIS CA   C  N S 124 
HIS C    C  N N 125 
HIS O    O  N N 126 
HIS CB   C  N N 127 
HIS CG   C  Y N 128 
HIS ND1  N  Y N 129 
HIS CD2  C  Y N 130 
HIS CE1  C  Y N 131 
HIS NE2  N  Y N 132 
HIS OXT  O  N N 133 
HIS H    H  N N 134 
HIS H2   H  N N 135 
HIS HA   H  N N 136 
HIS HB2  H  N N 137 
HIS HB3  H  N N 138 
HIS HD1  H  N N 139 
HIS HD2  H  N N 140 
HIS HE1  H  N N 141 
HIS HE2  H  N N 142 
HIS HXT  H  N N 143 
HOH O    O  N N 144 
HOH H1   H  N N 145 
HOH H2   H  N N 146 
ILE N    N  N N 147 
ILE CA   C  N S 148 
ILE C    C  N N 149 
ILE O    O  N N 150 
ILE CB   C  N S 151 
ILE CG1  C  N N 152 
ILE CG2  C  N N 153 
ILE CD1  C  N N 154 
ILE OXT  O  N N 155 
ILE H    H  N N 156 
ILE H2   H  N N 157 
ILE HA   H  N N 158 
ILE HB   H  N N 159 
ILE HG12 H  N N 160 
ILE HG13 H  N N 161 
ILE HG21 H  N N 162 
ILE HG22 H  N N 163 
ILE HG23 H  N N 164 
ILE HD11 H  N N 165 
ILE HD12 H  N N 166 
ILE HD13 H  N N 167 
ILE HXT  H  N N 168 
LEU N    N  N N 169 
LEU CA   C  N S 170 
LEU C    C  N N 171 
LEU O    O  N N 172 
LEU CB   C  N N 173 
LEU CG   C  N N 174 
LEU CD1  C  N N 175 
LEU CD2  C  N N 176 
LEU OXT  O  N N 177 
LEU H    H  N N 178 
LEU H2   H  N N 179 
LEU HA   H  N N 180 
LEU HB2  H  N N 181 
LEU HB3  H  N N 182 
LEU HG   H  N N 183 
LEU HD11 H  N N 184 
LEU HD12 H  N N 185 
LEU HD13 H  N N 186 
LEU HD21 H  N N 187 
LEU HD22 H  N N 188 
LEU HD23 H  N N 189 
LEU HXT  H  N N 190 
LYS N    N  N N 191 
LYS CA   C  N S 192 
LYS C    C  N N 193 
LYS O    O  N N 194 
LYS CB   C  N N 195 
LYS CG   C  N N 196 
LYS CD   C  N N 197 
LYS CE   C  N N 198 
LYS NZ   N  N N 199 
LYS OXT  O  N N 200 
LYS H    H  N N 201 
LYS H2   H  N N 202 
LYS HA   H  N N 203 
LYS HB2  H  N N 204 
LYS HB3  H  N N 205 
LYS HG2  H  N N 206 
LYS HG3  H  N N 207 
LYS HD2  H  N N 208 
LYS HD3  H  N N 209 
LYS HE2  H  N N 210 
LYS HE3  H  N N 211 
LYS HZ1  H  N N 212 
LYS HZ2  H  N N 213 
LYS HZ3  H  N N 214 
LYS HXT  H  N N 215 
MET N    N  N N 216 
MET CA   C  N S 217 
MET C    C  N N 218 
MET O    O  N N 219 
MET CB   C  N N 220 
MET CG   C  N N 221 
MET SD   S  N N 222 
MET CE   C  N N 223 
MET OXT  O  N N 224 
MET H    H  N N 225 
MET H2   H  N N 226 
MET HA   H  N N 227 
MET HB2  H  N N 228 
MET HB3  H  N N 229 
MET HG2  H  N N 230 
MET HG3  H  N N 231 
MET HE1  H  N N 232 
MET HE2  H  N N 233 
MET HE3  H  N N 234 
MET HXT  H  N N 235 
MSE N    N  N N 236 
MSE CA   C  N S 237 
MSE C    C  N N 238 
MSE O    O  N N 239 
MSE OXT  O  N N 240 
MSE CB   C  N N 241 
MSE CG   C  N N 242 
MSE SE   SE N N 243 
MSE CE   C  N N 244 
MSE H    H  N N 245 
MSE H2   H  N N 246 
MSE HA   H  N N 247 
MSE HXT  H  N N 248 
MSE HB2  H  N N 249 
MSE HB3  H  N N 250 
MSE HG2  H  N N 251 
MSE HG3  H  N N 252 
MSE HE1  H  N N 253 
MSE HE2  H  N N 254 
MSE HE3  H  N N 255 
PHE N    N  N N 256 
PHE CA   C  N S 257 
PHE C    C  N N 258 
PHE O    O  N N 259 
PHE CB   C  N N 260 
PHE CG   C  Y N 261 
PHE CD1  C  Y N 262 
PHE CD2  C  Y N 263 
PHE CE1  C  Y N 264 
PHE CE2  C  Y N 265 
PHE CZ   C  Y N 266 
PHE OXT  O  N N 267 
PHE H    H  N N 268 
PHE H2   H  N N 269 
PHE HA   H  N N 270 
PHE HB2  H  N N 271 
PHE HB3  H  N N 272 
PHE HD1  H  N N 273 
PHE HD2  H  N N 274 
PHE HE1  H  N N 275 
PHE HE2  H  N N 276 
PHE HZ   H  N N 277 
PHE HXT  H  N N 278 
PRO N    N  N N 279 
PRO CA   C  N S 280 
PRO C    C  N N 281 
PRO O    O  N N 282 
PRO CB   C  N N 283 
PRO CG   C  N N 284 
PRO CD   C  N N 285 
PRO OXT  O  N N 286 
PRO H    H  N N 287 
PRO HA   H  N N 288 
PRO HB2  H  N N 289 
PRO HB3  H  N N 290 
PRO HG2  H  N N 291 
PRO HG3  H  N N 292 
PRO HD2  H  N N 293 
PRO HD3  H  N N 294 
PRO HXT  H  N N 295 
SER N    N  N N 296 
SER CA   C  N S 297 
SER C    C  N N 298 
SER O    O  N N 299 
SER CB   C  N N 300 
SER OG   O  N N 301 
SER OXT  O  N N 302 
SER H    H  N N 303 
SER H2   H  N N 304 
SER HA   H  N N 305 
SER HB2  H  N N 306 
SER HB3  H  N N 307 
SER HG   H  N N 308 
SER HXT  H  N N 309 
THR N    N  N N 310 
THR CA   C  N S 311 
THR C    C  N N 312 
THR O    O  N N 313 
THR CB   C  N R 314 
THR OG1  O  N N 315 
THR CG2  C  N N 316 
THR OXT  O  N N 317 
THR H    H  N N 318 
THR H2   H  N N 319 
THR HA   H  N N 320 
THR HB   H  N N 321 
THR HG1  H  N N 322 
THR HG21 H  N N 323 
THR HG22 H  N N 324 
THR HG23 H  N N 325 
THR HXT  H  N N 326 
TYR N    N  N N 327 
TYR CA   C  N S 328 
TYR C    C  N N 329 
TYR O    O  N N 330 
TYR CB   C  N N 331 
TYR CG   C  Y N 332 
TYR CD1  C  Y N 333 
TYR CD2  C  Y N 334 
TYR CE1  C  Y N 335 
TYR CE2  C  Y N 336 
TYR CZ   C  Y N 337 
TYR OH   O  N N 338 
TYR OXT  O  N N 339 
TYR H    H  N N 340 
TYR H2   H  N N 341 
TYR HA   H  N N 342 
TYR HB2  H  N N 343 
TYR HB3  H  N N 344 
TYR HD1  H  N N 345 
TYR HD2  H  N N 346 
TYR HE1  H  N N 347 
TYR HE2  H  N N 348 
TYR HH   H  N N 349 
TYR HXT  H  N N 350 
VAL N    N  N N 351 
VAL CA   C  N S 352 
VAL C    C  N N 353 
VAL O    O  N N 354 
VAL CB   C  N N 355 
VAL CG1  C  N N 356 
VAL CG2  C  N N 357 
VAL OXT  O  N N 358 
VAL H    H  N N 359 
VAL H2   H  N N 360 
VAL HA   H  N N 361 
VAL HB   H  N N 362 
VAL HG11 H  N N 363 
VAL HG12 H  N N 364 
VAL HG13 H  N N 365 
VAL HG21 H  N N 366 
VAL HG22 H  N N 367 
VAL HG23 H  N N 368 
VAL HXT  H  N N 369 
# 
loop_
_chem_comp_bond.comp_id 
_chem_comp_bond.atom_id_1 
_chem_comp_bond.atom_id_2 
_chem_comp_bond.value_order 
_chem_comp_bond.pdbx_aromatic_flag 
_chem_comp_bond.pdbx_stereo_config 
_chem_comp_bond.pdbx_ordinal 
ALA N   CA   sing N N 1   
ALA N   H    sing N N 2   
ALA N   H2   sing N N 3   
ALA CA  C    sing N N 4   
ALA CA  CB   sing N N 5   
ALA CA  HA   sing N N 6   
ALA C   O    doub N N 7   
ALA C   OXT  sing N N 8   
ALA CB  HB1  sing N N 9   
ALA CB  HB2  sing N N 10  
ALA CB  HB3  sing N N 11  
ALA OXT HXT  sing N N 12  
ARG N   CA   sing N N 13  
ARG N   H    sing N N 14  
ARG N   H2   sing N N 15  
ARG CA  C    sing N N 16  
ARG CA  CB   sing N N 17  
ARG CA  HA   sing N N 18  
ARG C   O    doub N N 19  
ARG C   OXT  sing N N 20  
ARG CB  CG   sing N N 21  
ARG CB  HB2  sing N N 22  
ARG CB  HB3  sing N N 23  
ARG CG  CD   sing N N 24  
ARG CG  HG2  sing N N 25  
ARG CG  HG3  sing N N 26  
ARG CD  NE   sing N N 27  
ARG CD  HD2  sing N N 28  
ARG CD  HD3  sing N N 29  
ARG NE  CZ   sing N N 30  
ARG NE  HE   sing N N 31  
ARG CZ  NH1  sing N N 32  
ARG CZ  NH2  doub N N 33  
ARG NH1 HH11 sing N N 34  
ARG NH1 HH12 sing N N 35  
ARG NH2 HH21 sing N N 36  
ARG NH2 HH22 sing N N 37  
ARG OXT HXT  sing N N 38  
ASN N   CA   sing N N 39  
ASN N   H    sing N N 40  
ASN N   H2   sing N N 41  
ASN CA  C    sing N N 42  
ASN CA  CB   sing N N 43  
ASN CA  HA   sing N N 44  
ASN C   O    doub N N 45  
ASN C   OXT  sing N N 46  
ASN CB  CG   sing N N 47  
ASN CB  HB2  sing N N 48  
ASN CB  HB3  sing N N 49  
ASN CG  OD1  doub N N 50  
ASN CG  ND2  sing N N 51  
ASN ND2 HD21 sing N N 52  
ASN ND2 HD22 sing N N 53  
ASN OXT HXT  sing N N 54  
ASP N   CA   sing N N 55  
ASP N   H    sing N N 56  
ASP N   H2   sing N N 57  
ASP CA  C    sing N N 58  
ASP CA  CB   sing N N 59  
ASP CA  HA   sing N N 60  
ASP C   O    doub N N 61  
ASP C   OXT  sing N N 62  
ASP CB  CG   sing N N 63  
ASP CB  HB2  sing N N 64  
ASP CB  HB3  sing N N 65  
ASP CG  OD1  doub N N 66  
ASP CG  OD2  sing N N 67  
ASP OD2 HD2  sing N N 68  
ASP OXT HXT  sing N N 69  
GLN N   CA   sing N N 70  
GLN N   H    sing N N 71  
GLN N   H2   sing N N 72  
GLN CA  C    sing N N 73  
GLN CA  CB   sing N N 74  
GLN CA  HA   sing N N 75  
GLN C   O    doub N N 76  
GLN C   OXT  sing N N 77  
GLN CB  CG   sing N N 78  
GLN CB  HB2  sing N N 79  
GLN CB  HB3  sing N N 80  
GLN CG  CD   sing N N 81  
GLN CG  HG2  sing N N 82  
GLN CG  HG3  sing N N 83  
GLN CD  OE1  doub N N 84  
GLN CD  NE2  sing N N 85  
GLN NE2 HE21 sing N N 86  
GLN NE2 HE22 sing N N 87  
GLN OXT HXT  sing N N 88  
GLU N   CA   sing N N 89  
GLU N   H    sing N N 90  
GLU N   H2   sing N N 91  
GLU CA  C    sing N N 92  
GLU CA  CB   sing N N 93  
GLU CA  HA   sing N N 94  
GLU C   O    doub N N 95  
GLU C   OXT  sing N N 96  
GLU CB  CG   sing N N 97  
GLU CB  HB2  sing N N 98  
GLU CB  HB3  sing N N 99  
GLU CG  CD   sing N N 100 
GLU CG  HG2  sing N N 101 
GLU CG  HG3  sing N N 102 
GLU CD  OE1  doub N N 103 
GLU CD  OE2  sing N N 104 
GLU OE2 HE2  sing N N 105 
GLU OXT HXT  sing N N 106 
GLY N   CA   sing N N 107 
GLY N   H    sing N N 108 
GLY N   H2   sing N N 109 
GLY CA  C    sing N N 110 
GLY CA  HA2  sing N N 111 
GLY CA  HA3  sing N N 112 
GLY C   O    doub N N 113 
GLY C   OXT  sing N N 114 
GLY OXT HXT  sing N N 115 
HIS N   CA   sing N N 116 
HIS N   H    sing N N 117 
HIS N   H2   sing N N 118 
HIS CA  C    sing N N 119 
HIS CA  CB   sing N N 120 
HIS CA  HA   sing N N 121 
HIS C   O    doub N N 122 
HIS C   OXT  sing N N 123 
HIS CB  CG   sing N N 124 
HIS CB  HB2  sing N N 125 
HIS CB  HB3  sing N N 126 
HIS CG  ND1  sing Y N 127 
HIS CG  CD2  doub Y N 128 
HIS ND1 CE1  doub Y N 129 
HIS ND1 HD1  sing N N 130 
HIS CD2 NE2  sing Y N 131 
HIS CD2 HD2  sing N N 132 
HIS CE1 NE2  sing Y N 133 
HIS CE1 HE1  sing N N 134 
HIS NE2 HE2  sing N N 135 
HIS OXT HXT  sing N N 136 
HOH O   H1   sing N N 137 
HOH O   H2   sing N N 138 
ILE N   CA   sing N N 139 
ILE N   H    sing N N 140 
ILE N   H2   sing N N 141 
ILE CA  C    sing N N 142 
ILE CA  CB   sing N N 143 
ILE CA  HA   sing N N 144 
ILE C   O    doub N N 145 
ILE C   OXT  sing N N 146 
ILE CB  CG1  sing N N 147 
ILE CB  CG2  sing N N 148 
ILE CB  HB   sing N N 149 
ILE CG1 CD1  sing N N 150 
ILE CG1 HG12 sing N N 151 
ILE CG1 HG13 sing N N 152 
ILE CG2 HG21 sing N N 153 
ILE CG2 HG22 sing N N 154 
ILE CG2 HG23 sing N N 155 
ILE CD1 HD11 sing N N 156 
ILE CD1 HD12 sing N N 157 
ILE CD1 HD13 sing N N 158 
ILE OXT HXT  sing N N 159 
LEU N   CA   sing N N 160 
LEU N   H    sing N N 161 
LEU N   H2   sing N N 162 
LEU CA  C    sing N N 163 
LEU CA  CB   sing N N 164 
LEU CA  HA   sing N N 165 
LEU C   O    doub N N 166 
LEU C   OXT  sing N N 167 
LEU CB  CG   sing N N 168 
LEU CB  HB2  sing N N 169 
LEU CB  HB3  sing N N 170 
LEU CG  CD1  sing N N 171 
LEU CG  CD2  sing N N 172 
LEU CG  HG   sing N N 173 
LEU CD1 HD11 sing N N 174 
LEU CD1 HD12 sing N N 175 
LEU CD1 HD13 sing N N 176 
LEU CD2 HD21 sing N N 177 
LEU CD2 HD22 sing N N 178 
LEU CD2 HD23 sing N N 179 
LEU OXT HXT  sing N N 180 
LYS N   CA   sing N N 181 
LYS N   H    sing N N 182 
LYS N   H2   sing N N 183 
LYS CA  C    sing N N 184 
LYS CA  CB   sing N N 185 
LYS CA  HA   sing N N 186 
LYS C   O    doub N N 187 
LYS C   OXT  sing N N 188 
LYS CB  CG   sing N N 189 
LYS CB  HB2  sing N N 190 
LYS CB  HB3  sing N N 191 
LYS CG  CD   sing N N 192 
LYS CG  HG2  sing N N 193 
LYS CG  HG3  sing N N 194 
LYS CD  CE   sing N N 195 
LYS CD  HD2  sing N N 196 
LYS CD  HD3  sing N N 197 
LYS CE  NZ   sing N N 198 
LYS CE  HE2  sing N N 199 
LYS CE  HE3  sing N N 200 
LYS NZ  HZ1  sing N N 201 
LYS NZ  HZ2  sing N N 202 
LYS NZ  HZ3  sing N N 203 
LYS OXT HXT  sing N N 204 
MET N   CA   sing N N 205 
MET N   H    sing N N 206 
MET N   H2   sing N N 207 
MET CA  C    sing N N 208 
MET CA  CB   sing N N 209 
MET CA  HA   sing N N 210 
MET C   O    doub N N 211 
MET C   OXT  sing N N 212 
MET CB  CG   sing N N 213 
MET CB  HB2  sing N N 214 
MET CB  HB3  sing N N 215 
MET CG  SD   sing N N 216 
MET CG  HG2  sing N N 217 
MET CG  HG3  sing N N 218 
MET SD  CE   sing N N 219 
MET CE  HE1  sing N N 220 
MET CE  HE2  sing N N 221 
MET CE  HE3  sing N N 222 
MET OXT HXT  sing N N 223 
MSE N   CA   sing N N 224 
MSE N   H    sing N N 225 
MSE N   H2   sing N N 226 
MSE CA  C    sing N N 227 
MSE CA  CB   sing N N 228 
MSE CA  HA   sing N N 229 
MSE C   O    doub N N 230 
MSE C   OXT  sing N N 231 
MSE OXT HXT  sing N N 232 
MSE CB  CG   sing N N 233 
MSE CB  HB2  sing N N 234 
MSE CB  HB3  sing N N 235 
MSE CG  SE   sing N N 236 
MSE CG  HG2  sing N N 237 
MSE CG  HG3  sing N N 238 
MSE SE  CE   sing N N 239 
MSE CE  HE1  sing N N 240 
MSE CE  HE2  sing N N 241 
MSE CE  HE3  sing N N 242 
PHE N   CA   sing N N 243 
PHE N   H    sing N N 244 
PHE N   H2   sing N N 245 
PHE CA  C    sing N N 246 
PHE CA  CB   sing N N 247 
PHE CA  HA   sing N N 248 
PHE C   O    doub N N 249 
PHE C   OXT  sing N N 250 
PHE CB  CG   sing N N 251 
PHE CB  HB2  sing N N 252 
PHE CB  HB3  sing N N 253 
PHE CG  CD1  doub Y N 254 
PHE CG  CD2  sing Y N 255 
PHE CD1 CE1  sing Y N 256 
PHE CD1 HD1  sing N N 257 
PHE CD2 CE2  doub Y N 258 
PHE CD2 HD2  sing N N 259 
PHE CE1 CZ   doub Y N 260 
PHE CE1 HE1  sing N N 261 
PHE CE2 CZ   sing Y N 262 
PHE CE2 HE2  sing N N 263 
PHE CZ  HZ   sing N N 264 
PHE OXT HXT  sing N N 265 
PRO N   CA   sing N N 266 
PRO N   CD   sing N N 267 
PRO N   H    sing N N 268 
PRO CA  C    sing N N 269 
PRO CA  CB   sing N N 270 
PRO CA  HA   sing N N 271 
PRO C   O    doub N N 272 
PRO C   OXT  sing N N 273 
PRO CB  CG   sing N N 274 
PRO CB  HB2  sing N N 275 
PRO CB  HB3  sing N N 276 
PRO CG  CD   sing N N 277 
PRO CG  HG2  sing N N 278 
PRO CG  HG3  sing N N 279 
PRO CD  HD2  sing N N 280 
PRO CD  HD3  sing N N 281 
PRO OXT HXT  sing N N 282 
SER N   CA   sing N N 283 
SER N   H    sing N N 284 
SER N   H2   sing N N 285 
SER CA  C    sing N N 286 
SER CA  CB   sing N N 287 
SER CA  HA   sing N N 288 
SER C   O    doub N N 289 
SER C   OXT  sing N N 290 
SER CB  OG   sing N N 291 
SER CB  HB2  sing N N 292 
SER CB  HB3  sing N N 293 
SER OG  HG   sing N N 294 
SER OXT HXT  sing N N 295 
THR N   CA   sing N N 296 
THR N   H    sing N N 297 
THR N   H2   sing N N 298 
THR CA  C    sing N N 299 
THR CA  CB   sing N N 300 
THR CA  HA   sing N N 301 
THR C   O    doub N N 302 
THR C   OXT  sing N N 303 
THR CB  OG1  sing N N 304 
THR CB  CG2  sing N N 305 
THR CB  HB   sing N N 306 
THR OG1 HG1  sing N N 307 
THR CG2 HG21 sing N N 308 
THR CG2 HG22 sing N N 309 
THR CG2 HG23 sing N N 310 
THR OXT HXT  sing N N 311 
TYR N   CA   sing N N 312 
TYR N   H    sing N N 313 
TYR N   H2   sing N N 314 
TYR CA  C    sing N N 315 
TYR CA  CB   sing N N 316 
TYR CA  HA   sing N N 317 
TYR C   O    doub N N 318 
TYR C   OXT  sing N N 319 
TYR CB  CG   sing N N 320 
TYR CB  HB2  sing N N 321 
TYR CB  HB3  sing N N 322 
TYR CG  CD1  doub Y N 323 
TYR CG  CD2  sing Y N 324 
TYR CD1 CE1  sing Y N 325 
TYR CD1 HD1  sing N N 326 
TYR CD2 CE2  doub Y N 327 
TYR CD2 HD2  sing N N 328 
TYR CE1 CZ   doub Y N 329 
TYR CE1 HE1  sing N N 330 
TYR CE2 CZ   sing Y N 331 
TYR CE2 HE2  sing N N 332 
TYR CZ  OH   sing N N 333 
TYR OH  HH   sing N N 334 
TYR OXT HXT  sing N N 335 
VAL N   CA   sing N N 336 
VAL N   H    sing N N 337 
VAL N   H2   sing N N 338 
VAL CA  C    sing N N 339 
VAL CA  CB   sing N N 340 
VAL CA  HA   sing N N 341 
VAL C   O    doub N N 342 
VAL C   OXT  sing N N 343 
VAL CB  CG1  sing N N 344 
VAL CB  CG2  sing N N 345 
VAL CB  HB   sing N N 346 
VAL CG1 HG11 sing N N 347 
VAL CG1 HG12 sing N N 348 
VAL CG1 HG13 sing N N 349 
VAL CG2 HG21 sing N N 350 
VAL CG2 HG22 sing N N 351 
VAL CG2 HG23 sing N N 352 
VAL OXT HXT  sing N N 353 
# 
_atom_sites.entry_id                    1WWI 
_atom_sites.fract_transf_matrix[1][1]   0.02204925 
_atom_sites.fract_transf_matrix[1][2]   -0.02236959 
_atom_sites.fract_transf_matrix[1][3]   0.00496070 
_atom_sites.fract_transf_matrix[2][1]   0.00664290 
_atom_sites.fract_transf_matrix[2][2]   0.00652183 
_atom_sites.fract_transf_matrix[2][3]   -0.00011696 
_atom_sites.fract_transf_matrix[3][1]   -0.00111955 
_atom_sites.fract_transf_matrix[3][2]   0.00133777 
_atom_sites.fract_transf_matrix[3][3]   0.01100865 
_atom_sites.fract_transf_vector[1]      0.008972 
_atom_sites.fract_transf_vector[2]      0.142730 
_atom_sites.fract_transf_vector[3]      0.123032 
# 
loop_
_atom_type.symbol 
C  
N  
O  
SE 
# 
loop_
_atom_site.group_PDB 
_atom_site.id 
_atom_site.type_symbol 
_atom_site.label_atom_id 
_atom_site.label_alt_id 
_atom_site.label_comp_id 
_atom_site.label_asym_id 
_atom_site.label_entity_id 
_atom_site.label_seq_id 
_atom_site.pdbx_PDB_ins_code 
_atom_site.Cartn_x 
_atom_site.Cartn_y 
_atom_site.Cartn_z 
_atom_site.occupancy 
_atom_site.B_iso_or_equiv 
_atom_site.pdbx_formal_charge 
_atom_site.auth_seq_id 
_atom_site.auth_comp_id 
_atom_site.auth_asym_id 
_atom_site.auth_atom_id 
_atom_site.pdbx_PDB_model_num 
HETATM 1    N  N   . MSE A 1 1   ? 6.391   -4.096  -10.385 1.00 27.73 ? 1   MSE A N   1 
HETATM 2    C  CA  . MSE A 1 1   ? 6.048   -3.140  -9.294  1.00 21.49 ? 1   MSE A CA  1 
HETATM 3    C  C   . MSE A 1 1   ? 4.547   -2.994  -9.136  1.00 16.80 ? 1   MSE A C   1 
HETATM 4    O  O   . MSE A 1 1   ? 3.782   -3.379  -10.013 1.00 20.62 ? 1   MSE A O   1 
HETATM 5    C  CB  . MSE A 1 1   ? 6.673   -1.776  -9.566  1.00 30.75 ? 1   MSE A CB  1 
HETATM 6    C  CG  . MSE A 1 1   ? 8.188   -1.784  -9.526  1.00 33.87 ? 1   MSE A CG  1 
HETATM 7    SE SE  . MSE A 1 1   ? 8.895   -0.015  -9.205  1.00 32.93 ? 1   MSE A SE  1 
HETATM 8    C  CE  . MSE A 1 1   ? 7.917   0.949   -10.609 1.00 24.04 ? 1   MSE A CE  1 
ATOM   9    N  N   . LEU A 1 2   ? 4.128   -2.419  -8.014  1.00 11.09 ? 2   LEU A N   1 
ATOM   10   C  CA  . LEU A 1 2   ? 2.707   -2.251  -7.728  1.00 10.22 ? 2   LEU A CA  1 
ATOM   11   C  C   . LEU A 1 2   ? 1.970   -1.392  -8.736  1.00 13.34 ? 2   LEU A C   1 
ATOM   12   O  O   . LEU A 1 2   ? 0.778   -1.571  -8.928  1.00 15.30 ? 2   LEU A O   1 
ATOM   13   C  CB  . LEU A 1 2   ? 2.505   -1.645  -6.335  1.00 13.69 ? 2   LEU A CB  1 
ATOM   14   C  CG  . LEU A 1 2   ? 2.912   -2.507  -5.138  1.00 9.48  ? 2   LEU A CG  1 
ATOM   15   C  CD1 . LEU A 1 2   ? 2.894   -1.646  -3.889  1.00 13.54 ? 2   LEU A CD1 1 
ATOM   16   C  CD2 . LEU A 1 2   ? 1.926   -3.675  -4.994  1.00 12.36 ? 2   LEU A CD2 1 
HETATM 17   N  N   . MSE A 1 3   ? 2.681   -0.455  -9.354  1.00 11.53 ? 3   MSE A N   1 
HETATM 18   C  CA  . MSE A 1 3   ? 2.092   0.435   -10.349 1.00 11.35 ? 3   MSE A CA  1 
HETATM 19   C  C   . MSE A 1 3   ? 3.229   0.981   -11.199 1.00 12.12 ? 3   MSE A C   1 
HETATM 20   O  O   . MSE A 1 3   ? 4.399   0.746   -10.899 1.00 14.36 ? 3   MSE A O   1 
HETATM 21   C  CB  . MSE A 1 3   ? 1.339   1.583   -9.660  1.00 9.62  ? 3   MSE A CB  1 
HETATM 22   C  CG  . MSE A 1 3   ? 2.215   2.449   -8.768  1.00 10.15 ? 3   MSE A CG  1 
HETATM 23   SE SE  . MSE A 1 3   ? 1.190   3.645   -7.636  1.00 16.55 ? 3   MSE A SE  1 
HETATM 24   C  CE  . MSE A 1 3   ? 0.611   2.338   -6.339  1.00 15.02 ? 3   MSE A CE  1 
ATOM   25   N  N   . LYS A 1 4   ? 2.890   1.715   -12.256 1.00 12.58 ? 4   LYS A N   1 
ATOM   26   C  CA  . LYS A 1 4   ? 3.916   2.279   -13.125 1.00 13.79 ? 4   LYS A CA  1 
ATOM   27   C  C   . LYS A 1 4   ? 4.732   3.339   -12.396 1.00 11.89 ? 4   LYS A C   1 
ATOM   28   O  O   . LYS A 1 4   ? 4.261   3.969   -11.448 1.00 10.56 ? 4   LYS A O   1 
ATOM   29   C  CB  . LYS A 1 4   ? 3.275   2.927   -14.359 1.00 17.59 ? 4   LYS A CB  1 
ATOM   30   C  CG  . LYS A 1 4   ? 2.374   2.016   -15.174 1.00 28.93 ? 4   LYS A CG  1 
ATOM   31   C  CD  . LYS A 1 4   ? 1.656   2.824   -16.253 1.00 39.60 ? 4   LYS A CD  1 
ATOM   32   C  CE  . LYS A 1 4   ? 0.656   1.976   -17.025 1.00 50.60 ? 4   LYS A CE  1 
ATOM   33   N  NZ  . LYS A 1 4   ? -0.103  2.791   -18.019 1.00 55.91 ? 4   LYS A NZ  1 
ATOM   34   N  N   . VAL A 1 5   ? 5.960   3.536   -12.862 1.00 12.51 ? 5   VAL A N   1 
ATOM   35   C  CA  . VAL A 1 5   ? 6.847   4.530   -12.300 1.00 11.20 ? 5   VAL A CA  1 
ATOM   36   C  C   . VAL A 1 5   ? 6.151   5.888   -12.316 1.00 10.91 ? 5   VAL A C   1 
ATOM   37   O  O   . VAL A 1 5   ? 6.196   6.629   -11.330 1.00 12.13 ? 5   VAL A O   1 
ATOM   38   C  CB  . VAL A 1 5   ? 8.144   4.614   -13.131 1.00 17.73 ? 5   VAL A CB  1 
ATOM   39   C  CG1 . VAL A 1 5   ? 8.935   5.850   -12.764 1.00 21.05 ? 5   VAL A CG1 1 
ATOM   40   C  CG2 . VAL A 1 5   ? 8.965   3.354   -12.904 1.00 23.34 ? 5   VAL A CG2 1 
ATOM   41   N  N   . ALA A 1 6   ? 5.499   6.203   -13.433 1.00 12.37 ? 6   ALA A N   1 
ATOM   42   C  CA  . ALA A 1 6   ? 4.811   7.489   -13.551 1.00 11.79 ? 6   ALA A CA  1 
ATOM   43   C  C   . ALA A 1 6   ? 3.697   7.658   -12.533 1.00 12.06 ? 6   ALA A C   1 
ATOM   44   O  O   . ALA A 1 6   ? 3.458   8.775   -12.079 1.00 11.30 ? 6   ALA A O   1 
ATOM   45   C  CB  . ALA A 1 6   ? 4.259   7.669   -14.954 1.00 13.60 ? 6   ALA A CB  1 
ATOM   46   N  N   . GLU A 1 7   ? 3.014   6.566   -12.196 1.00 9.66  ? 7   GLU A N   1 
ATOM   47   C  CA  . GLU A 1 7   ? 1.933   6.617   -11.208 1.00 9.96  ? 7   GLU A CA  1 
ATOM   48   C  C   . GLU A 1 7   ? 2.512   6.830   -9.802  1.00 9.62  ? 7   GLU A C   1 
ATOM   49   O  O   . GLU A 1 7   ? 1.983   7.621   -9.022  1.00 10.28 ? 7   GLU A O   1 
ATOM   50   C  CB  . GLU A 1 7   ? 1.092   5.330   -11.280 1.00 11.88 ? 7   GLU A CB  1 
ATOM   51   C  CG  . GLU A 1 7   ? 0.381   5.222   -12.645 1.00 13.70 ? 7   GLU A CG  1 
ATOM   52   C  CD  . GLU A 1 7   ? -0.329  3.894   -12.905 1.00 23.16 ? 7   GLU A CD  1 
ATOM   53   O  OE1 . GLU A 1 7   ? 0.248   2.820   -12.623 1.00 18.46 ? 7   GLU A OE1 1 
ATOM   54   O  OE2 . GLU A 1 7   ? -1.473  3.923   -13.423 1.00 24.73 ? 7   GLU A OE2 1 
ATOM   55   N  N   . PHE A 1 8   ? 3.596   6.127   -9.468  1.00 9.67  ? 8   PHE A N   1 
ATOM   56   C  CA  . PHE A 1 8   ? 4.236   6.344   -8.167  1.00 10.04 ? 8   PHE A CA  1 
ATOM   57   C  C   . PHE A 1 8   ? 4.666   7.817   -8.052  1.00 10.53 ? 8   PHE A C   1 
ATOM   58   O  O   . PHE A 1 8   ? 4.413   8.455   -7.040  1.00 10.80 ? 8   PHE A O   1 
ATOM   59   C  CB  . PHE A 1 8   ? 5.514   5.503   -8.011  1.00 10.24 ? 8   PHE A CB  1 
ATOM   60   C  CG  . PHE A 1 8   ? 5.301   4.119   -7.482  1.00 10.47 ? 8   PHE A CG  1 
ATOM   61   C  CD1 . PHE A 1 8   ? 4.798   3.904   -6.205  1.00 11.26 ? 8   PHE A CD1 1 
ATOM   62   C  CD2 . PHE A 1 8   ? 5.685   3.021   -8.245  1.00 12.06 ? 8   PHE A CD2 1 
ATOM   63   C  CE1 . PHE A 1 8   ? 4.687   2.604   -5.695  1.00 11.75 ? 8   PHE A CE1 1 
ATOM   64   C  CE2 . PHE A 1 8   ? 5.579   1.730   -7.745  1.00 12.51 ? 8   PHE A CE2 1 
ATOM   65   C  CZ  . PHE A 1 8   ? 5.082   1.523   -6.468  1.00 11.36 ? 8   PHE A CZ  1 
ATOM   66   N  N   . GLU A 1 9   ? 5.338   8.337   -9.084  1.00 9.79  ? 9   GLU A N   1 
ATOM   67   C  CA  . GLU A 1 9   ? 5.795   9.722   -9.081  1.00 11.83 ? 9   GLU A CA  1 
ATOM   68   C  C   . GLU A 1 9   ? 4.638   10.674  -8.860  1.00 9.72  ? 9   GLU A C   1 
ATOM   69   O  O   . GLU A 1 9   ? 4.736   11.615  -8.070  1.00 10.82 ? 9   GLU A O   1 
ATOM   70   C  CB  . GLU A 1 9   ? 6.438   10.091  -10.415 1.00 16.54 ? 9   GLU A CB  1 
ATOM   71   C  CG  . GLU A 1 9   ? 7.814   9.563   -10.624 1.00 19.46 ? 9   GLU A CG  1 
ATOM   72   C  CD  . GLU A 1 9   ? 8.356   9.936   -11.993 1.00 31.24 ? 9   GLU A CD  1 
ATOM   73   O  OE1 . GLU A 1 9   ? 9.569   9.748   -12.211 1.00 39.71 ? 9   GLU A OE1 1 
ATOM   74   O  OE2 . GLU A 1 9   ? 7.571   10.412  -12.854 1.00 24.44 ? 9   GLU A OE2 1 
ATOM   75   N  N   . ARG A 1 10  ? 3.550   10.437  -9.581  1.00 8.80  ? 10  ARG A N   1 
ATOM   76   C  CA  . ARG A 1 10  ? 2.382   11.295  -9.486  1.00 9.61  ? 10  ARG A CA  1 
ATOM   77   C  C   . ARG A 1 10  ? 1.788   11.275  -8.091  1.00 11.42 ? 10  ARG A C   1 
ATOM   78   O  O   . ARG A 1 10  ? 1.401   12.327  -7.571  1.00 11.85 ? 10  ARG A O   1 
ATOM   79   C  CB  . ARG A 1 10  ? 1.343   10.881  -10.537 1.00 11.19 ? 10  ARG A CB  1 
ATOM   80   C  CG  . ARG A 1 10  ? -0.019  11.582  -10.459 1.00 12.36 ? 10  ARG A CG  1 
ATOM   81   C  CD  . ARG A 1 10  ? -0.932  10.857  -9.483  1.00 12.58 ? 10  ARG A CD  1 
ATOM   82   N  NE  . ARG A 1 10  ? -2.267  11.436  -9.446  1.00 16.85 ? 10  ARG A NE  1 
ATOM   83   C  CZ  . ARG A 1 10  ? -3.208  11.239  -10.362 1.00 13.45 ? 10  ARG A CZ  1 
ATOM   84   N  NH1 . ARG A 1 10  ? -2.995  10.466  -11.420 1.00 15.88 ? 10  ARG A NH1 1 
ATOM   85   N  NH2 . ARG A 1 10  ? -4.389  11.832  -10.215 1.00 19.94 ? 10  ARG A NH2 1 
ATOM   86   N  N   . LEU A 1 11  ? 1.735   10.097  -7.466  1.00 9.15  ? 11  LEU A N   1 
ATOM   87   C  CA  . LEU A 1 11  ? 1.167   10.025  -6.119  1.00 8.93  ? 11  LEU A CA  1 
ATOM   88   C  C   . LEU A 1 11  ? 2.021   10.689  -5.052  1.00 10.31 ? 11  LEU A C   1 
ATOM   89   O  O   . LEU A 1 11  ? 1.497   11.317  -4.128  1.00 10.41 ? 11  LEU A O   1 
ATOM   90   C  CB  . LEU A 1 11  ? 0.856   8.581   -5.735  1.00 11.71 ? 11  LEU A CB  1 
ATOM   91   C  CG  . LEU A 1 11  ? -0.361  7.979   -6.428  1.00 15.79 ? 11  LEU A CG  1 
ATOM   92   C  CD1 . LEU A 1 11  ? -0.514  6.538   -5.968  1.00 13.78 ? 11  LEU A CD1 1 
ATOM   93   C  CD2 . LEU A 1 11  ? -1.630  8.793   -6.093  1.00 16.23 ? 11  LEU A CD2 1 
ATOM   94   N  N   . PHE A 1 12  ? 3.336   10.549  -5.139  1.00 10.83 ? 12  PHE A N   1 
ATOM   95   C  CA  . PHE A 1 12  ? 4.182   11.214  -4.161  1.00 8.27  ? 12  PHE A CA  1 
ATOM   96   C  C   . PHE A 1 12  ? 4.013   12.736  -4.287  1.00 9.99  ? 12  PHE A C   1 
ATOM   97   O  O   . PHE A 1 12  ? 4.023   13.453  -3.289  1.00 11.17 ? 12  PHE A O   1 
ATOM   98   C  CB  . PHE A 1 12  ? 5.652   10.835  -4.373  1.00 11.57 ? 12  PHE A CB  1 
ATOM   99   C  CG  . PHE A 1 12  ? 6.066   9.593   -3.635  1.00 9.69  ? 12  PHE A CG  1 
ATOM   100  C  CD1 . PHE A 1 12  ? 6.620   9.673   -2.360  1.00 10.93 ? 12  PHE A CD1 1 
ATOM   101  C  CD2 . PHE A 1 12  ? 5.904   8.339   -4.217  1.00 11.31 ? 12  PHE A CD2 1 
ATOM   102  C  CE1 . PHE A 1 12  ? 7.007   8.511   -1.669  1.00 10.68 ? 12  PHE A CE1 1 
ATOM   103  C  CE2 . PHE A 1 12  ? 6.287   7.177   -3.536  1.00 10.20 ? 12  PHE A CE2 1 
ATOM   104  C  CZ  . PHE A 1 12  ? 6.842   7.273   -2.257  1.00 10.52 ? 12  PHE A CZ  1 
ATOM   105  N  N   . ARG A 1 13  ? 3.874   13.217  -5.516  1.00 10.31 ? 13  ARG A N   1 
ATOM   106  C  CA  . ARG A 1 13  ? 3.703   14.652  -5.754  1.00 12.09 ? 13  ARG A CA  1 
ATOM   107  C  C   . ARG A 1 13  ? 2.332   15.127  -5.290  1.00 10.78 ? 13  ARG A C   1 
ATOM   108  O  O   . ARG A 1 13  ? 2.214   16.149  -4.605  1.00 13.49 ? 13  ARG A O   1 
ATOM   109  C  CB  . ARG A 1 13  ? 3.868   14.937  -7.252  1.00 12.77 ? 13  ARG A CB  1 
ATOM   110  C  CG  . ARG A 1 13  ? 3.756   16.394  -7.647  1.00 14.06 ? 13  ARG A CG  1 
ATOM   111  C  CD  . ARG A 1 13  ? 3.836   16.493  -9.170  1.00 12.55 ? 13  ARG A CD  1 
ATOM   112  N  NE  . ARG A 1 13  ? 2.654   15.882  -9.784  1.00 15.25 ? 13  ARG A NE  1 
ATOM   113  C  CZ  . ARG A 1 13  ? 2.634   15.256  -10.961 1.00 16.93 ? 13  ARG A CZ  1 
ATOM   114  N  NH1 . ARG A 1 13  ? 3.742   15.140  -11.680 1.00 20.66 ? 13  ARG A NH1 1 
ATOM   115  N  NH2 . ARG A 1 13  ? 1.493   14.754  -11.420 1.00 16.29 ? 13  ARG A NH2 1 
ATOM   116  N  N   . GLN A 1 14  ? 1.292   14.389  -5.652  1.00 9.98  ? 14  GLN A N   1 
ATOM   117  C  CA  . GLN A 1 14  ? -0.064  14.791  -5.295  1.00 9.48  ? 14  GLN A CA  1 
ATOM   118  C  C   . GLN A 1 14  ? -0.353  14.697  -3.806  1.00 11.43 ? 14  GLN A C   1 
ATOM   119  O  O   . GLN A 1 14  ? -0.950  15.600  -3.200  1.00 15.22 ? 14  GLN A O   1 
ATOM   120  C  CB  . GLN A 1 14  ? -1.095  13.953  -6.061  1.00 10.91 ? 14  GLN A CB  1 
ATOM   121  C  CG  . GLN A 1 14  ? -2.515  14.514  -5.841  1.00 15.08 ? 14  GLN A CG  1 
ATOM   122  C  CD  . GLN A 1 14  ? -3.589  13.954  -6.764  1.00 16.19 ? 14  GLN A CD  1 
ATOM   123  O  OE1 . GLN A 1 14  ? -4.748  14.391  -6.702  1.00 26.32 ? 14  GLN A OE1 1 
ATOM   124  N  NE2 . GLN A 1 14  ? -3.237  12.999  -7.604  1.00 18.02 ? 14  GLN A NE2 1 
ATOM   125  N  N   . ALA A 1 15  ? 0.085   13.601  -3.212  1.00 11.56 ? 15  ALA A N   1 
ATOM   126  C  CA  . ALA A 1 15  ? -0.172  13.370  -1.803  1.00 9.77  ? 15  ALA A CA  1 
ATOM   127  C  C   . ALA A 1 15  ? 0.636   14.191  -0.829  1.00 13.74 ? 15  ALA A C   1 
ATOM   128  O  O   . ALA A 1 15  ? 0.124   14.556  0.230   1.00 14.61 ? 15  ALA A O   1 
ATOM   129  C  CB  . ALA A 1 15  ? 0.034   11.876  -1.490  1.00 12.15 ? 15  ALA A CB  1 
ATOM   130  N  N   . ALA A 1 16  ? 1.881   14.505  -1.182  1.00 11.48 ? 16  ALA A N   1 
ATOM   131  C  CA  . ALA A 1 16  ? 2.768   15.185  -0.251  1.00 10.15 ? 16  ALA A CA  1 
ATOM   132  C  C   . ALA A 1 16  ? 3.687   16.249  -0.822  1.00 11.51 ? 16  ALA A C   1 
ATOM   133  O  O   . ALA A 1 16  ? 4.566   16.759  -0.110  1.00 13.51 ? 16  ALA A O   1 
ATOM   134  C  CB  . ALA A 1 16  ? 3.614   14.121  0.477   1.00 11.99 ? 16  ALA A CB  1 
ATOM   135  N  N   . GLY A 1 17  ? 3.499   16.583  -2.095  1.00 11.14 ? 17  GLY A N   1 
ATOM   136  C  CA  . GLY A 1 17  ? 4.347   17.590  -2.717  1.00 12.09 ? 17  GLY A CA  1 
ATOM   137  C  C   . GLY A 1 17  ? 5.809   17.203  -2.804  1.00 16.57 ? 17  GLY A C   1 
ATOM   138  O  O   . GLY A 1 17  ? 6.700   18.064  -2.809  1.00 18.43 ? 17  GLY A O   1 
ATOM   139  N  N   . LEU A 1 18  ? 6.072   15.902  -2.878  1.00 10.94 ? 18  LEU A N   1 
ATOM   140  C  CA  . LEU A 1 18  ? 7.442   15.417  -2.942  1.00 11.19 ? 18  LEU A CA  1 
ATOM   141  C  C   . LEU A 1 18  ? 7.850   14.963  -4.323  1.00 12.33 ? 18  LEU A C   1 
ATOM   142  O  O   . LEU A 1 18  ? 7.034   14.437  -5.085  1.00 13.26 ? 18  LEU A O   1 
ATOM   143  C  CB  . LEU A 1 18  ? 7.632   14.221  -2.005  1.00 12.89 ? 18  LEU A CB  1 
ATOM   144  C  CG  . LEU A 1 18  ? 7.413   14.474  -0.523  1.00 13.77 ? 18  LEU A CG  1 
ATOM   145  C  CD1 . LEU A 1 18  ? 7.558   13.164  0.254   1.00 17.58 ? 18  LEU A CD1 1 
ATOM   146  C  CD2 . LEU A 1 18  ? 8.410   15.510  -0.034  1.00 17.35 ? 18  LEU A CD2 1 
ATOM   147  N  N   . ASP A 1 19  ? 9.120   15.192  -4.638  1.00 13.20 ? 19  ASP A N   1 
ATOM   148  C  CA  . ASP A 1 19  ? 9.701   14.730  -5.893  1.00 14.84 ? 19  ASP A CA  1 
ATOM   149  C  C   . ASP A 1 19  ? 10.469  13.485  -5.460  1.00 16.34 ? 19  ASP A C   1 
ATOM   150  O  O   . ASP A 1 19  ? 11.560  13.590  -4.914  1.00 17.62 ? 19  ASP A O   1 
ATOM   151  C  CB  . ASP A 1 19  ? 10.678  15.761  -6.460  1.00 18.99 ? 19  ASP A CB  1 
ATOM   152  C  CG  . ASP A 1 19  ? 11.299  15.315  -7.770  1.00 37.34 ? 19  ASP A CG  1 
ATOM   153  O  OD1 . ASP A 1 19  ? 11.781  14.160  -7.843  1.00 41.35 ? 19  ASP A OD1 1 
ATOM   154  O  OD2 . ASP A 1 19  ? 11.314  16.121  -8.729  1.00 47.19 ? 19  ASP A OD2 1 
ATOM   155  N  N   . VAL A 1 20  ? 9.891   12.311  -5.680  1.00 13.81 ? 20  VAL A N   1 
ATOM   156  C  CA  . VAL A 1 20  ? 10.549  11.067  -5.280  1.00 12.65 ? 20  VAL A CA  1 
ATOM   157  C  C   . VAL A 1 20  ? 11.589  10.658  -6.318  1.00 10.96 ? 20  VAL A C   1 
ATOM   158  O  O   . VAL A 1 20  ? 11.398  10.859  -7.514  1.00 15.88 ? 20  VAL A O   1 
ATOM   159  C  CB  . VAL A 1 20  ? 9.487   9.947   -5.077  1.00 14.90 ? 20  VAL A CB  1 
ATOM   160  C  CG1 . VAL A 1 20  ? 8.894   9.507   -6.401  1.00 15.04 ? 20  VAL A CG1 1 
ATOM   161  C  CG2 . VAL A 1 20  ? 10.097  8.775   -4.311  1.00 14.99 ? 20  VAL A CG2 1 
ATOM   162  N  N   . ASP A 1 21  ? 12.698  10.096  -5.847  1.00 11.62 ? 21  ASP A N   1 
ATOM   163  C  CA  . ASP A 1 21  ? 13.762  9.658   -6.745  1.00 13.38 ? 21  ASP A CA  1 
ATOM   164  C  C   . ASP A 1 21  ? 13.362  8.344   -7.388  1.00 14.47 ? 21  ASP A C   1 
ATOM   165  O  O   . ASP A 1 21  ? 13.002  7.391   -6.694  1.00 12.80 ? 21  ASP A O   1 
ATOM   166  C  CB  . ASP A 1 21  ? 15.047  9.470   -5.950  1.00 14.11 ? 21  ASP A CB  1 
ATOM   167  C  CG  . ASP A 1 21  ? 16.287  9.438   -6.828  1.00 26.69 ? 21  ASP A CG  1 
ATOM   168  O  OD1 . ASP A 1 21  ? 16.271  8.771   -7.886  1.00 19.55 ? 21  ASP A OD1 1 
ATOM   169  O  OD2 . ASP A 1 21  ? 17.287  10.084  -6.449  1.00 32.82 ? 21  ASP A OD2 1 
ATOM   170  N  N   . LYS A 1 22  ? 13.432  8.289   -8.712  1.00 11.82 ? 22  LYS A N   1 
ATOM   171  C  CA  . LYS A 1 22  ? 13.080  7.071   -9.420  1.00 11.04 ? 22  LYS A CA  1 
ATOM   172  C  C   . LYS A 1 22  ? 13.956  5.902   -8.939  1.00 11.73 ? 22  LYS A C   1 
ATOM   173  O  O   . LYS A 1 22  ? 13.566  4.748   -9.049  1.00 12.56 ? 22  LYS A O   1 
ATOM   174  C  CB  . LYS A 1 22  ? 13.267  7.260   -10.928 1.00 13.96 ? 22  LYS A CB  1 
ATOM   175  C  CG  . LYS A 1 22  ? 12.236  8.173   -11.617 1.00 21.88 ? 22  LYS A CG  1 
ATOM   176  C  CD  . LYS A 1 22  ? 12.648  8.360   -13.090 1.00 24.68 ? 22  LYS A CD  1 
ATOM   177  C  CE  . LYS A 1 22  ? 11.631  9.134   -13.910 1.00 33.13 ? 22  LYS A CE  1 
ATOM   178  N  NZ  . LYS A 1 22  ? 12.006  9.194   -15.349 0.00 32.41 ? 22  LYS A NZ  1 
ATOM   179  N  N   . ASN A 1 23  ? 15.139  6.191   -8.404  1.00 9.99  ? 23  ASN A N   1 
ATOM   180  C  CA  . ASN A 1 23  ? 15.998  5.096   -7.950  1.00 11.02 ? 23  ASN A CA  1 
ATOM   181  C  C   . ASN A 1 23  ? 15.463  4.387   -6.725  1.00 9.95  ? 23  ASN A C   1 
ATOM   182  O  O   . ASN A 1 23  ? 15.814  3.234   -6.473  1.00 12.44 ? 23  ASN A O   1 
ATOM   183  C  CB  . ASN A 1 23  ? 17.423  5.567   -7.615  1.00 10.40 ? 23  ASN A CB  1 
ATOM   184  C  CG  . ASN A 1 23  ? 18.158  6.136   -8.810  1.00 11.95 ? 23  ASN A CG  1 
ATOM   185  O  OD1 . ASN A 1 23  ? 17.976  5.698   -9.937  1.00 13.15 ? 23  ASN A OD1 1 
ATOM   186  N  ND2 . ASN A 1 23  ? 19.012  7.108   -8.553  1.00 18.02 ? 23  ASN A ND2 1 
ATOM   187  N  N   . ASP A 1 24  ? 14.615  5.065   -5.958  1.00 9.28  ? 24  ASP A N   1 
ATOM   188  C  CA  . ASP A 1 24  ? 14.097  4.465   -4.742  1.00 11.05 ? 24  ASP A CA  1 
ATOM   189  C  C   . ASP A 1 24  ? 12.760  3.767   -4.927  1.00 8.53  ? 24  ASP A C   1 
ATOM   190  O  O   . ASP A 1 24  ? 12.291  3.105   -3.993  1.00 10.13 ? 24  ASP A O   1 
ATOM   191  C  CB  . ASP A 1 24  ? 13.951  5.536   -3.645  1.00 13.55 ? 24  ASP A CB  1 
ATOM   192  C  CG  . ASP A 1 24  ? 15.287  6.145   -3.224  1.00 15.55 ? 24  ASP A CG  1 
ATOM   193  O  OD1 . ASP A 1 24  ? 16.217  5.389   -2.864  1.00 19.06 ? 24  ASP A OD1 1 
ATOM   194  O  OD2 . ASP A 1 24  ? 15.393  7.389   -3.249  1.00 17.40 ? 24  ASP A OD2 1 
ATOM   195  N  N   . LEU A 1 25  ? 12.178  3.855   -6.125  1.00 9.96  ? 25  LEU A N   1 
ATOM   196  C  CA  . LEU A 1 25  ? 10.839  3.292   -6.334  1.00 9.82  ? 25  LEU A CA  1 
ATOM   197  C  C   . LEU A 1 25  ? 10.703  1.793   -6.235  1.00 9.59  ? 25  LEU A C   1 
ATOM   198  O  O   . LEU A 1 25  ? 9.702   1.316   -5.712  1.00 10.75 ? 25  LEU A O   1 
ATOM   199  C  CB  . LEU A 1 25  ? 10.225  3.799   -7.647  1.00 11.53 ? 25  LEU A CB  1 
ATOM   200  C  CG  . LEU A 1 25  ? 9.888   5.294   -7.552  1.00 14.64 ? 25  LEU A CG  1 
ATOM   201  C  CD1 . LEU A 1 25  ? 9.342   5.778   -8.896  1.00 15.39 ? 25  LEU A CD1 1 
ATOM   202  C  CD2 . LEU A 1 25  ? 8.863   5.539   -6.432  1.00 14.81 ? 25  LEU A CD2 1 
ATOM   203  N  N   . LYS A 1 26  ? 11.695  1.034   -6.699  1.00 10.57 ? 26  LYS A N   1 
ATOM   204  C  CA  . LYS A 1 26  ? 11.585  -0.408  -6.600  1.00 9.83  ? 26  LYS A CA  1 
ATOM   205  C  C   . LYS A 1 26  ? 11.537  -0.819  -5.128  1.00 10.21 ? 26  LYS A C   1 
ATOM   206  O  O   . LYS A 1 26  ? 10.739  -1.686  -4.757  1.00 10.77 ? 26  LYS A O   1 
ATOM   207  C  CB  . LYS A 1 26  ? 12.752  -1.089  -7.318  1.00 14.08 ? 26  LYS A CB  1 
ATOM   208  C  CG  . LYS A 1 26  ? 12.787  -2.611  -7.119  1.00 17.22 ? 26  LYS A CG  1 
ATOM   209  C  CD  . LYS A 1 26  ? 11.500  -3.260  -7.596  1.00 25.82 ? 26  LYS A CD  1 
ATOM   210  C  CE  . LYS A 1 26  ? 11.563  -4.773  -7.403  1.00 28.03 ? 26  LYS A CE  1 
ATOM   211  N  NZ  . LYS A 1 26  ? 10.293  -5.464  -7.755  1.00 33.92 ? 26  LYS A NZ  1 
ATOM   212  N  N   . ARG A 1 27  ? 12.372  -0.213  -4.285  1.00 10.31 ? 27  ARG A N   1 
ATOM   213  C  CA  . ARG A 1 27  ? 12.336  -0.555  -2.867  1.00 9.61  ? 27  ARG A CA  1 
ATOM   214  C  C   . ARG A 1 27  ? 10.991  -0.143  -2.235  1.00 9.43  ? 27  ARG A C   1 
ATOM   215  O  O   . ARG A 1 27  ? 10.443  -0.878  -1.411  1.00 11.15 ? 27  ARG A O   1 
ATOM   216  C  CB  . ARG A 1 27  ? 13.510  0.087   -2.115  1.00 12.66 ? 27  ARG A CB  1 
ATOM   217  C  CG  . ARG A 1 27  ? 13.460  -0.123  -0.601  1.00 12.14 ? 27  ARG A CG  1 
ATOM   218  C  CD  . ARG A 1 27  ? 13.361  -1.604  -0.243  1.00 23.72 ? 27  ARG A CD  1 
ATOM   219  N  NE  . ARG A 1 27  ? 13.005  -1.791  1.162   1.00 26.04 ? 27  ARG A NE  1 
ATOM   220  C  CZ  . ARG A 1 27  ? 12.750  -2.969  1.722   1.00 35.57 ? 27  ARG A CZ  1 
ATOM   221  N  NH1 . ARG A 1 27  ? 12.812  -4.080  0.998   1.00 30.74 ? 27  ARG A NH1 1 
ATOM   222  N  NH2 . ARG A 1 27  ? 12.424  -3.032  3.006   1.00 37.76 ? 27  ARG A NH2 1 
ATOM   223  N  N   . VAL A 1 28  ? 10.474  1.035   -2.595  1.00 9.85  ? 28  VAL A N   1 
ATOM   224  C  CA  . VAL A 1 28  ? 9.187   1.473   -2.063  1.00 7.76  ? 28  VAL A CA  1 
ATOM   225  C  C   . VAL A 1 28  ? 8.134   0.451   -2.447  1.00 8.60  ? 28  VAL A C   1 
ATOM   226  O  O   . VAL A 1 28  ? 7.318   0.040   -1.606  1.00 9.28  ? 28  VAL A O   1 
ATOM   227  C  CB  . VAL A 1 28  ? 8.760   2.829   -2.662  1.00 8.89  ? 28  VAL A CB  1 
ATOM   228  C  CG1 . VAL A 1 28  ? 7.275   3.140   -2.306  1.00 15.25 ? 28  VAL A CG1 1 
ATOM   229  C  CG2 . VAL A 1 28  ? 9.640   3.929   -2.100  1.00 14.32 ? 28  VAL A CG2 1 
ATOM   230  N  N   . SER A 1 29  ? 8.145   0.047   -3.711  1.00 7.07  ? 29  SER A N   1 
ATOM   231  C  CA  . SER A 1 29  ? 7.146   -0.912  -4.211  1.00 7.40  ? 29  SER A CA  1 
ATOM   232  C  C   . SER A 1 29  ? 7.206   -2.226  -3.454  1.00 9.70  ? 29  SER A C   1 
ATOM   233  O  O   . SER A 1 29  ? 6.186   -2.730  -3.003  1.00 10.36 ? 29  SER A O   1 
ATOM   234  C  CB  . SER A 1 29  ? 7.349   -1.174  -5.706  1.00 8.69  ? 29  SER A CB  1 
ATOM   235  O  OG  . SER A 1 29  ? 6.341   -2.050  -6.201  1.00 11.37 ? 29  SER A OG  1 
ATOM   236  N  N   . ASP A 1 30  ? 8.411   -2.776  -3.310  1.00 8.34  ? 30  ASP A N   1 
ATOM   237  C  CA  . ASP A 1 30  ? 8.578   -4.033  -2.585  1.00 9.07  ? 30  ASP A CA  1 
ATOM   238  C  C   . ASP A 1 30  ? 8.144   -3.927  -1.132  1.00 6.97  ? 30  ASP A C   1 
ATOM   239  O  O   . ASP A 1 30  ? 7.474   -4.829  -0.607  1.00 8.02  ? 30  ASP A O   1 
ATOM   240  C  CB  . ASP A 1 30  ? 10.037  -4.496  -2.635  1.00 9.20  ? 30  ASP A CB  1 
ATOM   241  C  CG  . ASP A 1 30  ? 10.446  -5.002  -4.007  1.00 20.18 ? 30  ASP A CG  1 
ATOM   242  O  OD1 . ASP A 1 30  ? 9.560   -5.161  -4.878  1.00 22.38 ? 30  ASP A OD1 1 
ATOM   243  O  OD2 . ASP A 1 30  ? 11.659  -5.255  -4.204  1.00 26.08 ? 30  ASP A OD2 1 
ATOM   244  N  N   . PHE A 1 31  ? 8.527   -2.831  -0.469  1.00 7.42  ? 31  PHE A N   1 
ATOM   245  C  CA  . PHE A 1 31  ? 8.148   -2.608  0.918   1.00 6.84  ? 31  PHE A CA  1 
ATOM   246  C  C   . PHE A 1 31  ? 6.628   -2.543  1.065   1.00 7.05  ? 31  PHE A C   1 
ATOM   247  O  O   . PHE A 1 31  ? 6.061   -3.209  1.937   1.00 7.55  ? 31  PHE A O   1 
ATOM   248  C  CB  . PHE A 1 31  ? 8.770   -1.301  1.402   1.00 9.43  ? 31  PHE A CB  1 
ATOM   249  C  CG  . PHE A 1 31  ? 8.468   -0.988  2.829   1.00 9.65  ? 31  PHE A CG  1 
ATOM   250  C  CD1 . PHE A 1 31  ? 9.085   -1.692  3.847   1.00 11.23 ? 31  PHE A CD1 1 
ATOM   251  C  CD2 . PHE A 1 31  ? 7.532   -0.005  3.150   1.00 9.89  ? 31  PHE A CD2 1 
ATOM   252  C  CE1 . PHE A 1 31  ? 8.779   -1.427  5.191   1.00 14.25 ? 31  PHE A CE1 1 
ATOM   253  C  CE2 . PHE A 1 31  ? 7.218   0.271   4.484   1.00 10.23 ? 31  PHE A CE2 1 
ATOM   254  C  CZ  . PHE A 1 31  ? 7.839   -0.437  5.503   1.00 11.72 ? 31  PHE A CZ  1 
ATOM   255  N  N   . LEU A 1 32  ? 5.966   -1.729  0.249   1.00 8.40  ? 32  LEU A N   1 
ATOM   256  C  CA  . LEU A 1 32  ? 4.514   -1.633  0.378   1.00 7.69  ? 32  LEU A CA  1 
ATOM   257  C  C   . LEU A 1 32  ? 3.811   -2.913  -0.046  1.00 8.32  ? 32  LEU A C   1 
ATOM   258  O  O   . LEU A 1 32  ? 2.772   -3.247  0.518   1.00 8.16  ? 32  LEU A O   1 
ATOM   259  C  CB  . LEU A 1 32  ? 3.990   -0.403  -0.373  1.00 6.34  ? 32  LEU A CB  1 
ATOM   260  C  CG  . LEU A 1 32  ? 4.518   0.906   0.222   1.00 9.57  ? 32  LEU A CG  1 
ATOM   261  C  CD1 . LEU A 1 32  ? 3.983   2.056   -0.637  1.00 9.30  ? 32  LEU A CD1 1 
ATOM   262  C  CD2 . LEU A 1 32  ? 4.101   1.096   1.688   1.00 10.61 ? 32  LEU A CD2 1 
ATOM   263  N  N   . ARG A 1 33  ? 4.376   -3.625  -1.021  1.00 7.78  ? 33  ARG A N   1 
ATOM   264  C  CA  . ARG A 1 33  ? 3.829   -4.915  -1.436  1.00 7.50  ? 33  ARG A CA  1 
ATOM   265  C  C   . ARG A 1 33  ? 3.845   -5.837  -0.208  1.00 8.01  ? 33  ARG A C   1 
ATOM   266  O  O   . ARG A 1 33  ? 2.865   -6.553  0.058   1.00 8.67  ? 33  ARG A O   1 
ATOM   267  C  CB  . ARG A 1 33  ? 4.704   -5.519  -2.549  1.00 9.80  ? 33  ARG A CB  1 
ATOM   268  C  CG  . ARG A 1 33  ? 4.412   -6.996  -2.858  1.00 12.12 ? 33  ARG A CG  1 
ATOM   269  C  CD  . ARG A 1 33  ? 5.589   -7.874  -2.387  1.00 29.53 ? 33  ARG A CD  1 
ATOM   270  N  NE  . ARG A 1 33  ? 6.594   -7.957  -3.437  1.00 33.31 ? 33  ARG A NE  1 
ATOM   271  C  CZ  . ARG A 1 33  ? 7.896   -8.161  -3.251  1.00 32.05 ? 33  ARG A CZ  1 
ATOM   272  N  NH1 . ARG A 1 33  ? 8.408   -8.306  -2.036  1.00 21.40 ? 33  ARG A NH1 1 
ATOM   273  N  NH2 . ARG A 1 33  ? 8.694   -8.220  -4.305  1.00 38.81 ? 33  ARG A NH2 1 
ATOM   274  N  N   . ASN A 1 34  ? 4.955   -5.837  0.536   1.00 8.33  ? 34  ASN A N   1 
ATOM   275  C  CA  . ASN A 1 34  ? 5.042   -6.683  1.721   1.00 9.42  ? 34  ASN A CA  1 
ATOM   276  C  C   . ASN A 1 34  ? 3.971   -6.300  2.740   1.00 8.84  ? 34  ASN A C   1 
ATOM   277  O  O   . ASN A 1 34  ? 3.373   -7.171  3.368   1.00 9.55  ? 34  ASN A O   1 
ATOM   278  C  CB  . ASN A 1 34  ? 6.419   -6.561  2.379   1.00 9.42  ? 34  ASN A CB  1 
ATOM   279  C  CG  . ASN A 1 34  ? 7.540   -7.118  1.515   1.00 8.23  ? 34  ASN A CG  1 
ATOM   280  O  OD1 . ASN A 1 34  ? 7.307   -7.839  0.542   1.00 12.80 ? 34  ASN A OD1 1 
ATOM   281  N  ND2 . ASN A 1 34  ? 8.785   -6.791  1.896   1.00 13.32 ? 34  ASN A ND2 1 
ATOM   282  N  N   . LYS A 1 35  ? 3.729   -4.999  2.901   1.00 8.51  ? 35  LYS A N   1 
ATOM   283  C  CA  . LYS A 1 35  ? 2.711   -4.559  3.863   1.00 8.72  ? 35  LYS A CA  1 
ATOM   284  C  C   . LYS A 1 35  ? 1.318   -5.005  3.446   1.00 8.45  ? 35  LYS A C   1 
ATOM   285  O  O   . LYS A 1 35  ? 0.536   -5.425  4.284   1.00 8.58  ? 35  LYS A O   1 
ATOM   286  C  CB  . LYS A 1 35  ? 2.735   -3.031  4.034   1.00 8.70  ? 35  LYS A CB  1 
ATOM   287  C  CG  . LYS A 1 35  ? 4.034   -2.495  4.649   1.00 12.16 ? 35  LYS A CG  1 
ATOM   288  C  CD  . LYS A 1 35  ? 4.414   -3.258  5.909   1.00 17.80 ? 35  LYS A CD  1 
ATOM   289  C  CE  . LYS A 1 35  ? 5.677   -2.720  6.550   1.00 28.12 ? 35  LYS A CE  1 
ATOM   290  N  NZ  . LYS A 1 35  ? 6.192   -3.651  7.599   1.00 30.13 ? 35  LYS A NZ  1 
ATOM   291  N  N   . LEU A 1 36  ? 1.021   -4.914  2.148   1.00 8.21  ? 36  LEU A N   1 
ATOM   292  C  CA  . LEU A 1 36  ? -0.271  -5.310  1.612   1.00 7.11  ? 36  LEU A CA  1 
ATOM   293  C  C   . LEU A 1 36  ? -0.448  -6.823  1.765   1.00 7.33  ? 36  LEU A C   1 
ATOM   294  O  O   . LEU A 1 36  ? -1.532  -7.308  2.125   1.00 7.70  ? 36  LEU A O   1 
ATOM   295  C  CB  . LEU A 1 36  ? -0.351  -4.916  0.131   1.00 8.86  ? 36  LEU A CB  1 
ATOM   296  C  CG  . LEU A 1 36  ? -1.639  -5.302  -0.593  1.00 10.04 ? 36  LEU A CG  1 
ATOM   297  C  CD1 . LEU A 1 36  ? -2.852  -4.698  0.106   1.00 16.09 ? 36  LEU A CD1 1 
ATOM   298  C  CD2 . LEU A 1 36  ? -1.529  -4.782  -2.027  1.00 13.18 ? 36  LEU A CD2 1 
ATOM   299  N  N   . TYR A 1 37  ? 0.617   -7.572  1.491   1.00 8.06  ? 37  TYR A N   1 
ATOM   300  C  CA  . TYR A 1 37  ? 0.552   -9.014  1.663   1.00 7.31  ? 37  TYR A CA  1 
ATOM   301  C  C   . TYR A 1 37  ? 0.246   -9.349  3.123   1.00 9.91  ? 37  TYR A C   1 
ATOM   302  O  O   . TYR A 1 37  ? -0.580  -10.218 3.404   1.00 9.36  ? 37  TYR A O   1 
ATOM   303  C  CB  . TYR A 1 37  ? 1.888   -9.652  1.282   1.00 8.35  ? 37  TYR A CB  1 
ATOM   304  C  CG  . TYR A 1 37  ? 1.911   -11.166 1.423   1.00 8.23  ? 37  TYR A CG  1 
ATOM   305  C  CD1 . TYR A 1 37  ? 1.527   -11.991 0.378   1.00 11.90 ? 37  TYR A CD1 1 
ATOM   306  C  CD2 . TYR A 1 37  ? 2.343   -11.750 2.606   1.00 15.75 ? 37  TYR A CD2 1 
ATOM   307  C  CE1 . TYR A 1 37  ? 1.583   -13.390 0.509   1.00 12.93 ? 37  TYR A CE1 1 
ATOM   308  C  CE2 . TYR A 1 37  ? 2.400   -13.124 2.746   1.00 15.15 ? 37  TYR A CE2 1 
ATOM   309  C  CZ  . TYR A 1 37  ? 2.023   -13.931 1.694   1.00 14.11 ? 37  TYR A CZ  1 
ATOM   310  O  OH  . TYR A 1 37  ? 2.123   -15.301 1.848   1.00 17.30 ? 37  TYR A OH  1 
ATOM   311  N  N   . ASP A 1 38  ? 0.898   -8.656  4.047   1.00 9.38  ? 38  ASP A N   1 
ATOM   312  C  CA  . ASP A 1 38  ? 0.672   -8.918  5.457   1.00 9.83  ? 38  ASP A CA  1 
ATOM   313  C  C   . ASP A 1 38  ? -0.747  -8.565  5.893   1.00 7.77  ? 38  ASP A C   1 
ATOM   314  O  O   . ASP A 1 38  ? -1.250  -9.162  6.837   1.00 8.40  ? 38  ASP A O   1 
ATOM   315  C  CB  . ASP A 1 38  ? 1.722   -8.210  6.315   1.00 8.27  ? 38  ASP A CB  1 
ATOM   316  C  CG  . ASP A 1 38  ? 3.079   -8.926  6.268   1.00 13.82 ? 38  ASP A CG  1 
ATOM   317  O  OD1 . ASP A 1 38  ? 3.098   -10.131 5.912   1.00 19.16 ? 38  ASP A OD1 1 
ATOM   318  O  OD2 . ASP A 1 38  ? 4.102   -8.298  6.594   1.00 19.05 ? 38  ASP A OD2 1 
ATOM   319  N  N   . LEU A 1 39  ? -1.381  -7.585  5.244   1.00 7.47  ? 39  LEU A N   1 
ATOM   320  C  CA  . LEU A 1 39  ? -2.773  -7.268  5.573   1.00 7.42  ? 39  LEU A CA  1 
ATOM   321  C  C   . LEU A 1 39  ? -3.613  -8.496  5.169   1.00 8.02  ? 39  LEU A C   1 
ATOM   322  O  O   . LEU A 1 39  ? -4.504  -8.918  5.907   1.00 8.87  ? 39  LEU A O   1 
ATOM   323  C  CB  . LEU A 1 39  ? -3.275  -6.035  4.806   1.00 9.80  ? 39  LEU A CB  1 
ATOM   324  C  CG  . LEU A 1 39  ? -2.676  -4.698  5.238   1.00 11.01 ? 39  LEU A CG  1 
ATOM   325  C  CD1 . LEU A 1 39  ? -3.153  -3.612  4.286   1.00 11.86 ? 39  LEU A CD1 1 
ATOM   326  C  CD2 . LEU A 1 39  ? -3.089  -4.371  6.676   1.00 11.02 ? 39  LEU A CD2 1 
ATOM   327  N  N   . LEU A 1 40  ? -3.308  -9.070  4.007   1.00 10.22 ? 40  LEU A N   1 
ATOM   328  C  CA  . LEU A 1 40  ? -4.024  -10.264 3.547   1.00 8.19  ? 40  LEU A CA  1 
ATOM   329  C  C   . LEU A 1 40  ? -3.742  -11.499 4.404   1.00 9.46  ? 40  LEU A C   1 
ATOM   330  O  O   . LEU A 1 40  ? -4.640  -12.327 4.597   1.00 10.60 ? 40  LEU A O   1 
ATOM   331  C  CB  . LEU A 1 40  ? -3.677  -10.568 2.076   1.00 8.66  ? 40  LEU A CB  1 
ATOM   332  C  CG  . LEU A 1 40  ? -4.197  -9.512  1.094   1.00 10.98 ? 40  LEU A CG  1 
ATOM   333  C  CD1 . LEU A 1 40  ? -3.537  -9.721  -0.281  1.00 11.60 ? 40  LEU A CD1 1 
ATOM   334  C  CD2 . LEU A 1 40  ? -5.737  -9.601  1.003   1.00 14.27 ? 40  LEU A CD2 1 
ATOM   335  N  N   . ALA A 1 41  ? -2.519  -11.629 4.922   1.00 8.76  ? 41  ALA A N   1 
ATOM   336  C  CA  . ALA A 1 41  ? -2.180  -12.784 5.777   1.00 11.40 ? 41  ALA A CA  1 
ATOM   337  C  C   . ALA A 1 41  ? -2.993  -12.731 7.066   1.00 10.68 ? 41  ALA A C   1 
ATOM   338  O  O   . ALA A 1 41  ? -3.500  -13.760 7.546   1.00 11.46 ? 41  ALA A O   1 
ATOM   339  C  CB  . ALA A 1 41  ? -0.693  -12.792 6.095   1.00 14.32 ? 41  ALA A CB  1 
ATOM   340  N  N   . VAL A 1 42  ? -3.133  -11.533 7.623   1.00 9.52  ? 42  VAL A N   1 
ATOM   341  C  CA  . VAL A 1 42  ? -3.924  -11.367 8.839   1.00 10.64 ? 42  VAL A CA  1 
ATOM   342  C  C   . VAL A 1 42  ? -5.384  -11.595 8.476   1.00 10.16 ? 42  VAL A C   1 
ATOM   343  O  O   . VAL A 1 42  ? -6.127  -12.209 9.227   1.00 11.89 ? 42  VAL A O   1 
ATOM   344  C  CB  . VAL A 1 42  ? -3.760  -9.960  9.419   1.00 9.35  ? 42  VAL A CB  1 
ATOM   345  C  CG1 . VAL A 1 42  ? -4.817  -9.713  10.494  1.00 11.89 ? 42  VAL A CG1 1 
ATOM   346  C  CG2 . VAL A 1 42  ? -2.377  -9.811  10.020  1.00 12.54 ? 42  VAL A CG2 1 
ATOM   347  N  N   . ALA A 1 43  ? -5.801  -11.130 7.300   1.00 9.97  ? 43  ALA A N   1 
ATOM   348  C  CA  . ALA A 1 43  ? -7.186  -11.316 6.887   1.00 9.39  ? 43  ALA A CA  1 
ATOM   349  C  C   . ALA A 1 43  ? -7.535  -12.801 6.791   1.00 13.73 ? 43  ALA A C   1 
ATOM   350  O  O   . ALA A 1 43  ? -8.652  -13.197 7.134   1.00 14.21 ? 43  ALA A O   1 
ATOM   351  C  CB  . ALA A 1 43  ? -7.430  -10.630 5.548   1.00 10.98 ? 43  ALA A CB  1 
ATOM   352  N  N   . GLU A 1 44  ? -6.590  -13.598 6.300   1.00 12.16 ? 44  GLU A N   1 
ATOM   353  C  CA  . GLU A 1 44  ? -6.782  -15.046 6.180   1.00 12.94 ? 44  GLU A CA  1 
ATOM   354  C  C   . GLU A 1 44  ? -7.019  -15.651 7.561   1.00 15.05 ? 44  GLU A C   1 
ATOM   355  O  O   . GLU A 1 44  ? -7.907  -16.483 7.736   1.00 14.41 ? 44  GLU A O   1 
ATOM   356  C  CB  . GLU A 1 44  ? -5.564  -15.703 5.545   1.00 15.37 ? 44  GLU A CB  1 
ATOM   357  C  CG  . GLU A 1 44  ? -5.747  -17.203 5.370   1.00 22.15 ? 44  GLU A CG  1 
ATOM   358  C  CD  . GLU A 1 44  ? -4.566  -17.877 4.692   1.00 33.40 ? 44  GLU A CD  1 
ATOM   359  O  OE1 . GLU A 1 44  ? -4.807  -18.702 3.786   1.00 34.91 ? 44  GLU A OE1 1 
ATOM   360  O  OE2 . GLU A 1 44  ? -3.405  -17.597 5.065   1.00 37.60 ? 44  GLU A OE2 1 
ATOM   361  N  N   . ARG A 1 45  ? -6.226  -15.226 8.542   1.00 12.10 ? 45  ARG A N   1 
ATOM   362  C  CA  . ARG A 1 45  ? -6.383  -15.726 9.903   1.00 11.40 ? 45  ARG A CA  1 
ATOM   363  C  C   . ARG A 1 45  ? -7.766  -15.340 10.428  1.00 14.91 ? 45  ARG A C   1 
ATOM   364  O  O   . ARG A 1 45  ? -8.444  -16.134 11.100  1.00 16.44 ? 45  ARG A O   1 
ATOM   365  C  CB  . ARG A 1 45  ? -5.285  -15.137 10.795  1.00 13.56 ? 45  ARG A CB  1 
ATOM   366  C  CG  . ARG A 1 45  ? -5.228  -15.701 12.197  1.00 20.72 ? 45  ARG A CG  1 
ATOM   367  C  CD  . ARG A 1 45  ? -4.069  -15.065 12.945  1.00 25.86 ? 45  ARG A CD  1 
ATOM   368  N  NE  . ARG A 1 45  ? -4.368  -13.679 13.286  1.00 26.06 ? 45  ARG A NE  1 
ATOM   369  C  CZ  . ARG A 1 45  ? -3.478  -12.691 13.283  1.00 21.06 ? 45  ARG A CZ  1 
ATOM   370  N  NH1 . ARG A 1 45  ? -2.213  -12.925 12.950  1.00 26.18 ? 45  ARG A NH1 1 
ATOM   371  N  NH2 . ARG A 1 45  ? -3.853  -11.470 13.626  1.00 19.11 ? 45  ARG A NH2 1 
ATOM   372  N  N   . ASN A 1 46  ? -8.205  -14.123 10.130  1.00 11.81 ? 46  ASN A N   1 
ATOM   373  C  CA  . ASN A 1 46  ? -9.520  -13.694 10.583  1.00 11.97 ? 46  ASN A CA  1 
ATOM   374  C  C   . ASN A 1 46  ? -10.658 -14.445 9.913   1.00 14.45 ? 46  ASN A C   1 
ATOM   375  O  O   . ASN A 1 46  ? -11.654 -14.758 10.557  1.00 16.47 ? 46  ASN A O   1 
ATOM   376  C  CB  . ASN A 1 46  ? -9.722  -12.201 10.361  1.00 12.56 ? 46  ASN A CB  1 
ATOM   377  C  CG  . ASN A 1 46  ? -8.841  -11.366 11.252  1.00 12.90 ? 46  ASN A CG  1 
ATOM   378  O  OD1 . ASN A 1 46  ? -8.398  -11.809 12.317  1.00 13.34 ? 46  ASN A OD1 1 
ATOM   379  N  ND2 . ASN A 1 46  ? -8.581  -10.144 10.824  1.00 13.91 ? 46  ASN A ND2 1 
ATOM   380  N  N   . ALA A 1 47  ? -10.527 -14.714 8.620   1.00 12.77 ? 47  ALA A N   1 
ATOM   381  C  CA  . ALA A 1 47  ? -11.565 -15.449 7.907   1.00 15.48 ? 47  ALA A CA  1 
ATOM   382  C  C   . ALA A 1 47  ? -11.713 -16.840 8.526   1.00 16.76 ? 47  ALA A C   1 
ATOM   383  O  O   . ALA A 1 47  ? -12.838 -17.286 8.779   1.00 16.28 ? 47  ALA A O   1 
ATOM   384  C  CB  . ALA A 1 47  ? -11.212 -15.558 6.427   1.00 15.42 ? 47  ALA A CB  1 
ATOM   385  N  N   . LYS A 1 48  ? -10.589 -17.507 8.789   1.00 14.89 ? 48  LYS A N   1 
ATOM   386  C  CA  . LYS A 1 48  ? -10.612 -18.847 9.392   1.00 15.59 ? 48  LYS A CA  1 
ATOM   387  C  C   . LYS A 1 48  ? -11.234 -18.795 10.785  1.00 20.93 ? 48  LYS A C   1 
ATOM   388  O  O   . LYS A 1 48  ? -12.000 -19.673 11.177  1.00 19.62 ? 48  LYS A O   1 
ATOM   389  C  CB  . LYS A 1 48  ? -9.193  -19.414 9.493   1.00 18.30 ? 48  LYS A CB  1 
ATOM   390  C  CG  . LYS A 1 48  ? -8.574  -19.807 8.151   1.00 19.34 ? 48  LYS A CG  1 
ATOM   391  C  CD  . LYS A 1 48  ? -7.142  -20.287 8.326   1.00 27.97 ? 48  LYS A CD  1 
ATOM   392  C  CE  . LYS A 1 48  ? -6.533  -20.686 6.992   1.00 33.74 ? 48  LYS A CE  1 
ATOM   393  N  NZ  . LYS A 1 48  ? -5.138  -21.185 7.143   1.00 41.68 ? 48  LYS A NZ  1 
ATOM   394  N  N   . TYR A 1 49  ? -10.900 -17.761 11.541  1.00 16.59 ? 49  TYR A N   1 
ATOM   395  C  CA  . TYR A 1 49  ? -11.456 -17.633 12.880  1.00 18.17 ? 49  TYR A CA  1 
ATOM   396  C  C   . TYR A 1 49  ? -12.982 -17.555 12.847  1.00 17.27 ? 49  TYR A C   1 
ATOM   397  O  O   . TYR A 1 49  ? -13.669 -18.084 13.737  1.00 19.61 ? 49  TYR A O   1 
ATOM   398  C  CB  . TYR A 1 49  ? -10.879 -16.388 13.565  1.00 18.12 ? 49  TYR A CB  1 
ATOM   399  C  CG  . TYR A 1 49  ? -11.523 -16.091 14.893  1.00 16.47 ? 49  TYR A CG  1 
ATOM   400  C  CD1 . TYR A 1 49  ? -12.559 -15.164 14.992  1.00 17.50 ? 49  TYR A CD1 1 
ATOM   401  C  CD2 . TYR A 1 49  ? -11.109 -16.750 16.045  1.00 22.31 ? 49  TYR A CD2 1 
ATOM   402  C  CE1 . TYR A 1 49  ? -13.170 -14.899 16.217  1.00 23.76 ? 49  TYR A CE1 1 
ATOM   403  C  CE2 . TYR A 1 49  ? -11.712 -16.495 17.275  1.00 25.65 ? 49  TYR A CE2 1 
ATOM   404  C  CZ  . TYR A 1 49  ? -12.740 -15.569 17.351  1.00 25.63 ? 49  TYR A CZ  1 
ATOM   405  O  OH  . TYR A 1 49  ? -13.341 -15.309 18.564  1.00 30.01 ? 49  TYR A OH  1 
ATOM   406  N  N   . ASN A 1 50  ? -13.507 -16.899 11.818  1.00 16.83 ? 50  ASN A N   1 
ATOM   407  C  CA  . ASN A 1 50  ? -14.934 -16.718 11.632  1.00 14.71 ? 50  ASN A CA  1 
ATOM   408  C  C   . ASN A 1 50  ? -15.563 -17.906 10.893  1.00 17.77 ? 50  ASN A C   1 
ATOM   409  O  O   . ASN A 1 50  ? -16.691 -17.819 10.412  1.00 21.61 ? 50  ASN A O   1 
ATOM   410  C  CB  . ASN A 1 50  ? -15.188 -15.405 10.893  1.00 17.72 ? 50  ASN A CB  1 
ATOM   411  C  CG  . ASN A 1 50  ? -15.050 -14.201 11.807  1.00 20.39 ? 50  ASN A CG  1 
ATOM   412  O  OD1 . ASN A 1 50  ? -15.808 -14.063 12.764  1.00 18.86 ? 50  ASN A OD1 1 
ATOM   413  N  ND2 . ASN A 1 50  ? -14.079 -13.332 11.528  1.00 20.46 ? 50  ASN A ND2 1 
ATOM   414  N  N   . GLY A 1 51  ? -14.800 -18.995 10.813  1.00 19.88 ? 51  GLY A N   1 
ATOM   415  C  CA  . GLY A 1 51  ? -15.267 -20.223 10.179  1.00 22.21 ? 51  GLY A CA  1 
ATOM   416  C  C   . GLY A 1 51  ? -15.524 -20.160 8.688   1.00 25.31 ? 51  GLY A C   1 
ATOM   417  O  O   . GLY A 1 51  ? -16.307 -20.949 8.154   1.00 25.23 ? 51  GLY A O   1 
ATOM   418  N  N   . ARG A 1 52  ? -14.862 -19.232 8.007   1.00 22.61 ? 52  ARG A N   1 
ATOM   419  C  CA  . ARG A 1 52  ? -15.032 -19.073 6.568   1.00 23.25 ? 52  ARG A CA  1 
ATOM   420  C  C   . ARG A 1 52  ? -13.827 -19.575 5.796   1.00 22.51 ? 52  ARG A C   1 
ATOM   421  O  O   . ARG A 1 52  ? -12.738 -19.705 6.343   1.00 23.21 ? 52  ARG A O   1 
ATOM   422  C  CB  . ARG A 1 52  ? -15.299 -17.602 6.225   1.00 21.02 ? 52  ARG A CB  1 
ATOM   423  C  CG  . ARG A 1 52  ? -16.715 -17.179 6.577   1.00 21.48 ? 52  ARG A CG  1 
ATOM   424  C  CD  . ARG A 1 52  ? -17.044 -15.747 6.186   1.00 22.20 ? 52  ARG A CD  1 
ATOM   425  N  NE  . ARG A 1 52  ? -16.607 -14.768 7.185   1.00 26.33 ? 52  ARG A NE  1 
ATOM   426  C  CZ  . ARG A 1 52  ? -15.468 -14.080 7.125   1.00 26.20 ? 52  ARG A CZ  1 
ATOM   427  N  NH1 . ARG A 1 52  ? -14.628 -14.252 6.107   1.00 18.49 ? 52  ARG A NH1 1 
ATOM   428  N  NH2 . ARG A 1 52  ? -15.173 -13.211 8.090   1.00 19.15 ? 52  ARG A NH2 1 
ATOM   429  N  N   . ASP A 1 53  ? -14.039 -19.867 4.516   1.00 26.31 ? 53  ASP A N   1 
ATOM   430  C  CA  . ASP A 1 53  ? -12.974 -20.354 3.651   1.00 26.45 ? 53  ASP A CA  1 
ATOM   431  C  C   . ASP A 1 53  ? -12.665 -19.319 2.575   1.00 29.77 ? 53  ASP A C   1 
ATOM   432  O  O   . ASP A 1 53  ? -11.930 -19.598 1.631   1.00 30.79 ? 53  ASP A O   1 
ATOM   433  C  CB  . ASP A 1 53  ? -13.391 -21.673 2.989   1.00 38.26 ? 53  ASP A CB  1 
ATOM   434  C  CG  . ASP A 1 53  ? -14.662 -21.534 2.170   1.00 44.75 ? 53  ASP A CG  1 
ATOM   435  O  OD1 . ASP A 1 53  ? -14.679 -20.727 1.218   1.00 54.59 ? 53  ASP A OD1 1 
ATOM   436  O  OD2 . ASP A 1 53  ? -15.650 -22.233 2.483   1.00 60.10 ? 53  ASP A OD2 1 
ATOM   437  N  N   . LEU A 1 54  ? -13.235 -18.127 2.727   1.00 21.34 ? 54  LEU A N   1 
ATOM   438  C  CA  . LEU A 1 54  ? -13.035 -17.042 1.774   1.00 19.90 ? 54  LEU A CA  1 
ATOM   439  C  C   . LEU A 1 54  ? -12.800 -15.749 2.561   1.00 20.39 ? 54  LEU A C   1 
ATOM   440  O  O   . LEU A 1 54  ? -13.407 -15.529 3.613   1.00 17.39 ? 54  LEU A O   1 
ATOM   441  C  CB  . LEU A 1 54  ? -14.275 -16.895 0.892   1.00 21.39 ? 54  LEU A CB  1 
ATOM   442  C  CG  . LEU A 1 54  ? -14.218 -16.081 -0.401  1.00 30.61 ? 54  LEU A CG  1 
ATOM   443  C  CD1 . LEU A 1 54  ? -13.299 -16.770 -1.395  1.00 29.36 ? 54  LEU A CD1 1 
ATOM   444  C  CD2 . LEU A 1 54  ? -15.618 -15.963 -0.983  1.00 33.09 ? 54  LEU A CD2 1 
ATOM   445  N  N   . ILE A 1 55  ? -11.924 -14.898 2.040   1.00 15.84 ? 55  ILE A N   1 
ATOM   446  C  CA  . ILE A 1 55  ? -11.598 -13.628 2.687   1.00 19.58 ? 55  ILE A CA  1 
ATOM   447  C  C   . ILE A 1 55  ? -12.473 -12.474 2.195   1.00 16.27 ? 55  ILE A C   1 
ATOM   448  O  O   . ILE A 1 55  ? -12.537 -12.204 0.992   1.00 15.08 ? 55  ILE A O   1 
ATOM   449  C  CB  . ILE A 1 55  ? -10.116 -13.272 2.431   1.00 14.50 ? 55  ILE A CB  1 
ATOM   450  C  CG1 . ILE A 1 55  ? -9.221  -14.329 3.077   1.00 16.14 ? 55  ILE A CG1 1 
ATOM   451  C  CG2 . ILE A 1 55  ? -9.803  -11.876 2.980   1.00 14.59 ? 55  ILE A CG2 1 
ATOM   452  C  CD1 . ILE A 1 55  ? -7.750  -14.242 2.661   1.00 16.10 ? 55  ILE A CD1 1 
ATOM   453  N  N   . PHE A 1 56  ? -13.154 -11.801 3.125   1.00 13.35 ? 56  PHE A N   1 
ATOM   454  C  CA  . PHE A 1 56  ? -13.994 -10.649 2.795   1.00 12.33 ? 56  PHE A CA  1 
ATOM   455  C  C   . PHE A 1 56  ? -13.359 -9.357  3.317   1.00 12.87 ? 56  PHE A C   1 
ATOM   456  O  O   . PHE A 1 56  ? -12.446 -9.399  4.149   1.00 13.42 ? 56  PHE A O   1 
ATOM   457  C  CB  . PHE A 1 56  ? -15.393 -10.827 3.379   1.00 15.54 ? 56  PHE A CB  1 
ATOM   458  C  CG  . PHE A 1 56  ? -16.188 -11.880 2.683   1.00 20.34 ? 56  PHE A CG  1 
ATOM   459  C  CD1 . PHE A 1 56  ? -16.999 -11.551 1.604   1.00 25.84 ? 56  PHE A CD1 1 
ATOM   460  C  CD2 . PHE A 1 56  ? -16.077 -13.207 3.066   1.00 20.74 ? 56  PHE A CD2 1 
ATOM   461  C  CE1 . PHE A 1 56  ? -17.690 -12.537 0.905   1.00 27.67 ? 56  PHE A CE1 1 
ATOM   462  C  CE2 . PHE A 1 56  ? -16.762 -14.205 2.374   1.00 25.92 ? 56  PHE A CE2 1 
ATOM   463  C  CZ  . PHE A 1 56  ? -17.568 -13.865 1.293   1.00 21.49 ? 56  PHE A CZ  1 
ATOM   464  N  N   . GLU A 1 57  ? -13.843 -8.212  2.847   1.00 16.11 ? 57  GLU A N   1 
ATOM   465  C  CA  . GLU A 1 57  ? -13.246 -6.944  3.263   1.00 15.69 ? 57  GLU A CA  1 
ATOM   466  C  C   . GLU A 1 57  ? -13.095 -6.734  4.775   1.00 17.34 ? 57  GLU A C   1 
ATOM   467  O  O   . GLU A 1 57  ? -12.036 -6.303  5.233   1.00 14.70 ? 57  GLU A O   1 
ATOM   468  C  CB  . GLU A 1 57  ? -13.995 -5.765  2.646   1.00 17.02 ? 57  GLU A CB  1 
ATOM   469  C  CG  . GLU A 1 57  ? -13.256 -4.442  2.821   1.00 26.07 ? 57  GLU A CG  1 
ATOM   470  C  CD  . GLU A 1 57  ? -13.946 -3.280  2.138   1.00 43.43 ? 57  GLU A CD  1 
ATOM   471  O  OE1 . GLU A 1 57  ? -14.284 -3.409  0.943   1.00 38.86 ? 57  GLU A OE1 1 
ATOM   472  O  OE2 . GLU A 1 57  ? -14.140 -2.232  2.793   1.00 48.63 ? 57  GLU A OE2 1 
ATOM   473  N  N   . PRO A 1 58  ? -14.133 -7.050  5.578   1.00 14.13 ? 58  PRO A N   1 
ATOM   474  C  CA  . PRO A 1 58  ? -13.990 -6.849  7.029   1.00 13.71 ? 58  PRO A CA  1 
ATOM   475  C  C   . PRO A 1 58  ? -12.846 -7.631  7.677   1.00 14.39 ? 58  PRO A C   1 
ATOM   476  O  O   . PRO A 1 58  ? -12.398 -7.297  8.778   1.00 15.52 ? 58  PRO A O   1 
ATOM   477  C  CB  . PRO A 1 58  ? -15.348 -7.270  7.582   1.00 14.06 ? 58  PRO A CB  1 
ATOM   478  C  CG  . PRO A 1 58  ? -16.295 -6.921  6.453   1.00 16.57 ? 58  PRO A CG  1 
ATOM   479  C  CD  . PRO A 1 58  ? -15.522 -7.403  5.228   1.00 17.01 ? 58  PRO A CD  1 
ATOM   480  N  N   . ASP A 1 59  ? -12.375 -8.675  7.000   1.00 10.54 ? 59  ASP A N   1 
ATOM   481  C  CA  . ASP A 1 59  ? -11.270 -9.476  7.506   1.00 12.69 ? 59  ASP A CA  1 
ATOM   482  C  C   . ASP A 1 59  ? -9.948  -8.707  7.459   1.00 10.13 ? 59  ASP A C   1 
ATOM   483  O  O   . ASP A 1 59  ? -9.055  -8.993  8.246   1.00 11.77 ? 59  ASP A O   1 
ATOM   484  C  CB  . ASP A 1 59  ? -11.108 -10.762 6.689   1.00 12.84 ? 59  ASP A CB  1 
ATOM   485  C  CG  . ASP A 1 59  ? -12.274 -11.709 6.869   1.00 19.26 ? 59  ASP A CG  1 
ATOM   486  O  OD1 . ASP A 1 59  ? -12.790 -11.797 8.006   1.00 18.23 ? 59  ASP A OD1 1 
ATOM   487  O  OD2 . ASP A 1 59  ? -12.655 -12.371 5.878   1.00 16.21 ? 59  ASP A OD2 1 
ATOM   488  N  N   . LEU A 1 60  ? -9.813  -7.756  6.525   1.00 9.81  ? 60  LEU A N   1 
ATOM   489  C  CA  . LEU A 1 60  ? -8.559  -6.992  6.422   1.00 11.93 ? 60  LEU A CA  1 
ATOM   490  C  C   . LEU A 1 60  ? -8.462  -6.049  7.623   1.00 9.37  ? 60  LEU A C   1 
ATOM   491  O  O   . LEU A 1 60  ? -9.419  -5.335  7.951   1.00 11.67 ? 60  LEU A O   1 
ATOM   492  C  CB  . LEU A 1 60  ? -8.509  -6.182  5.117   1.00 12.00 ? 60  LEU A CB  1 
ATOM   493  C  CG  . LEU A 1 60  ? -8.212  -6.953  3.825   1.00 20.91 ? 60  LEU A CG  1 
ATOM   494  C  CD1 . LEU A 1 60  ? -6.807  -7.485  3.856   1.00 26.23 ? 60  LEU A CD1 1 
ATOM   495  C  CD2 . LEU A 1 60  ? -9.204  -8.071  3.634   1.00 24.25 ? 60  LEU A CD2 1 
ATOM   496  N  N   . PRO A 1 61  ? -7.300  -6.025  8.292   1.00 10.79 ? 61  PRO A N   1 
ATOM   497  C  CA  . PRO A 1 61  ? -7.153  -5.147  9.461   1.00 8.83  ? 61  PRO A CA  1 
ATOM   498  C  C   . PRO A 1 61  ? -6.875  -3.704  9.086   1.00 11.15 ? 61  PRO A C   1 
ATOM   499  O  O   . PRO A 1 61  ? -5.739  -3.232  9.152   1.00 15.01 ? 61  PRO A O   1 
ATOM   500  C  CB  . PRO A 1 61  ? -6.009  -5.802  10.231  1.00 11.51 ? 61  PRO A CB  1 
ATOM   501  C  CG  . PRO A 1 61  ? -5.137  -6.331  9.135   1.00 12.85 ? 61  PRO A CG  1 
ATOM   502  C  CD  . PRO A 1 61  ? -6.117  -6.888  8.120   1.00 9.99  ? 61  PRO A CD  1 
ATOM   503  N  N   . ILE A 1 62  ? -7.933  -3.003  8.706   1.00 10.79 ? 62  ILE A N   1 
ATOM   504  C  CA  . ILE A 1 62  ? -7.827  -1.613  8.287   1.00 11.28 ? 62  ILE A CA  1 
ATOM   505  C  C   . ILE A 1 62  ? -8.441  -0.710  9.357   1.00 10.10 ? 62  ILE A C   1 
ATOM   506  O  O   . ILE A 1 62  ? -9.658  -0.682  9.540   1.00 11.61 ? 62  ILE A O   1 
ATOM   507  C  CB  . ILE A 1 62  ? -8.555  -1.394  6.941   1.00 11.25 ? 62  ILE A CB  1 
ATOM   508  C  CG1 . ILE A 1 62  ? -7.991  -2.346  5.880   1.00 13.68 ? 62  ILE A CG1 1 
ATOM   509  C  CG2 . ILE A 1 62  ? -8.385  0.049   6.490   1.00 14.35 ? 62  ILE A CG2 1 
ATOM   510  C  CD1 . ILE A 1 62  ? -8.816  -2.403  4.598   1.00 19.25 ? 62  ILE A CD1 1 
ATOM   511  N  N   . ALA A 1 63  ? -7.577  0.002   10.077  1.00 9.30  ? 63  ALA A N   1 
ATOM   512  C  CA  . ALA A 1 63  ? -8.007  0.908   11.126  1.00 8.36  ? 63  ALA A CA  1 
ATOM   513  C  C   . ALA A 1 63  ? -8.641  2.136   10.488  1.00 10.14 ? 63  ALA A C   1 
ATOM   514  O  O   . ALA A 1 63  ? -8.474  2.392   9.285   1.00 10.22 ? 63  ALA A O   1 
ATOM   515  C  CB  . ALA A 1 63  ? -6.822  1.304   11.993  1.00 12.73 ? 63  ALA A CB  1 
ATOM   516  N  N   . LYS A 1 64  ? -9.349  2.917   11.297  1.00 8.75  ? 64  LYS A N   1 
ATOM   517  C  CA  . LYS A 1 64  ? -10.046 4.076   10.763  1.00 7.71  ? 64  LYS A CA  1 
ATOM   518  C  C   . LYS A 1 64  ? -9.169  5.045   9.980   1.00 8.42  ? 64  LYS A C   1 
ATOM   519  O  O   . LYS A 1 64  ? -9.596  5.561   8.935   1.00 11.18 ? 64  LYS A O   1 
ATOM   520  C  CB  . LYS A 1 64  ? -10.773 4.801   11.903  1.00 13.10 ? 64  LYS A CB  1 
ATOM   521  C  CG  . LYS A 1 64  ? -11.652 5.954   11.451  1.00 17.36 ? 64  LYS A CG  1 
ATOM   522  C  CD  . LYS A 1 64  ? -12.456 6.491   12.635  1.00 30.04 ? 64  LYS A CD  1 
ATOM   523  C  CE  . LYS A 1 64  ? -13.337 7.665   12.231  1.00 37.75 ? 64  LYS A CE  1 
ATOM   524  N  NZ  . LYS A 1 64  ? -14.014 8.255   13.424  1.00 42.75 ? 64  LYS A NZ  1 
ATOM   525  N  N   . GLY A 1 65  ? -7.959  5.300   10.471  1.00 12.06 ? 65  GLY A N   1 
ATOM   526  C  CA  . GLY A 1 65  ? -7.064  6.230   9.790   1.00 12.25 ? 65  GLY A CA  1 
ATOM   527  C  C   . GLY A 1 65  ? -6.732  5.794   8.377   1.00 10.34 ? 65  GLY A C   1 
ATOM   528  O  O   . GLY A 1 65  ? -6.790  6.593   7.442   1.00 12.36 ? 65  GLY A O   1 
ATOM   529  N  N   . LEU A 1 66  ? -6.376  4.521   8.217   1.00 10.56 ? 66  LEU A N   1 
ATOM   530  C  CA  . LEU A 1 66  ? -6.050  3.988   6.903   1.00 9.12  ? 66  LEU A CA  1 
ATOM   531  C  C   . LEU A 1 66  ? -7.307  3.979   6.022   1.00 8.86  ? 66  LEU A C   1 
ATOM   532  O  O   . LEU A 1 66  ? -7.232  4.196   4.804   1.00 10.07 ? 66  LEU A O   1 
ATOM   533  C  CB  . LEU A 1 66  ? -5.481  2.566   7.038   1.00 10.43 ? 66  LEU A CB  1 
ATOM   534  C  CG  . LEU A 1 66  ? -5.056  1.901   5.726   1.00 12.14 ? 66  LEU A CG  1 
ATOM   535  C  CD1 . LEU A 1 66  ? -4.059  2.760   4.967   1.00 13.92 ? 66  LEU A CD1 1 
ATOM   536  C  CD2 . LEU A 1 66  ? -4.431  0.546   6.049   1.00 15.17 ? 66  LEU A CD2 1 
ATOM   537  N  N   . GLN A 1 67  ? -8.468  3.730   6.623   1.00 10.22 ? 67  GLN A N   1 
ATOM   538  C  CA  . GLN A 1 67  ? -9.714  3.746   5.863   1.00 8.46  ? 67  GLN A CA  1 
ATOM   539  C  C   . GLN A 1 67  ? -9.955  5.153   5.299   1.00 8.87  ? 67  GLN A C   1 
ATOM   540  O  O   . GLN A 1 67  ? -10.390 5.307   4.141   1.00 11.62 ? 67  GLN A O   1 
ATOM   541  C  CB  . GLN A 1 67  ? -10.880 3.333   6.759   1.00 10.16 ? 67  GLN A CB  1 
ATOM   542  C  CG  . GLN A 1 67  ? -12.182 3.157   6.001   1.00 17.29 ? 67  GLN A CG  1 
ATOM   543  C  CD  . GLN A 1 67  ? -12.158 1.942   5.108   1.00 25.78 ? 67  GLN A CD  1 
ATOM   544  O  OE1 . GLN A 1 67  ? -11.913 0.821   5.572   1.00 34.08 ? 67  GLN A OE1 1 
ATOM   545  N  NE2 . GLN A 1 67  ? -12.417 2.147   3.824   1.00 25.66 ? 67  GLN A NE2 1 
ATOM   546  N  N   . GLU A 1 68  ? -9.667  6.171   6.103   1.00 11.10 ? 68  GLU A N   1 
ATOM   547  C  CA  . GLU A 1 68  ? -9.849  7.547   5.634   1.00 10.11 ? 68  GLU A CA  1 
ATOM   548  C  C   . GLU A 1 68  ? -8.837  7.873   4.544   1.00 10.49 ? 68  GLU A C   1 
ATOM   549  O  O   . GLU A 1 68  ? -9.163  8.577   3.586   1.00 11.99 ? 68  GLU A O   1 
ATOM   550  C  CB  . GLU A 1 68  ? -9.733  8.540   6.791   1.00 14.93 ? 68  GLU A CB  1 
ATOM   551  C  CG  . GLU A 1 68  ? -10.857 8.398   7.806   1.00 24.13 ? 68  GLU A CG  1 
ATOM   552  C  CD  . GLU A 1 68  ? -10.729 9.379   8.958   1.00 37.44 ? 68  GLU A CD  1 
ATOM   553  O  OE1 . GLU A 1 68  ? -9.636  9.460   9.563   1.00 42.57 ? 68  GLU A OE1 1 
ATOM   554  O  OE2 . GLU A 1 68  ? -11.726 10.068  9.263   1.00 51.17 ? 68  GLU A OE2 1 
ATOM   555  N  N   . THR A 1 69  ? -7.618  7.352   4.669   1.00 9.34  ? 69  THR A N   1 
ATOM   556  C  CA  . THR A 1 69  ? -6.604  7.603   3.652   1.00 9.93  ? 69  THR A CA  1 
ATOM   557  C  C   . THR A 1 69  ? -7.024  6.922   2.349   1.00 11.10 ? 69  THR A C   1 
ATOM   558  O  O   . THR A 1 69  ? -6.780  7.447   1.257   1.00 11.78 ? 69  THR A O   1 
ATOM   559  C  CB  . THR A 1 69  ? -5.242  7.082   4.121   1.00 9.00  ? 69  THR A CB  1 
ATOM   560  O  OG1 . THR A 1 69  ? -4.837  7.842   5.267   1.00 10.88 ? 69  THR A OG1 1 
ATOM   561  C  CG2 . THR A 1 69  ? -4.187  7.253   3.024   1.00 12.57 ? 69  THR A CG2 1 
ATOM   562  N  N   . LEU A 1 70  ? -7.666  5.758   2.467   1.00 9.42  ? 70  LEU A N   1 
ATOM   563  C  CA  . LEU A 1 70  ? -8.145  5.038   1.297   1.00 10.35 ? 70  LEU A CA  1 
ATOM   564  C  C   . LEU A 1 70  ? -9.215  5.881   0.604   1.00 11.47 ? 70  LEU A C   1 
ATOM   565  O  O   . LEU A 1 70  ? -9.193  6.018   -0.612  1.00 12.83 ? 70  LEU A O   1 
ATOM   566  C  CB  . LEU A 1 70  ? -8.694  3.669   1.720   1.00 10.90 ? 70  LEU A CB  1 
ATOM   567  C  CG  . LEU A 1 70  ? -9.407  2.839   0.654   1.00 17.78 ? 70  LEU A CG  1 
ATOM   568  C  CD1 . LEU A 1 70  ? -8.458  2.536   -0.497  1.00 21.12 ? 70  LEU A CD1 1 
ATOM   569  C  CD2 . LEU A 1 70  ? -9.902  1.547   1.285   1.00 23.30 ? 70  LEU A CD2 1 
ATOM   570  N  N   . GLN A 1 71  ? -10.135 6.461   1.369   1.00 9.72  ? 71  GLN A N   1 
ATOM   571  C  CA  . GLN A 1 71  ? -11.158 7.304   0.742   1.00 12.67 ? 71  GLN A CA  1 
ATOM   572  C  C   . GLN A 1 71  ? -10.518 8.495   0.019   1.00 15.39 ? 71  GLN A C   1 
ATOM   573  O  O   . GLN A 1 71  ? -10.917 8.857   -1.100  1.00 15.98 ? 71  GLN A O   1 
ATOM   574  C  CB  . GLN A 1 71  ? -12.152 7.820   1.787   1.00 14.89 ? 71  GLN A CB  1 
ATOM   575  C  CG  . GLN A 1 71  ? -13.226 8.718   1.174   1.00 25.95 ? 71  GLN A CG  1 
ATOM   576  C  CD  . GLN A 1 71  ? -14.167 9.298   2.206   1.00 33.60 ? 71  GLN A CD  1 
ATOM   577  O  OE1 . GLN A 1 71  ? -14.960 8.579   2.817   1.00 35.81 ? 71  GLN A OE1 1 
ATOM   578  N  NE2 . GLN A 1 71  ? -14.079 10.606  2.412   1.00 34.74 ? 71  GLN A NE2 1 
ATOM   579  N  N   . GLU A 1 72  ? -9.531  9.122   0.649   1.00 14.16 ? 72  GLU A N   1 
ATOM   580  C  CA  . GLU A 1 72  ? -8.858  10.257  0.016   1.00 15.09 ? 72  GLU A CA  1 
ATOM   581  C  C   . GLU A 1 72  ? -8.162  9.820   -1.277  1.00 17.24 ? 72  GLU A C   1 
ATOM   582  O  O   . GLU A 1 72  ? -8.167  10.554  -2.275  1.00 16.80 ? 72  GLU A O   1 
ATOM   583  C  CB  . GLU A 1 72  ? -7.843  10.896  0.963   1.00 20.95 ? 72  GLU A CB  1 
ATOM   584  C  CG  . GLU A 1 72  ? -7.238  12.156  0.360   1.00 34.70 ? 72  GLU A CG  1 
ATOM   585  C  CD  . GLU A 1 72  ? -6.499  13.023  1.356   1.00 37.70 ? 72  GLU A CD  1 
ATOM   586  O  OE1 . GLU A 1 72  ? -5.982  14.083  0.934   1.00 40.41 ? 72  GLU A OE1 1 
ATOM   587  O  OE2 . GLU A 1 72  ? -6.433  12.657  2.546   1.00 31.70 ? 72  GLU A OE2 1 
ATOM   588  N  N   . PHE A 1 73  ? -7.537  8.645   -1.269  1.00 13.43 ? 73  PHE A N   1 
ATOM   589  C  CA  . PHE A 1 73  ? -6.897  8.170   -2.491  1.00 11.72 ? 73  PHE A CA  1 
ATOM   590  C  C   . PHE A 1 73  ? -7.944  7.980   -3.602  1.00 15.36 ? 73  PHE A C   1 
ATOM   591  O  O   . PHE A 1 73  ? -7.715  8.355   -4.764  1.00 12.78 ? 73  PHE A O   1 
ATOM   592  C  CB  . PHE A 1 73  ? -6.171  6.832   -2.243  1.00 11.85 ? 73  PHE A CB  1 
ATOM   593  C  CG  . PHE A 1 73  ? -5.749  6.159   -3.505  1.00 10.47 ? 73  PHE A CG  1 
ATOM   594  C  CD1 . PHE A 1 73  ? -4.709  6.691   -4.276  1.00 11.15 ? 73  PHE A CD1 1 
ATOM   595  C  CD2 . PHE A 1 73  ? -6.467  5.073   -4.002  1.00 10.97 ? 73  PHE A CD2 1 
ATOM   596  C  CE1 . PHE A 1 73  ? -4.414  6.154   -5.509  1.00 10.90 ? 73  PHE A CE1 1 
ATOM   597  C  CE2 . PHE A 1 73  ? -6.169  4.538   -5.237  1.00 12.91 ? 73  PHE A CE2 1 
ATOM   598  C  CZ  . PHE A 1 73  ? -5.144  5.080   -5.992  1.00 15.35 ? 73  PHE A CZ  1 
ATOM   599  N  N   . ARG A 1 74  ? -9.087  7.396   -3.258  1.00 11.98 ? 74  ARG A N   1 
ATOM   600  C  CA  . ARG A 1 74  ? -10.139 7.158   -4.237  1.00 15.34 ? 74  ARG A CA  1 
ATOM   601  C  C   . ARG A 1 74  ? -10.559 8.462   -4.893  1.00 16.89 ? 74  ARG A C   1 
ATOM   602  O  O   . ARG A 1 74  ? -10.837 8.511   -6.096  1.00 21.12 ? 74  ARG A O   1 
ATOM   603  C  CB  . ARG A 1 74  ? -11.356 6.529   -3.570  1.00 17.55 ? 74  ARG A CB  1 
ATOM   604  C  CG  . ARG A 1 74  ? -11.197 5.066   -3.235  1.00 24.61 ? 74  ARG A CG  1 
ATOM   605  C  CD  . ARG A 1 74  ? -12.463 4.488   -2.619  1.00 31.27 ? 74  ARG A CD  1 
ATOM   606  N  NE  . ARG A 1 74  ? -12.429 3.031   -2.628  1.00 34.78 ? 74  ARG A NE  1 
ATOM   607  C  CZ  . ARG A 1 74  ? -12.810 2.266   -1.613  1.00 37.80 ? 74  ARG A CZ  1 
ATOM   608  N  NH1 . ARG A 1 74  ? -13.259 2.819   -0.493  1.00 40.83 ? 74  ARG A NH1 1 
ATOM   609  N  NH2 . ARG A 1 74  ? -12.742 0.946   -1.721  1.00 47.16 ? 74  ARG A NH2 1 
ATOM   610  N  N   . ARG A 1 75  ? -10.600 9.523   -4.108  1.00 16.22 ? 75  ARG A N   1 
ATOM   611  C  CA  . ARG A 1 75  ? -11.008 10.812  -4.647  1.00 18.39 ? 75  ARG A CA  1 
ATOM   612  C  C   . ARG A 1 75  ? -9.952  11.544  -5.478  1.00 21.89 ? 75  ARG A C   1 
ATOM   613  O  O   . ARG A 1 75  ? -10.225 12.616  -6.021  1.00 23.61 ? 75  ARG A O   1 
ATOM   614  C  CB  . ARG A 1 75  ? -11.548 11.687  -3.515  1.00 16.48 ? 75  ARG A CB  1 
ATOM   615  C  CG  . ARG A 1 75  ? -12.785 11.033  -2.923  1.00 14.24 ? 75  ARG A CG  1 
ATOM   616  C  CD  . ARG A 1 75  ? -13.404 11.768  -1.738  1.00 16.94 ? 75  ARG A CD  1 
ATOM   617  N  NE  . ARG A 1 75  ? -14.579 11.014  -1.308  1.00 19.04 ? 75  ARG A NE  1 
ATOM   618  C  CZ  . ARG A 1 75  ? -15.576 11.501  -0.575  1.00 20.02 ? 75  ARG A CZ  1 
ATOM   619  N  NH1 . ARG A 1 75  ? -15.558 12.765  -0.173  1.00 19.11 ? 75  ARG A NH1 1 
ATOM   620  N  NH2 . ARG A 1 75  ? -16.600 10.718  -0.260  1.00 21.57 ? 75  ARG A NH2 1 
HETATM 621  N  N   . MSE A 1 76  ? -8.759  10.961  -5.597  1.00 21.10 ? 76  MSE A N   1 
HETATM 622  C  CA  . MSE A 1 76  ? -7.702  11.571  -6.408  1.00 18.68 ? 76  MSE A CA  1 
HETATM 623  C  C   . MSE A 1 76  ? -7.878  11.139  -7.857  1.00 25.20 ? 76  MSE A C   1 
HETATM 624  O  O   . MSE A 1 76  ? -7.122  11.563  -8.731  1.00 24.20 ? 76  MSE A O   1 
HETATM 625  C  CB  . MSE A 1 76  ? -6.311  11.155  -5.923  1.00 17.45 ? 76  MSE A CB  1 
HETATM 626  C  CG  . MSE A 1 76  ? -5.890  11.819  -4.643  1.00 16.96 ? 76  MSE A CG  1 
HETATM 627  SE SE  . MSE A 1 76  ? -4.166  11.161  -4.008  1.00 25.40 ? 76  MSE A SE  1 
HETATM 628  C  CE  . MSE A 1 76  ? -4.397  11.689  -2.157  1.00 20.46 ? 76  MSE A CE  1 
ATOM   629  N  N   . ASP A 1 77  ? -8.868  10.281  -8.094  1.00 22.98 ? 77  ASP A N   1 
ATOM   630  C  CA  . ASP A 1 77  ? -9.185  9.795   -9.437  1.00 33.18 ? 77  ASP A CA  1 
ATOM   631  C  C   . ASP A 1 77  ? -7.989  9.206   -10.182 1.00 33.93 ? 77  ASP A C   1 
ATOM   632  O  O   . ASP A 1 77  ? -7.672  9.615   -11.302 1.00 32.17 ? 77  ASP A O   1 
ATOM   633  C  CB  . ASP A 1 77  ? -9.798  10.930  -10.260 1.00 38.53 ? 77  ASP A CB  1 
ATOM   634  C  CG  . ASP A 1 77  ? -10.970 11.585  -9.556  1.00 55.22 ? 77  ASP A CG  1 
ATOM   635  O  OD1 . ASP A 1 77  ? -11.990 10.896  -9.327  1.00 59.81 ? 77  ASP A OD1 1 
ATOM   636  O  OD2 . ASP A 1 77  ? -10.869 12.787  -9.224  1.00 57.78 ? 77  ASP A OD2 1 
ATOM   637  N  N   . THR A 1 78  ? -7.338  8.239   -9.547  1.00 28.74 ? 78  THR A N   1 
ATOM   638  C  CA  . THR A 1 78  ? -6.180  7.557   -10.114 1.00 31.99 ? 78  THR A CA  1 
ATOM   639  C  C   . THR A 1 78  ? -6.552  6.088   -10.239 1.00 36.38 ? 78  THR A C   1 
ATOM   640  O  O   . THR A 1 78  ? -6.488  5.340   -9.262  1.00 41.82 ? 78  THR A O   1 
ATOM   641  C  CB  . THR A 1 78  ? -4.959  7.667   -9.183  1.00 35.81 ? 78  THR A CB  1 
ATOM   642  O  OG1 . THR A 1 78  ? -4.658  9.047   -8.949  1.00 43.09 ? 78  THR A OG1 1 
ATOM   643  C  CG2 . THR A 1 78  ? -3.750  6.974   -9.801  1.00 36.77 ? 78  THR A CG2 1 
ATOM   644  N  N   . ALA A 1 79  ? -6.941  5.682   -11.441 1.00 32.02 ? 79  ALA A N   1 
ATOM   645  C  CA  . ALA A 1 79  ? -7.341  4.304   -11.695 1.00 32.84 ? 79  ALA A CA  1 
ATOM   646  C  C   . ALA A 1 79  ? -6.146  3.383   -11.913 1.00 27.68 ? 79  ALA A C   1 
ATOM   647  O  O   . ALA A 1 79  ? -5.651  3.244   -13.030 1.00 30.33 ? 79  ALA A O   1 
ATOM   648  C  CB  . ALA A 1 79  ? -8.265  4.249   -12.903 1.00 32.79 ? 79  ALA A CB  1 
ATOM   649  N  N   . LEU A 1 80  ? -5.697  2.745   -10.837 1.00 21.94 ? 80  LEU A N   1 
ATOM   650  C  CA  . LEU A 1 80  ? -4.563  1.831   -10.907 1.00 19.90 ? 80  LEU A CA  1 
ATOM   651  C  C   . LEU A 1 80  ? -4.975  0.460   -11.422 1.00 19.21 ? 80  LEU A C   1 
ATOM   652  O  O   . LEU A 1 80  ? -6.022  -0.064  -11.041 1.00 21.97 ? 80  LEU A O   1 
ATOM   653  C  CB  . LEU A 1 80  ? -3.924  1.685   -9.523  1.00 20.92 ? 80  LEU A CB  1 
ATOM   654  C  CG  . LEU A 1 80  ? -3.323  2.970   -8.943  1.00 18.79 ? 80  LEU A CG  1 
ATOM   655  C  CD1 . LEU A 1 80  ? -2.757  2.703   -7.558  1.00 19.98 ? 80  LEU A CD1 1 
ATOM   656  C  CD2 . LEU A 1 80  ? -2.222  3.484   -9.861  1.00 20.91 ? 80  LEU A CD2 1 
ATOM   657  N  N   . GLU A 1 81  ? -4.140  -0.120  -12.282 1.00 19.14 ? 81  GLU A N   1 
ATOM   658  C  CA  . GLU A 1 81  ? -4.414  -1.430  -12.840 1.00 19.58 ? 81  GLU A CA  1 
ATOM   659  C  C   . GLU A 1 81  ? -4.264  -2.527  -11.798 1.00 17.16 ? 81  GLU A C   1 
ATOM   660  O  O   . GLU A 1 81  ? -3.419  -2.446  -10.903 1.00 16.45 ? 81  GLU A O   1 
ATOM   661  C  CB  . GLU A 1 81  ? -3.489  -1.704  -14.025 1.00 24.17 ? 81  GLU A CB  1 
ATOM   662  C  CG  . GLU A 1 81  ? -3.716  -0.762  -15.194 1.00 36.10 ? 81  GLU A CG  1 
ATOM   663  C  CD  . GLU A 1 81  ? -2.792  -1.040  -16.363 1.00 54.39 ? 81  GLU A CD  1 
ATOM   664  O  OE1 . GLU A 1 81  ? -2.836  -2.167  -16.904 1.00 61.45 ? 81  GLU A OE1 1 
ATOM   665  O  OE2 . GLU A 1 81  ? -2.022  -0.129  -16.740 1.00 61.65 ? 81  GLU A OE2 1 
ATOM   666  N  N   . LEU A 1 82  ? -5.095  -3.556  -11.934 1.00 19.20 ? 82  LEU A N   1 
ATOM   667  C  CA  . LEU A 1 82  ? -5.091  -4.694  -11.031 1.00 14.17 ? 82  LEU A CA  1 
ATOM   668  C  C   . LEU A 1 82  ? -3.925  -5.640  -11.282 1.00 15.12 ? 82  LEU A C   1 
ATOM   669  O  O   . LEU A 1 82  ? -3.268  -6.059  -10.344 1.00 13.95 ? 82  LEU A O   1 
ATOM   670  C  CB  . LEU A 1 82  ? -6.388  -5.493  -11.192 1.00 17.91 ? 82  LEU A CB  1 
ATOM   671  C  CG  . LEU A 1 82  ? -7.286  -5.789  -9.995  1.00 29.59 ? 82  LEU A CG  1 
ATOM   672  C  CD1 . LEU A 1 82  ? -8.361  -6.767  -10.440 1.00 33.41 ? 82  LEU A CD1 1 
ATOM   673  C  CD2 . LEU A 1 82  ? -6.484  -6.371  -8.857  1.00 23.54 ? 82  LEU A CD2 1 
ATOM   674  N  N   . LYS A 1 83  ? -3.657  -5.970  -12.546 1.00 15.20 ? 83  LYS A N   1 
ATOM   675  C  CA  . LYS A 1 83  ? -2.598  -6.930  -12.848 1.00 16.28 ? 83  LYS A CA  1 
ATOM   676  C  C   . LYS A 1 83  ? -1.234  -6.696  -12.187 1.00 16.80 ? 83  LYS A C   1 
ATOM   677  O  O   . LYS A 1 83  ? -0.652  -7.626  -11.643 1.00 15.04 ? 83  LYS A O   1 
ATOM   678  C  CB  . LYS A 1 83  ? -2.430  -7.085  -14.368 1.00 20.29 ? 83  LYS A CB  1 
ATOM   679  C  CG  . LYS A 1 83  ? -1.503  -8.234  -14.752 1.00 25.94 ? 83  LYS A CG  1 
ATOM   680  C  CD  . LYS A 1 83  ? -1.428  -8.427  -16.260 1.00 33.59 ? 83  LYS A CD  1 
ATOM   681  C  CE  . LYS A 1 83  ? -0.554  -9.622  -16.614 1.00 41.29 ? 83  LYS A CE  1 
ATOM   682  N  NZ  . LYS A 1 83  ? 0.861   -9.437  -16.186 1.00 44.64 ? 83  LYS A NZ  1 
ATOM   683  N  N   . PRO A 1 84  ? -0.707  -5.457  -12.217 1.00 15.57 ? 84  PRO A N   1 
ATOM   684  C  CA  . PRO A 1 84  ? 0.599   -5.251  -11.580 1.00 16.56 ? 84  PRO A CA  1 
ATOM   685  C  C   . PRO A 1 84  ? 0.568   -5.549  -10.085 1.00 11.47 ? 84  PRO A C   1 
ATOM   686  O  O   . PRO A 1 84  ? 1.547   -6.052  -9.525  1.00 12.83 ? 84  PRO A O   1 
ATOM   687  C  CB  . PRO A 1 84  ? 0.899   -3.776  -11.847 1.00 15.45 ? 84  PRO A CB  1 
ATOM   688  C  CG  . PRO A 1 84  ? 0.097   -3.461  -13.073 1.00 20.33 ? 84  PRO A CG  1 
ATOM   689  C  CD  . PRO A 1 84  ? -1.185  -4.221  -12.858 1.00 17.79 ? 84  PRO A CD  1 
ATOM   690  N  N   . VAL A 1 85  ? -0.549  -5.221  -9.437  1.00 11.78 ? 85  VAL A N   1 
ATOM   691  C  CA  . VAL A 1 85  ? -0.655  -5.465  -8.005  1.00 11.75 ? 85  VAL A CA  1 
ATOM   692  C  C   . VAL A 1 85  ? -0.738  -6.959  -7.736  1.00 11.60 ? 85  VAL A C   1 
ATOM   693  O  O   . VAL A 1 85  ? -0.070  -7.459  -6.837  1.00 12.81 ? 85  VAL A O   1 
ATOM   694  C  CB  . VAL A 1 85  ? -1.877  -4.740  -7.392  1.00 11.79 ? 85  VAL A CB  1 
ATOM   695  C  CG1 . VAL A 1 85  ? -1.950  -5.026  -5.883  1.00 11.93 ? 85  VAL A CG1 1 
ATOM   696  C  CG2 . VAL A 1 85  ? -1.763  -3.256  -7.625  1.00 15.16 ? 85  VAL A CG2 1 
ATOM   697  N  N   . LEU A 1 86  ? -1.549  -7.678  -8.517  1.00 12.35 ? 86  LEU A N   1 
ATOM   698  C  CA  . LEU A 1 86  ? -1.658  -9.120  -8.330  1.00 17.00 ? 86  LEU A CA  1 
ATOM   699  C  C   . LEU A 1 86  ? -0.318  -9.803  -8.630  1.00 16.64 ? 86  LEU A C   1 
ATOM   700  O  O   . LEU A 1 86  ? 0.094   -10.710 -7.906  1.00 16.41 ? 86  LEU A O   1 
ATOM   701  C  CB  . LEU A 1 86  ? -2.766  -9.679  -9.228  1.00 20.34 ? 86  LEU A CB  1 
ATOM   702  C  CG  . LEU A 1 86  ? -4.179  -9.789  -8.640  1.00 29.88 ? 86  LEU A CG  1 
ATOM   703  C  CD1 . LEU A 1 86  ? -4.480  -8.644  -7.697  1.00 31.02 ? 86  LEU A CD1 1 
ATOM   704  C  CD2 . LEU A 1 86  ? -5.190  -9.843  -9.780  1.00 25.12 ? 86  LEU A CD2 1 
ATOM   705  N  N   . ASP A 1 87  ? 0.368   -9.372  -9.686  1.00 14.95 ? 87  ASP A N   1 
ATOM   706  C  CA  . ASP A 1 87  ? 1.665   -9.955  -10.015 1.00 18.27 ? 87  ASP A CA  1 
ATOM   707  C  C   . ASP A 1 87  ? 2.675   -9.726  -8.890  1.00 14.91 ? 87  ASP A C   1 
ATOM   708  O  O   . ASP A 1 87  ? 3.449   -10.618 -8.550  1.00 18.36 ? 87  ASP A O   1 
ATOM   709  C  CB  . ASP A 1 87  ? 2.226   -9.358  -11.311 1.00 17.14 ? 87  ASP A CB  1 
ATOM   710  C  CG  . ASP A 1 87  ? 1.502   -9.853  -12.547 1.00 27.32 ? 87  ASP A CG  1 
ATOM   711  O  OD1 . ASP A 1 87  ? 0.749   -10.847 -12.447 1.00 30.10 ? 87  ASP A OD1 1 
ATOM   712  O  OD2 . ASP A 1 87  ? 1.698   -9.257  -13.628 1.00 29.53 ? 87  ASP A OD2 1 
ATOM   713  N  N   . ALA A 1 88  ? 2.683   -8.524  -8.319  1.00 12.75 ? 88  ALA A N   1 
ATOM   714  C  CA  . ALA A 1 88  ? 3.612   -8.230  -7.233  1.00 14.03 ? 88  ALA A CA  1 
ATOM   715  C  C   . ALA A 1 88  ? 3.334   -9.122  -6.032  1.00 13.60 ? 88  ALA A C   1 
ATOM   716  O  O   . ALA A 1 88  ? 4.264   -9.624  -5.398  1.00 14.26 ? 88  ALA A O   1 
ATOM   717  C  CB  . ALA A 1 88  ? 3.515   -6.750  -6.823  1.00 13.72 ? 88  ALA A CB  1 
ATOM   718  N  N   . LEU A 1 89  ? 2.057   -9.313  -5.710  1.00 12.28 ? 89  LEU A N   1 
ATOM   719  C  CA  . LEU A 1 89  ? 1.670   -10.144 -4.567  1.00 13.09 ? 89  LEU A CA  1 
ATOM   720  C  C   . LEU A 1 89  ? 1.975   -11.613 -4.805  1.00 18.27 ? 89  LEU A C   1 
ATOM   721  O  O   . LEU A 1 89  ? 2.305   -12.339 -3.867  1.00 18.20 ? 89  LEU A O   1 
ATOM   722  C  CB  . LEU A 1 89  ? 0.178   -9.969  -4.257  1.00 10.37 ? 89  LEU A CB  1 
ATOM   723  C  CG  . LEU A 1 89  ? -0.163  -8.604  -3.651  1.00 11.55 ? 89  LEU A CG  1 
ATOM   724  C  CD1 . LEU A 1 89  ? -1.659  -8.379  -3.627  1.00 15.09 ? 89  LEU A CD1 1 
ATOM   725  C  CD2 . LEU A 1 89  ? 0.400   -8.531  -2.226  1.00 12.75 ? 89  LEU A CD2 1 
ATOM   726  N  N   . ALA A 1 90  ? 1.868   -12.041 -6.061  1.00 18.90 ? 90  ALA A N   1 
ATOM   727  C  CA  . ALA A 1 90  ? 2.137   -13.436 -6.413  1.00 21.73 ? 90  ALA A CA  1 
ATOM   728  C  C   . ALA A 1 90  ? 3.603   -13.797 -6.229  1.00 23.50 ? 90  ALA A C   1 
ATOM   729  O  O   . ALA A 1 90  ? 3.966   -14.973 -6.251  1.00 26.62 ? 90  ALA A O   1 
ATOM   730  C  CB  . ALA A 1 90  ? 1.716   -13.709 -7.851  1.00 23.49 ? 90  ALA A CB  1 
ATOM   731  N  N   . ALA A 1 91  ? 4.449   -12.788 -6.060  1.00 22.48 ? 91  ALA A N   1 
ATOM   732  C  CA  . ALA A 1 91  ? 5.868   -13.033 -5.854  1.00 21.36 ? 91  ALA A CA  1 
ATOM   733  C  C   . ALA A 1 91  ? 6.094   -13.695 -4.495  1.00 21.34 ? 91  ALA A C   1 
ATOM   734  O  O   . ALA A 1 91  ? 7.103   -14.365 -4.284  1.00 29.44 ? 91  ALA A O   1 
ATOM   735  C  CB  . ALA A 1 91  ? 6.646   -11.729 -5.941  1.00 27.82 ? 91  ALA A CB  1 
ATOM   736  N  N   . LEU A 1 92  ? 5.152   -13.508 -3.575  1.00 16.91 ? 92  LEU A N   1 
ATOM   737  C  CA  . LEU A 1 92  ? 5.258   -14.098 -2.249  1.00 20.07 ? 92  LEU A CA  1 
ATOM   738  C  C   . LEU A 1 92  ? 4.447   -15.401 -2.172  1.00 20.02 ? 92  LEU A C   1 
ATOM   739  O  O   . LEU A 1 92  ? 3.677   -15.721 -3.088  1.00 19.10 ? 92  LEU A O   1 
ATOM   740  C  CB  . LEU A 1 92  ? 4.787   -13.098 -1.186  1.00 19.17 ? 92  LEU A CB  1 
ATOM   741  C  CG  . LEU A 1 92  ? 5.533   -11.760 -1.124  1.00 22.71 ? 92  LEU A CG  1 
ATOM   742  C  CD1 . LEU A 1 92  ? 5.068   -11.017 0.101   1.00 21.30 ? 92  LEU A CD1 1 
ATOM   743  C  CD2 . LEU A 1 92  ? 7.038   -11.955 -1.052  1.00 23.39 ? 92  LEU A CD2 1 
ATOM   744  N  N   . PRO A 1 93  ? 4.610   -16.170 -1.082  1.00 20.70 ? 93  PRO A N   1 
ATOM   745  C  CA  . PRO A 1 93  ? 3.891   -17.439 -0.917  1.00 20.46 ? 93  PRO A CA  1 
ATOM   746  C  C   . PRO A 1 93  ? 2.380   -17.337 -1.033  1.00 23.73 ? 93  PRO A C   1 
ATOM   747  O  O   . PRO A 1 93  ? 1.755   -16.409 -0.515  1.00 20.01 ? 93  PRO A O   1 
ATOM   748  C  CB  . PRO A 1 93  ? 4.328   -17.911 0.469   1.00 21.87 ? 93  PRO A CB  1 
ATOM   749  C  CG  . PRO A 1 93  ? 5.691   -17.313 0.620   1.00 20.81 ? 93  PRO A CG  1 
ATOM   750  C  CD  . PRO A 1 93  ? 5.487   -15.919 0.073   1.00 18.55 ? 93  PRO A CD  1 
ATOM   751  N  N   . PRO A 1 94  ? 1.762   -18.293 -1.730  1.00 23.70 ? 94  PRO A N   1 
ATOM   752  C  CA  . PRO A 1 94  ? 0.310   -18.273 -1.885  1.00 18.92 ? 94  PRO A CA  1 
ATOM   753  C  C   . PRO A 1 94  ? -0.374  -18.432 -0.528  1.00 20.45 ? 94  PRO A C   1 
ATOM   754  O  O   . PRO A 1 94  ? 0.169   -19.069 0.379   1.00 24.66 ? 94  PRO A O   1 
ATOM   755  C  CB  . PRO A 1 94  ? 0.036   -19.483 -2.775  1.00 28.79 ? 94  PRO A CB  1 
ATOM   756  C  CG  . PRO A 1 94  ? 1.312   -19.659 -3.533  1.00 27.01 ? 94  PRO A CG  1 
ATOM   757  C  CD  . PRO A 1 94  ? 2.360   -19.403 -2.491  1.00 27.22 ? 94  PRO A CD  1 
ATOM   758  N  N   . LEU A 1 95  ? -1.553  -17.838 -0.383  1.00 21.41 ? 95  LEU A N   1 
ATOM   759  C  CA  . LEU A 1 95  ? -2.311  -17.984 0.856   1.00 21.63 ? 95  LEU A CA  1 
ATOM   760  C  C   . LEU A 1 95  ? -3.198  -19.215 0.677   1.00 28.41 ? 95  LEU A C   1 
ATOM   761  O  O   . LEU A 1 95  ? -3.425  -19.655 -0.450  1.00 29.49 ? 95  LEU A O   1 
ATOM   762  C  CB  . LEU A 1 95  ? -3.176  -16.748 1.106   1.00 21.19 ? 95  LEU A CB  1 
ATOM   763  C  CG  . LEU A 1 95  ? -2.394  -15.462 1.374   1.00 29.44 ? 95  LEU A CG  1 
ATOM   764  C  CD1 . LEU A 1 95  ? -3.368  -14.337 1.699   1.00 33.27 ? 95  LEU A CD1 1 
ATOM   765  C  CD2 . LEU A 1 95  ? -1.428  -15.680 2.531   1.00 30.34 ? 95  LEU A CD2 1 
ATOM   766  N  N   . ASP A 1 96  ? -3.696  -19.770 1.775   1.00 27.87 ? 96  ASP A N   1 
ATOM   767  C  CA  . ASP A 1 96  ? -4.557  -20.947 1.698   1.00 30.91 ? 96  ASP A CA  1 
ATOM   768  C  C   . ASP A 1 96  ? -5.947  -20.599 1.183   1.00 29.83 ? 96  ASP A C   1 
ATOM   769  O  O   . ASP A 1 96  ? -6.566  -21.375 0.456   1.00 32.94 ? 96  ASP A O   1 
ATOM   770  C  CB  . ASP A 1 96  ? -4.687  -21.609 3.072   1.00 39.44 ? 96  ASP A CB  1 
ATOM   771  C  CG  . ASP A 1 96  ? -3.348  -21.994 3.664   1.00 47.77 ? 96  ASP A CG  1 
ATOM   772  O  OD1 . ASP A 1 96  ? -2.538  -22.622 2.949   1.00 50.24 ? 96  ASP A OD1 1 
ATOM   773  O  OD2 . ASP A 1 96  ? -3.112  -21.673 4.848   1.00 51.11 ? 96  ASP A OD2 1 
ATOM   774  N  N   . LEU A 1 97  ? -6.440  -19.424 1.564   1.00 20.75 ? 97  LEU A N   1 
ATOM   775  C  CA  . LEU A 1 97  ? -7.762  -18.993 1.151   1.00 18.28 ? 97  LEU A CA  1 
ATOM   776  C  C   . LEU A 1 97  ? -7.756  -17.972 0.020   1.00 17.76 ? 97  LEU A C   1 
ATOM   777  O  O   . LEU A 1 97  ? -6.827  -17.173 -0.119  1.00 22.35 ? 97  LEU A O   1 
ATOM   778  C  CB  . LEU A 1 97  ? -8.518  -18.385 2.341   1.00 20.71 ? 97  LEU A CB  1 
ATOM   779  C  CG  . LEU A 1 97  ? -8.764  -19.254 3.568   1.00 23.96 ? 97  LEU A CG  1 
ATOM   780  C  CD1 . LEU A 1 97  ? -9.559  -18.456 4.594   1.00 22.06 ? 97  LEU A CD1 1 
ATOM   781  C  CD2 . LEU A 1 97  ? -9.515  -20.512 3.163   1.00 30.08 ? 97  LEU A CD2 1 
ATOM   782  N  N   . GLU A 1 98  ? -8.809  -18.007 -0.785  1.00 21.01 ? 98  GLU A N   1 
ATOM   783  C  CA  . GLU A 1 98  ? -8.968  -17.065 -1.880  1.00 21.37 ? 98  GLU A CA  1 
ATOM   784  C  C   . GLU A 1 98  ? -9.694  -15.857 -1.300  1.00 20.12 ? 98  GLU A C   1 
ATOM   785  O  O   . GLU A 1 98  ? -10.222 -15.925 -0.185  1.00 19.98 ? 98  GLU A O   1 
ATOM   786  C  CB  . GLU A 1 98  ? -9.818  -17.687 -2.988  1.00 29.95 ? 98  GLU A CB  1 
ATOM   787  C  CG  . GLU A 1 98  ? -9.174  -18.889 -3.668  1.00 39.58 ? 98  GLU A CG  1 
ATOM   788  C  CD  . GLU A 1 98  ? -10.153 -19.654 -4.540  1.00 52.69 ? 98  GLU A CD  1 
ATOM   789  O  OE1 . GLU A 1 98  ? -10.887 -19.010 -5.321  1.00 59.49 ? 98  GLU A OE1 1 
ATOM   790  O  OE2 . GLU A 1 98  ? -10.186 -20.901 -4.449  1.00 56.31 ? 98  GLU A OE2 1 
ATOM   791  N  N   . VAL A 1 99  ? -9.724  -14.761 -2.051  1.00 20.05 ? 99  VAL A N   1 
ATOM   792  C  CA  . VAL A 1 99  ? -10.407 -13.556 -1.599  1.00 18.67 ? 99  VAL A CA  1 
ATOM   793  C  C   . VAL A 1 99  ? -11.686 -13.337 -2.397  1.00 19.71 ? 99  VAL A C   1 
ATOM   794  O  O   . VAL A 1 99  ? -11.803 -13.786 -3.545  1.00 18.32 ? 99  VAL A O   1 
ATOM   795  C  CB  . VAL A 1 99  ? -9.496  -12.293 -1.733  1.00 17.76 ? 99  VAL A CB  1 
ATOM   796  C  CG1 . VAL A 1 99  ? -8.198  -12.515 -0.966  1.00 16.65 ? 99  VAL A CG1 1 
ATOM   797  C  CG2 . VAL A 1 99  ? -9.219  -11.970 -3.198  1.00 16.23 ? 99  VAL A CG2 1 
ATOM   798  N  N   . ALA A 1 100 ? -12.646 -12.650 -1.784  1.00 17.23 ? 100 ALA A N   1 
ATOM   799  C  CA  . ALA A 1 100 ? -13.911 -12.353 -2.440  1.00 19.32 ? 100 ALA A CA  1 
ATOM   800  C  C   . ALA A 1 100 ? -13.653 -11.324 -3.539  1.00 18.63 ? 100 ALA A C   1 
ATOM   801  O  O   . ALA A 1 100 ? -12.637 -10.628 -3.519  1.00 15.44 ? 100 ALA A O   1 
ATOM   802  C  CB  . ALA A 1 100 ? -14.909 -11.804 -1.429  1.00 21.11 ? 100 ALA A CB  1 
ATOM   803  N  N   . GLU A 1 101 ? -14.571 -11.225 -4.496  1.00 18.87 ? 101 GLU A N   1 
ATOM   804  C  CA  . GLU A 1 101 ? -14.408 -10.292 -5.598  1.00 18.08 ? 101 GLU A CA  1 
ATOM   805  C  C   . GLU A 1 101 ? -14.241 -8.844  -5.176  1.00 18.44 ? 101 GLU A C   1 
ATOM   806  O  O   . GLU A 1 101 ? -13.449 -8.120  -5.778  1.00 19.40 ? 101 GLU A O   1 
ATOM   807  C  CB  . GLU A 1 101 ? -15.570 -10.425 -6.581  1.00 22.24 ? 101 GLU A CB  1 
ATOM   808  C  CG  . GLU A 1 101 ? -15.519 -11.723 -7.368  1.00 24.81 ? 101 GLU A CG  1 
ATOM   809  C  CD  . GLU A 1 101 ? -14.243 -11.857 -8.190  1.00 29.50 ? 101 GLU A CD  1 
ATOM   810  O  OE1 . GLU A 1 101 ? -13.983 -10.970 -9.027  1.00 28.28 ? 101 GLU A OE1 1 
ATOM   811  O  OE2 . GLU A 1 101 ? -13.501 -12.849 -8.001  1.00 24.64 ? 101 GLU A OE2 1 
ATOM   812  N  N   . ASP A 1 102 ? -14.966 -8.419  -4.147  1.00 20.66 ? 102 ASP A N   1 
ATOM   813  C  CA  . ASP A 1 102 ? -14.841 -7.041  -3.697  1.00 20.08 ? 102 ASP A CA  1 
ATOM   814  C  C   . ASP A 1 102 ? -13.457 -6.780  -3.114  1.00 18.33 ? 102 ASP A C   1 
ATOM   815  O  O   . ASP A 1 102 ? -12.952 -5.663  -3.199  1.00 18.13 ? 102 ASP A O   1 
ATOM   816  C  CB  . ASP A 1 102 ? -15.929 -6.700  -2.677  1.00 27.29 ? 102 ASP A CB  1 
ATOM   817  C  CG  . ASP A 1 102 ? -17.307 -6.602  -3.314  1.00 44.89 ? 102 ASP A CG  1 
ATOM   818  O  OD1 . ASP A 1 102 ? -17.417 -5.962  -4.383  1.00 45.32 ? 102 ASP A OD1 1 
ATOM   819  O  OD2 . ASP A 1 102 ? -18.277 -7.153  -2.749  1.00 51.79 ? 102 ASP A OD2 1 
ATOM   820  N  N   . VAL A 1 103 ? -12.836 -7.809  -2.544  1.00 15.17 ? 103 VAL A N   1 
ATOM   821  C  CA  . VAL A 1 103 ? -11.492 -7.647  -1.980  1.00 15.49 ? 103 VAL A CA  1 
ATOM   822  C  C   . VAL A 1 103 ? -10.482 -7.556  -3.127  1.00 16.42 ? 103 VAL A C   1 
ATOM   823  O  O   . VAL A 1 103 ? -9.562  -6.735  -3.101  1.00 13.64 ? 103 VAL A O   1 
ATOM   824  C  CB  . VAL A 1 103 ? -11.109 -8.815  -1.040  1.00 17.45 ? 103 VAL A CB  1 
ATOM   825  C  CG1 . VAL A 1 103 ? -9.646  -8.734  -0.678  1.00 16.72 ? 103 VAL A CG1 1 
ATOM   826  C  CG2 . VAL A 1 103 ? -11.960 -8.764  0.230   1.00 17.46 ? 103 VAL A CG2 1 
ATOM   827  N  N   . ARG A 1 104 ? -10.644 -8.404  -4.138  1.00 13.61 ? 104 ARG A N   1 
ATOM   828  C  CA  . ARG A 1 104 ? -9.742  -8.374  -5.290  1.00 9.91  ? 104 ARG A CA  1 
ATOM   829  C  C   . ARG A 1 104 ? -9.769  -6.971  -5.913  1.00 11.31 ? 104 ARG A C   1 
ATOM   830  O  O   . ARG A 1 104 ? -8.728  -6.402  -6.230  1.00 14.87 ? 104 ARG A O   1 
ATOM   831  C  CB  . ARG A 1 104 ? -10.196 -9.420  -6.321  1.00 11.91 ? 104 ARG A CB  1 
ATOM   832  C  CG  . ARG A 1 104 ? -9.281  -9.580  -7.513  1.00 14.53 ? 104 ARG A CG  1 
ATOM   833  C  CD  . ARG A 1 104 ? -9.703  -10.845 -8.294  1.00 17.15 ? 104 ARG A CD  1 
ATOM   834  N  NE  . ARG A 1 104 ? -8.837  -11.082 -9.439  1.00 18.50 ? 104 ARG A NE  1 
ATOM   835  C  CZ  . ARG A 1 104 ? -8.948  -10.440 -10.588 1.00 16.10 ? 104 ARG A CZ  1 
ATOM   836  N  NH1 . ARG A 1 104 ? -9.897  -9.526  -10.746 1.00 22.24 ? 104 ARG A NH1 1 
ATOM   837  N  NH2 . ARG A 1 104 ? -8.095  -10.708 -11.579 1.00 15.99 ? 104 ARG A NH2 1 
ATOM   838  N  N   . ASN A 1 105 ? -10.959 -6.400  -6.056  1.00 13.74 ? 105 ASN A N   1 
ATOM   839  C  CA  . ASN A 1 105 ? -11.089 -5.081  -6.653  1.00 17.54 ? 105 ASN A CA  1 
ATOM   840  C  C   . ASN A 1 105 ? -10.550 -3.973  -5.767  1.00 15.70 ? 105 ASN A C   1 
ATOM   841  O  O   . ASN A 1 105 ? -10.175 -2.907  -6.259  1.00 20.30 ? 105 ASN A O   1 
ATOM   842  C  CB  . ASN A 1 105 ? -12.549 -4.816  -7.001  1.00 23.03 ? 105 ASN A CB  1 
ATOM   843  C  CG  . ASN A 1 105 ? -13.038 -5.719  -8.107  1.00 24.15 ? 105 ASN A CG  1 
ATOM   844  O  OD1 . ASN A 1 105 ? -12.338 -5.922  -9.095  1.00 32.50 ? 105 ASN A OD1 1 
ATOM   845  N  ND2 . ASN A 1 105 ? -14.240 -6.261  -7.952  1.00 36.44 ? 105 ASN A ND2 1 
ATOM   846  N  N   . LEU A 1 106 ? -10.505 -4.229  -4.465  1.00 14.22 ? 106 LEU A N   1 
ATOM   847  C  CA  . LEU A 1 106 ? -9.996  -3.244  -3.516  1.00 14.66 ? 106 LEU A CA  1 
ATOM   848  C  C   . LEU A 1 106 ? -8.462  -3.192  -3.490  1.00 13.56 ? 106 LEU A C   1 
ATOM   849  O  O   . LEU A 1 106 ? -7.885  -2.178  -3.124  1.00 15.41 ? 106 LEU A O   1 
ATOM   850  C  CB  . LEU A 1 106 ? -10.518 -3.571  -2.108  1.00 19.07 ? 106 LEU A CB  1 
ATOM   851  C  CG  . LEU A 1 106 ? -10.143 -2.640  -0.953  1.00 29.65 ? 106 LEU A CG  1 
ATOM   852  C  CD1 . LEU A 1 106 ? -10.799 -1.290  -1.163  1.00 27.68 ? 106 LEU A CD1 1 
ATOM   853  C  CD2 . LEU A 1 106 ? -10.598 -3.255  0.370   1.00 31.25 ? 106 LEU A CD2 1 
ATOM   854  N  N   . LEU A 1 107 ? -7.795  -4.266  -3.903  1.00 13.23 ? 107 LEU A N   1 
ATOM   855  C  CA  . LEU A 1 107 ? -6.330  -4.307  -3.816  1.00 11.70 ? 107 LEU A CA  1 
ATOM   856  C  C   . LEU A 1 107 ? -5.559  -3.143  -4.441  1.00 12.00 ? 107 LEU A C   1 
ATOM   857  O  O   . LEU A 1 107 ? -4.648  -2.602  -3.804  1.00 11.39 ? 107 LEU A O   1 
ATOM   858  C  CB  . LEU A 1 107 ? -5.806  -5.650  -4.343  1.00 14.97 ? 107 LEU A CB  1 
ATOM   859  C  CG  . LEU A 1 107 ? -6.260  -6.859  -3.505  1.00 17.89 ? 107 LEU A CG  1 
ATOM   860  C  CD1 . LEU A 1 107 ? -5.787  -8.141  -4.177  1.00 21.82 ? 107 LEU A CD1 1 
ATOM   861  C  CD2 . LEU A 1 107 ? -5.691  -6.783  -2.095  1.00 23.13 ? 107 LEU A CD2 1 
ATOM   862  N  N   . PRO A 1 108 ? -5.906  -2.740  -5.677  1.00 12.61 ? 108 PRO A N   1 
ATOM   863  C  CA  . PRO A 1 108 ? -5.168  -1.620  -6.265  1.00 15.10 ? 108 PRO A CA  1 
ATOM   864  C  C   . PRO A 1 108 ? -5.416  -0.336  -5.462  1.00 10.79 ? 108 PRO A C   1 
ATOM   865  O  O   . PRO A 1 108 ? -4.527  0.503   -5.329  1.00 11.12 ? 108 PRO A O   1 
ATOM   866  C  CB  . PRO A 1 108 ? -5.734  -1.528  -7.686  1.00 18.77 ? 108 PRO A CB  1 
ATOM   867  C  CG  . PRO A 1 108 ? -6.183  -2.927  -7.976  1.00 21.60 ? 108 PRO A CG  1 
ATOM   868  C  CD  . PRO A 1 108 ? -6.810  -3.354  -6.668  1.00 17.31 ? 108 PRO A CD  1 
ATOM   869  N  N   . GLU A 1 109 ? -6.623  -0.176  -4.924  1.00 10.55 ? 109 GLU A N   1 
ATOM   870  C  CA  . GLU A 1 109 ? -6.925  1.016   -4.139  1.00 9.97  ? 109 GLU A CA  1 
ATOM   871  C  C   . GLU A 1 109 ? -6.151  1.014   -2.833  1.00 9.76  ? 109 GLU A C   1 
ATOM   872  O  O   . GLU A 1 109 ? -5.721  2.058   -2.371  1.00 10.35 ? 109 GLU A O   1 
ATOM   873  C  CB  . GLU A 1 109 ? -8.431  1.119   -3.877  1.00 17.38 ? 109 GLU A CB  1 
ATOM   874  C  CG  . GLU A 1 109 ? -9.220  1.133   -5.176  1.00 25.35 ? 109 GLU A CG  1 
ATOM   875  C  CD  . GLU A 1 109 ? -10.703 1.355   -4.975  1.00 34.73 ? 109 GLU A CD  1 
ATOM   876  O  OE1 . GLU A 1 109 ? -11.328 0.572   -4.230  1.00 32.13 ? 109 GLU A OE1 1 
ATOM   877  O  OE2 . GLU A 1 109 ? -11.243 2.310   -5.576  1.00 43.48 ? 109 GLU A OE2 1 
ATOM   878  N  N   . LEU A 1 110 ? -6.007  -0.159  -2.213  1.00 9.68  ? 110 LEU A N   1 
ATOM   879  C  CA  . LEU A 1 110 ? -5.239  -0.261  -0.977  1.00 11.27 ? 110 LEU A CA  1 
ATOM   880  C  C   . LEU A 1 110 ? -3.775  0.025   -1.284  1.00 10.06 ? 110 LEU A C   1 
ATOM   881  O  O   . LEU A 1 110 ? -3.091  0.658   -0.487  1.00 9.38  ? 110 LEU A O   1 
ATOM   882  C  CB  . LEU A 1 110 ? -5.367  -1.654  -0.364  1.00 13.60 ? 110 LEU A CB  1 
ATOM   883  C  CG  . LEU A 1 110 ? -6.461  -1.843  0.677   1.00 28.17 ? 110 LEU A CG  1 
ATOM   884  C  CD1 . LEU A 1 110 ? -6.402  -3.288  1.192   1.00 22.77 ? 110 LEU A CD1 1 
ATOM   885  C  CD2 . LEU A 1 110 ? -6.252  -0.846  1.826   1.00 23.83 ? 110 LEU A CD2 1 
ATOM   886  N  N   . ALA A 1 111 ? -3.277  -0.436  -2.433  1.00 10.38 ? 111 ALA A N   1 
ATOM   887  C  CA  . ALA A 1 111 ? -1.882  -0.145  -2.809  1.00 8.68  ? 111 ALA A CA  1 
ATOM   888  C  C   . ALA A 1 111 ? -1.725  1.379   -2.932  1.00 10.01 ? 111 ALA A C   1 
ATOM   889  O  O   . ALA A 1 111 ? -0.750  1.961   -2.453  1.00 10.97 ? 111 ALA A O   1 
ATOM   890  C  CB  . ALA A 1 111 ? -1.537  -0.807  -4.137  1.00 10.43 ? 111 ALA A CB  1 
ATOM   891  N  N   . GLY A 1 112 ? -2.686  2.026   -3.581  1.00 9.38  ? 112 GLY A N   1 
ATOM   892  C  CA  . GLY A 1 112 ? -2.622  3.475   -3.699  1.00 9.43  ? 112 GLY A CA  1 
ATOM   893  C  C   . GLY A 1 112 ? -2.704  4.177   -2.344  1.00 8.06  ? 112 GLY A C   1 
ATOM   894  O  O   . GLY A 1 112 ? -1.959  5.137   -2.106  1.00 10.28 ? 112 GLY A O   1 
ATOM   895  N  N   . ALA A 1 113 ? -3.588  3.713   -1.461  1.00 7.78  ? 113 ALA A N   1 
ATOM   896  C  CA  . ALA A 1 113 ? -3.716  4.317   -0.133  1.00 8.86  ? 113 ALA A CA  1 
ATOM   897  C  C   . ALA A 1 113 ? -2.400  4.169   0.630   1.00 8.98  ? 113 ALA A C   1 
ATOM   898  O  O   . ALA A 1 113 ? -1.981  5.074   1.346   1.00 8.66  ? 113 ALA A O   1 
ATOM   899  C  CB  . ALA A 1 113 ? -4.859  3.655   0.653   1.00 12.30 ? 113 ALA A CB  1 
ATOM   900  N  N   . LEU A 1 114 ? -1.750  3.018   0.500   1.00 9.30  ? 114 LEU A N   1 
ATOM   901  C  CA  . LEU A 1 114 ? -0.486  2.835   1.197   1.00 7.60  ? 114 LEU A CA  1 
ATOM   902  C  C   . LEU A 1 114 ? 0.582   3.797   0.683   1.00 5.76  ? 114 LEU A C   1 
ATOM   903  O  O   . LEU A 1 114 ? 1.392   4.282   1.468   1.00 7.15  ? 114 LEU A O   1 
ATOM   904  C  CB  . LEU A 1 114 ? -0.007  1.387   1.069   1.00 7.41  ? 114 LEU A CB  1 
ATOM   905  C  CG  . LEU A 1 114 ? -0.837  0.358   1.849   1.00 8.24  ? 114 LEU A CG  1 
ATOM   906  C  CD1 . LEU A 1 114 ? -0.437  -1.047  1.387   1.00 10.29 ? 114 LEU A CD1 1 
ATOM   907  C  CD2 . LEU A 1 114 ? -0.611  0.490   3.350   1.00 12.68 ? 114 LEU A CD2 1 
ATOM   908  N  N   . VAL A 1 115 ? 0.591   4.053   -0.628  1.00 6.37  ? 115 VAL A N   1 
ATOM   909  C  CA  . VAL A 1 115 ? 1.557   4.996   -1.188  1.00 6.87  ? 115 VAL A CA  1 
ATOM   910  C  C   . VAL A 1 115 ? 1.263   6.414   -0.679  1.00 7.04  ? 115 VAL A C   1 
ATOM   911  O  O   . VAL A 1 115 ? 2.184   7.152   -0.322  1.00 8.83  ? 115 VAL A O   1 
ATOM   912  C  CB  . VAL A 1 115 ? 1.525   4.998   -2.720  1.00 10.45 ? 115 VAL A CB  1 
ATOM   913  C  CG1 . VAL A 1 115 ? 2.397   6.127   -3.256  1.00 9.64  ? 115 VAL A CG1 1 
ATOM   914  C  CG2 . VAL A 1 115 ? 2.026   3.641   -3.251  1.00 11.27 ? 115 VAL A CG2 1 
ATOM   915  N  N   . VAL A 1 116 ? -0.012  6.798   -0.632  1.00 7.00  ? 116 VAL A N   1 
ATOM   916  C  CA  . VAL A 1 116 ? -0.379  8.127   -0.122  1.00 8.31  ? 116 VAL A CA  1 
ATOM   917  C  C   . VAL A 1 116 ? 0.083   8.294   1.333   1.00 8.49  ? 116 VAL A C   1 
ATOM   918  O  O   . VAL A 1 116 ? 0.685   9.315   1.681   1.00 8.36  ? 116 VAL A O   1 
ATOM   919  C  CB  . VAL A 1 116 ? -1.904  8.339   -0.221  1.00 7.00  ? 116 VAL A CB  1 
ATOM   920  C  CG1 . VAL A 1 116 ? -2.329  9.592   0.565   1.00 9.14  ? 116 VAL A CG1 1 
ATOM   921  C  CG2 . VAL A 1 116 ? -2.287  8.536   -1.693  1.00 9.27  ? 116 VAL A CG2 1 
ATOM   922  N  N   . ALA A 1 117 ? -0.181  7.294   2.179   1.00 8.14  ? 117 ALA A N   1 
ATOM   923  C  CA  . ALA A 1 117 ? 0.235   7.362   3.575   1.00 7.92  ? 117 ALA A CA  1 
ATOM   924  C  C   . ALA A 1 117 ? 1.758   7.371   3.674   1.00 7.52  ? 117 ALA A C   1 
ATOM   925  O  O   . ALA A 1 117 ? 2.316   8.139   4.446   1.00 9.48  ? 117 ALA A O   1 
ATOM   926  C  CB  . ALA A 1 117 ? -0.332  6.171   4.367   1.00 9.78  ? 117 ALA A CB  1 
ATOM   927  N  N   . TYR A 1 118 ? 2.429   6.548   2.870   1.00 8.71  ? 118 TYR A N   1 
ATOM   928  C  CA  . TYR A 1 118 ? 3.885   6.492   2.930   1.00 7.71  ? 118 TYR A CA  1 
ATOM   929  C  C   . TYR A 1 118 ? 4.522   7.832   2.526   1.00 7.48  ? 118 TYR A C   1 
ATOM   930  O  O   . TYR A 1 118 ? 5.457   8.314   3.183   1.00 8.40  ? 118 TYR A O   1 
ATOM   931  C  CB  . TYR A 1 118 ? 4.370   5.326   2.056   1.00 6.22  ? 118 TYR A CB  1 
ATOM   932  C  CG  . TYR A 1 118 ? 5.865   5.145   1.989   1.00 7.69  ? 118 TYR A CG  1 
ATOM   933  C  CD1 . TYR A 1 118 ? 6.624   5.861   1.069   1.00 8.66  ? 118 TYR A CD1 1 
ATOM   934  C  CD2 . TYR A 1 118 ? 6.516   4.271   2.854   1.00 9.39  ? 118 TYR A CD2 1 
ATOM   935  C  CE1 . TYR A 1 118 ? 7.998   5.716   1.009   1.00 10.26 ? 118 TYR A CE1 1 
ATOM   936  C  CE2 . TYR A 1 118 ? 7.908   4.111   2.799   1.00 8.94  ? 118 TYR A CE2 1 
ATOM   937  C  CZ  . TYR A 1 118 ? 8.630   4.841   1.873   1.00 9.10  ? 118 TYR A CZ  1 
ATOM   938  O  OH  . TYR A 1 118 ? 9.988   4.677   1.793   1.00 11.94 ? 118 TYR A OH  1 
ATOM   939  N  N   . ALA A 1 119 ? 3.992   8.431   1.465   1.00 7.79  ? 119 ALA A N   1 
ATOM   940  C  CA  . ALA A 1 119 ? 4.490   9.719   0.997   1.00 9.63  ? 119 ALA A CA  1 
ATOM   941  C  C   . ALA A 1 119 ? 4.289   10.783  2.069   1.00 10.35 ? 119 ALA A C   1 
ATOM   942  O  O   . ALA A 1 119 ? 5.172   11.600  2.295   1.00 9.75  ? 119 ALA A O   1 
ATOM   943  C  CB  . ALA A 1 119 ? 3.771   10.125  -0.285  1.00 9.48  ? 119 ALA A CB  1 
ATOM   944  N  N   . ARG A 1 120 ? 3.129   10.773  2.719   1.00 7.86  ? 120 ARG A N   1 
ATOM   945  C  CA  . ARG A 1 120 ? 2.853   11.752  3.774   1.00 7.30  ? 120 ARG A CA  1 
ATOM   946  C  C   . ARG A 1 120 ? 3.707   11.521  5.012   1.00 9.78  ? 120 ARG A C   1 
ATOM   947  O  O   . ARG A 1 120 ? 4.045   12.477  5.714   1.00 14.41 ? 120 ARG A O   1 
ATOM   948  C  CB  . ARG A 1 120 ? 1.364   11.756  4.099   1.00 7.91  ? 120 ARG A CB  1 
ATOM   949  C  CG  . ARG A 1 120 ? 0.587   12.376  2.954   1.00 8.06  ? 120 ARG A CG  1 
ATOM   950  C  CD  . ARG A 1 120 ? -0.907  12.320  3.126   1.00 12.01 ? 120 ARG A CD  1 
ATOM   951  N  NE  . ARG A 1 120 ? -1.579  13.046  2.051   1.00 13.56 ? 120 ARG A NE  1 
ATOM   952  C  CZ  . ARG A 1 120 ? -2.893  13.031  1.863   1.00 16.65 ? 120 ARG A CZ  1 
ATOM   953  N  NH1 . ARG A 1 120 ? -3.669  12.329  2.680   1.00 18.74 ? 120 ARG A NH1 1 
ATOM   954  N  NH2 . ARG A 1 120 ? -3.431  13.714  0.864   1.00 19.31 ? 120 ARG A NH2 1 
ATOM   955  N  N   . VAL A 1 121 ? 4.067   10.270  5.303   1.00 10.15 ? 121 VAL A N   1 
ATOM   956  C  CA  . VAL A 1 121 ? 4.952   10.017  6.435   1.00 10.23 ? 121 VAL A CA  1 
ATOM   957  C  C   . VAL A 1 121 ? 6.335   10.554  6.080   1.00 15.32 ? 121 VAL A C   1 
ATOM   958  O  O   . VAL A 1 121 ? 6.984   11.229  6.879   1.00 13.71 ? 121 VAL A O   1 
ATOM   959  C  CB  . VAL A 1 121 ? 5.105   8.510   6.716   1.00 10.75 ? 121 VAL A CB  1 
ATOM   960  C  CG1 . VAL A 1 121 ? 6.350   8.256   7.584   1.00 12.63 ? 121 VAL A CG1 1 
ATOM   961  C  CG2 . VAL A 1 121 ? 3.862   7.997   7.386   1.00 10.97 ? 121 VAL A CG2 1 
ATOM   962  N  N   . LEU A 1 122 ? 6.781   10.244  4.870   1.00 11.73 ? 122 LEU A N   1 
ATOM   963  C  CA  . LEU A 1 122 ? 8.092   10.673  4.415   1.00 16.29 ? 122 LEU A CA  1 
ATOM   964  C  C   . LEU A 1 122 ? 8.193   12.191  4.511   1.00 17.32 ? 122 LEU A C   1 
ATOM   965  O  O   . LEU A 1 122 ? 9.212   12.726  4.953   1.00 18.00 ? 122 LEU A O   1 
ATOM   966  C  CB  . LEU A 1 122 ? 8.298   10.174  2.980   1.00 16.48 ? 122 LEU A CB  1 
ATOM   967  C  CG  . LEU A 1 122 ? 9.658   10.248  2.306   1.00 23.95 ? 122 LEU A CG  1 
ATOM   968  C  CD1 . LEU A 1 122 ? 10.663  9.402   3.069   1.00 17.34 ? 122 LEU A CD1 1 
ATOM   969  C  CD2 . LEU A 1 122 ? 9.510   9.749   0.874   1.00 18.01 ? 122 LEU A CD2 1 
ATOM   970  N  N   . LYS A 1 123 ? 7.129   12.889  4.121   1.00 14.25 ? 123 LYS A N   1 
ATOM   971  C  CA  . LYS A 1 123 ? 7.111   14.338  4.190   1.00 19.23 ? 123 LYS A CA  1 
ATOM   972  C  C   . LYS A 1 123 ? 7.260   14.820  5.630   1.00 24.21 ? 123 LYS A C   1 
ATOM   973  O  O   . LYS A 1 123 ? 8.075   15.695  5.897   1.00 22.50 ? 123 LYS A O   1 
ATOM   974  C  CB  . LYS A 1 123 ? 5.811   14.898  3.603   1.00 22.94 ? 123 LYS A CB  1 
ATOM   975  C  CG  . LYS A 1 123 ? 5.721   16.430  3.631   1.00 28.50 ? 123 LYS A CG  1 
ATOM   976  C  CD  . LYS A 1 123 ? 4.422   16.932  3.010   1.00 38.43 ? 123 LYS A CD  1 
ATOM   977  C  CE  . LYS A 1 123 ? 3.205   16.406  3.754   1.00 42.15 ? 123 LYS A CE  1 
ATOM   978  N  NZ  . LYS A 1 123 ? 1.913   16.720  3.082   1.00 46.89 ? 123 LYS A NZ  1 
ATOM   979  N  N   . GLU A 1 124 ? 6.487   14.241  6.553   1.00 17.13 ? 124 GLU A N   1 
ATOM   980  C  CA  . GLU A 1 124 ? 6.538   14.654  7.957   1.00 18.38 ? 124 GLU A CA  1 
ATOM   981  C  C   . GLU A 1 124 ? 7.914   14.487  8.597   1.00 20.13 ? 124 GLU A C   1 
ATOM   982  O  O   . GLU A 1 124 ? 8.233   15.184  9.559   1.00 20.89 ? 124 GLU A O   1 
ATOM   983  C  CB  . GLU A 1 124 ? 5.502   13.890  8.788   1.00 17.82 ? 124 GLU A CB  1 
ATOM   984  C  CG  . GLU A 1 124 ? 4.060   14.272  8.510   1.00 31.88 ? 124 GLU A CG  1 
ATOM   985  C  CD  . GLU A 1 124 ? 3.797   15.753  8.729   1.00 37.86 ? 124 GLU A CD  1 
ATOM   986  O  OE1 . GLU A 1 124 ? 4.088   16.255  9.834   1.00 36.62 ? 124 GLU A OE1 1 
ATOM   987  O  OE2 . GLU A 1 124 ? 3.297   16.412  7.795   1.00 49.98 ? 124 GLU A OE2 1 
ATOM   988  N  N   . LEU A 1 125 ? 8.720   13.567  8.082   1.00 19.72 ? 125 LEU A N   1 
ATOM   989  C  CA  . LEU A 1 125 ? 10.058  13.367  8.630   1.00 18.81 ? 125 LEU A CA  1 
ATOM   990  C  C   . LEU A 1 125 ? 10.907  14.618  8.407   1.00 27.51 ? 125 LEU A C   1 
ATOM   991  O  O   . LEU A 1 125 ? 11.802  14.923  9.197   1.00 26.82 ? 125 LEU A O   1 
ATOM   992  C  CB  . LEU A 1 125 ? 10.733  12.167  7.968   1.00 29.54 ? 125 LEU A CB  1 
ATOM   993  C  CG  . LEU A 1 125 ? 10.027  10.831  8.185   1.00 31.69 ? 125 LEU A CG  1 
ATOM   994  C  CD1 . LEU A 1 125 ? 10.759  9.755   7.407   1.00 36.00 ? 125 LEU A CD1 1 
ATOM   995  C  CD2 . LEU A 1 125 ? 9.971   10.499  9.671   1.00 26.40 ? 125 LEU A CD2 1 
ATOM   996  N  N   . ASP A 1 126 ? 10.627  15.337  7.325   1.00 23.55 ? 126 ASP A N   1 
ATOM   997  C  CA  . ASP A 1 126 ? 11.358  16.562  6.992   1.00 25.47 ? 126 ASP A CA  1 
ATOM   998  C  C   . ASP A 1 126 ? 10.419  17.409  6.133   1.00 23.83 ? 126 ASP A C   1 
ATOM   999  O  O   . ASP A 1 126 ? 10.531  17.445  4.904   1.00 23.82 ? 126 ASP A O   1 
ATOM   1000 C  CB  . ASP A 1 126 ? 12.626  16.227  6.207   1.00 32.67 ? 126 ASP A CB  1 
ATOM   1001 C  CG  . ASP A 1 126 ? 13.624  17.376  6.188   1.00 44.94 ? 126 ASP A CG  1 
ATOM   1002 O  OD1 . ASP A 1 126 ? 13.190  18.551  6.183   1.00 48.30 ? 126 ASP A OD1 1 
ATOM   1003 O  OD2 . ASP A 1 126 ? 14.844  17.099  6.165   1.00 50.95 ? 126 ASP A OD2 1 
ATOM   1004 N  N   . PRO A 1 127 ? 9.484   18.111  6.780   1.00 23.06 ? 127 PRO A N   1 
ATOM   1005 C  CA  . PRO A 1 127 ? 8.494   18.964  6.121   1.00 26.60 ? 127 PRO A CA  1 
ATOM   1006 C  C   . PRO A 1 127 ? 8.991   19.900  5.029   1.00 25.86 ? 127 PRO A C   1 
ATOM   1007 O  O   . PRO A 1 127 ? 8.269   20.166  4.067   1.00 29.40 ? 127 PRO A O   1 
ATOM   1008 C  CB  . PRO A 1 127 ? 7.871   19.721  7.288   1.00 32.91 ? 127 PRO A CB  1 
ATOM   1009 C  CG  . PRO A 1 127 ? 7.930   18.723  8.386   1.00 30.36 ? 127 PRO A CG  1 
ATOM   1010 C  CD  . PRO A 1 127 ? 9.327   18.175  8.244   1.00 24.96 ? 127 PRO A CD  1 
ATOM   1011 N  N   . ALA A 1 128 ? 10.217  20.392  5.160   1.00 24.38 ? 128 ALA A N   1 
ATOM   1012 C  CA  . ALA A 1 128 ? 10.744  21.326  4.175   1.00 25.54 ? 128 ALA A CA  1 
ATOM   1013 C  C   . ALA A 1 128 ? 11.489  20.702  3.002   1.00 27.62 ? 128 ALA A C   1 
ATOM   1014 O  O   . ALA A 1 128 ? 11.705  21.366  1.990   1.00 30.23 ? 128 ALA A O   1 
ATOM   1015 C  CB  . ALA A 1 128 ? 11.638  22.349  4.870   1.00 27.85 ? 128 ALA A CB  1 
ATOM   1016 N  N   . LEU A 1 129 ? 11.873  19.434  3.120   1.00 25.86 ? 129 LEU A N   1 
ATOM   1017 C  CA  . LEU A 1 129 ? 12.615  18.777  2.047   1.00 24.56 ? 129 LEU A CA  1 
ATOM   1018 C  C   . LEU A 1 129 ? 11.692  18.307  0.924   1.00 23.14 ? 129 LEU A C   1 
ATOM   1019 O  O   . LEU A 1 129 ? 10.753  17.553  1.162   1.00 28.64 ? 129 LEU A O   1 
ATOM   1020 C  CB  . LEU A 1 129 ? 13.407  17.595  2.614   1.00 22.98 ? 129 LEU A CB  1 
ATOM   1021 C  CG  . LEU A 1 129 ? 14.308  16.820  1.645   1.00 28.64 ? 129 LEU A CG  1 
ATOM   1022 C  CD1 . LEU A 1 129 ? 15.427  17.721  1.133   1.00 36.74 ? 129 LEU A CD1 1 
ATOM   1023 C  CD2 . LEU A 1 129 ? 14.889  15.619  2.355   1.00 31.31 ? 129 LEU A CD2 1 
ATOM   1024 N  N   . LYS A 1 130 ? 11.963  18.752  -0.300  1.00 22.03 ? 130 LYS A N   1 
ATOM   1025 C  CA  . LYS A 1 130 ? 11.133  18.370  -1.435  1.00 19.97 ? 130 LYS A CA  1 
ATOM   1026 C  C   . LYS A 1 130 ? 11.617  17.125  -2.154  1.00 16.70 ? 130 LYS A C   1 
ATOM   1027 O  O   . LYS A 1 130 ? 10.819  16.441  -2.802  1.00 18.24 ? 130 LYS A O   1 
ATOM   1028 C  CB  . LYS A 1 130 ? 11.034  19.524  -2.440  1.00 23.92 ? 130 LYS A CB  1 
ATOM   1029 C  CG  . LYS A 1 130 ? 10.249  20.716  -1.907  1.00 34.89 ? 130 LYS A CG  1 
ATOM   1030 C  CD  . LYS A 1 130 ? 10.055  21.793  -2.961  1.00 49.93 ? 130 LYS A CD  1 
ATOM   1031 C  CE  . LYS A 1 130 ? 9.280   22.978  -2.395  1.00 52.64 ? 130 LYS A CE  1 
ATOM   1032 N  NZ  . LYS A 1 130 ? 9.067   24.047  -3.414  1.00 59.85 ? 130 LYS A NZ  1 
ATOM   1033 N  N   . ASN A 1 131 ? 12.908  16.822  -2.025  1.00 16.20 ? 131 ASN A N   1 
ATOM   1034 C  CA  . ASN A 1 131 ? 13.489  15.663  -2.697  1.00 17.06 ? 131 ASN A CA  1 
ATOM   1035 C  C   . ASN A 1 131 ? 14.212  14.702  -1.759  1.00 16.57 ? 131 ASN A C   1 
ATOM   1036 O  O   . ASN A 1 131 ? 15.436  14.659  -1.702  1.00 18.38 ? 131 ASN A O   1 
ATOM   1037 C  CB  . ASN A 1 131 ? 14.431  16.137  -3.815  1.00 21.42 ? 131 ASN A CB  1 
ATOM   1038 C  CG  . ASN A 1 131 ? 15.522  17.065  -3.321  1.00 29.58 ? 131 ASN A CG  1 
ATOM   1039 O  OD1 . ASN A 1 131 ? 15.291  17.919  -2.460  1.00 34.35 ? 131 ASN A OD1 1 
ATOM   1040 N  ND2 . ASN A 1 131 ? 16.718  16.923  -3.889  1.00 32.39 ? 131 ASN A ND2 1 
ATOM   1041 N  N   . PRO A 1 132 ? 13.449  13.891  -1.020  1.00 16.53 ? 132 PRO A N   1 
ATOM   1042 C  CA  . PRO A 1 132 ? 14.052  12.934  -0.088  1.00 17.25 ? 132 PRO A CA  1 
ATOM   1043 C  C   . PRO A 1 132 ? 14.885  11.872  -0.798  1.00 17.81 ? 132 PRO A C   1 
ATOM   1044 O  O   . PRO A 1 132 ? 14.593  11.485  -1.931  1.00 18.00 ? 132 PRO A O   1 
ATOM   1045 C  CB  . PRO A 1 132 ? 12.841  12.352  0.638   1.00 25.55 ? 132 PRO A CB  1 
ATOM   1046 C  CG  . PRO A 1 132 ? 11.780  12.367  -0.436  1.00 27.13 ? 132 PRO A CG  1 
ATOM   1047 C  CD  . PRO A 1 132 ? 11.985  13.741  -1.072  1.00 20.94 ? 132 PRO A CD  1 
ATOM   1048 N  N   . GLN A 1 133 ? 15.939  11.430  -0.127  1.00 18.86 ? 133 GLN A N   1 
ATOM   1049 C  CA  . GLN A 1 133 ? 16.826  10.416  -0.672  1.00 17.56 ? 133 GLN A CA  1 
ATOM   1050 C  C   . GLN A 1 133 ? 16.639  9.116   0.088   1.00 16.20 ? 133 GLN A C   1 
ATOM   1051 O  O   . GLN A 1 133 ? 15.788  9.021   0.965   1.00 17.38 ? 133 GLN A O   1 
ATOM   1052 C  CB  . GLN A 1 133 ? 18.287  10.873  -0.583  1.00 24.12 ? 133 GLN A CB  1 
ATOM   1053 C  CG  . GLN A 1 133 ? 18.570  12.198  -1.287  1.00 30.75 ? 133 GLN A CG  1 
ATOM   1054 C  CD  . GLN A 1 133 ? 18.319  12.137  -2.784  1.00 36.79 ? 133 GLN A CD  1 
ATOM   1055 O  OE1 . GLN A 1 133 ? 18.921  11.333  -3.497  1.00 34.01 ? 133 GLN A OE1 1 
ATOM   1056 N  NE2 . GLN A 1 133 ? 17.425  12.992  -3.270  1.00 36.52 ? 133 GLN A NE2 1 
ATOM   1057 N  N   . THR A 1 134 ? 17.456  8.122   -0.234  1.00 14.84 ? 134 THR A N   1 
ATOM   1058 C  CA  . THR A 1 134 ? 17.333  6.809   0.379   1.00 16.44 ? 134 THR A CA  1 
ATOM   1059 C  C   . THR A 1 134 ? 17.293  6.772   1.902   1.00 16.82 ? 134 THR A C   1 
ATOM   1060 O  O   . THR A 1 134 ? 16.502  6.035   2.477   1.00 14.95 ? 134 THR A O   1 
ATOM   1061 C  CB  . THR A 1 134 ? 18.438  5.874   -0.124  1.00 22.21 ? 134 THR A CB  1 
ATOM   1062 O  OG1 . THR A 1 134 ? 18.497  5.945   -1.556  1.00 22.48 ? 134 THR A OG1 1 
ATOM   1063 C  CG2 . THR A 1 134 ? 18.134  4.439   0.284   1.00 23.92 ? 134 THR A CG2 1 
ATOM   1064 N  N   . GLU A 1 135 ? 18.118  7.572   2.567   1.00 13.93 ? 135 GLU A N   1 
ATOM   1065 C  CA  . GLU A 1 135 ? 18.133  7.579   4.026   1.00 19.65 ? 135 GLU A CA  1 
ATOM   1066 C  C   . GLU A 1 135 ? 16.759  7.905   4.617   1.00 16.26 ? 135 GLU A C   1 
ATOM   1067 O  O   . GLU A 1 135 ? 16.347  7.305   5.614   1.00 20.09 ? 135 GLU A O   1 
ATOM   1068 C  CB  . GLU A 1 135 ? 19.163  8.590   4.541   1.00 23.33 ? 135 GLU A CB  1 
ATOM   1069 C  CG  . GLU A 1 135 ? 19.623  8.341   5.977   1.00 41.22 ? 135 GLU A CG  1 
ATOM   1070 C  CD  . GLU A 1 135 ? 18.510  8.469   7.008   1.00 50.26 ? 135 GLU A CD  1 
ATOM   1071 O  OE1 . GLU A 1 135 ? 17.987  9.591   7.193   1.00 51.21 ? 135 GLU A OE1 1 
ATOM   1072 O  OE2 . GLU A 1 135 ? 18.161  7.443   7.634   1.00 53.80 ? 135 GLU A OE2 1 
ATOM   1073 N  N   . HIS A 1 136 ? 16.051  8.842   3.996   1.00 14.03 ? 136 HIS A N   1 
ATOM   1074 C  CA  . HIS A 1 136 ? 14.730  9.230   4.483   1.00 14.03 ? 136 HIS A CA  1 
ATOM   1075 C  C   . HIS A 1 136 ? 13.743  8.088   4.310   1.00 12.42 ? 136 HIS A C   1 
ATOM   1076 O  O   . HIS A 1 136 ? 12.863  7.895   5.146   1.00 12.89 ? 136 HIS A O   1 
ATOM   1077 C  CB  . HIS A 1 136 ? 14.249  10.494  3.773   1.00 15.19 ? 136 HIS A CB  1 
ATOM   1078 C  CG  . HIS A 1 136 ? 14.845  11.745  4.341   1.00 25.12 ? 136 HIS A CG  1 
ATOM   1079 N  ND1 . HIS A 1 136 ? 16.186  11.861  4.636   1.00 35.25 ? 136 HIS A ND1 1 
ATOM   1080 C  CD2 . HIS A 1 136 ? 14.275  12.914  4.713   1.00 17.77 ? 136 HIS A CD2 1 
ATOM   1081 C  CE1 . HIS A 1 136 ? 16.417  13.049  5.167   1.00 28.92 ? 136 HIS A CE1 1 
ATOM   1082 N  NE2 . HIS A 1 136 ? 15.275  13.707  5.224   1.00 31.14 ? 136 HIS A NE2 1 
ATOM   1083 N  N   . HIS A 1 137 ? 13.886  7.337   3.225   1.00 13.06 ? 137 HIS A N   1 
ATOM   1084 C  CA  . HIS A 1 137 ? 13.014  6.181   3.003   1.00 10.48 ? 137 HIS A CA  1 
ATOM   1085 C  C   . HIS A 1 137 ? 13.229  5.136   4.098   1.00 11.92 ? 137 HIS A C   1 
ATOM   1086 O  O   . HIS A 1 137 ? 12.274  4.493   4.539   1.00 11.22 ? 137 HIS A O   1 
ATOM   1087 C  CB  . HIS A 1 137 ? 13.302  5.573   1.640   1.00 10.56 ? 137 HIS A CB  1 
ATOM   1088 C  CG  . HIS A 1 137 ? 12.735  6.362   0.513   1.00 13.54 ? 137 HIS A CG  1 
ATOM   1089 N  ND1 . HIS A 1 137 ? 11.401  6.313   0.172   1.00 11.90 ? 137 HIS A ND1 1 
ATOM   1090 C  CD2 . HIS A 1 137 ? 13.312  7.238   -0.344  1.00 13.35 ? 137 HIS A CD2 1 
ATOM   1091 C  CE1 . HIS A 1 137 ? 11.182  7.120   -0.850  1.00 11.57 ? 137 HIS A CE1 1 
ATOM   1092 N  NE2 . HIS A 1 137 ? 12.327  7.695   -1.181  1.00 12.35 ? 137 HIS A NE2 1 
ATOM   1093 N  N   . GLU A 1 138 ? 14.473  4.977   4.552   1.00 13.44 ? 138 GLU A N   1 
ATOM   1094 C  CA  . GLU A 1 138 ? 14.760  4.011   5.614   1.00 14.64 ? 138 GLU A CA  1 
ATOM   1095 C  C   . GLU A 1 138 ? 13.980  4.376   6.883   1.00 14.39 ? 138 GLU A C   1 
ATOM   1096 O  O   . GLU A 1 138 ? 13.485  3.486   7.587   1.00 13.64 ? 138 GLU A O   1 
ATOM   1097 C  CB  . GLU A 1 138 ? 16.260  3.988   5.935   1.00 17.47 ? 138 GLU A CB  1 
ATOM   1098 C  CG  . GLU A 1 138 ? 17.135  3.667   4.748   1.00 30.34 ? 138 GLU A CG  1 
ATOM   1099 C  CD  . GLU A 1 138 ? 18.579  3.414   5.140   1.00 39.76 ? 138 GLU A CD  1 
ATOM   1100 O  OE1 . GLU A 1 138 ? 19.090  4.121   6.037   1.00 41.21 ? 138 GLU A OE1 1 
ATOM   1101 O  OE2 . GLU A 1 138 ? 19.202  2.513   4.537   1.00 47.25 ? 138 GLU A OE2 1 
ATOM   1102 N  N   . ARG A 1 139 ? 13.895  5.676   7.172   1.00 13.77 ? 139 ARG A N   1 
ATOM   1103 C  CA  . ARG A 1 139 ? 13.165  6.172   8.334   1.00 10.81 ? 139 ARG A CA  1 
ATOM   1104 C  C   . ARG A 1 139 ? 11.655  6.010   8.169   1.00 12.41 ? 139 ARG A C   1 
ATOM   1105 O  O   . ARG A 1 139 ? 10.949  5.678   9.119   1.00 11.95 ? 139 ARG A O   1 
ATOM   1106 C  CB  . ARG A 1 139 ? 13.516  7.640   8.584   1.00 15.93 ? 139 ARG A CB  1 
ATOM   1107 C  CG  . ARG A 1 139 ? 14.980  7.841   8.986   1.00 23.94 ? 139 ARG A CG  1 
ATOM   1108 C  CD  . ARG A 1 139 ? 15.394  9.304   8.882   1.00 25.55 ? 139 ARG A CD  1 
ATOM   1109 N  NE  . ARG A 1 139 ? 14.601  10.175  9.739   1.00 29.07 ? 139 ARG A NE  1 
ATOM   1110 C  CZ  . ARG A 1 139 ? 14.581  11.501  9.641   1.00 32.17 ? 139 ARG A CZ  1 
ATOM   1111 N  NH1 . ARG A 1 139 ? 15.318  12.105  8.714   1.00 34.17 ? 139 ARG A NH1 1 
ATOM   1112 N  NH2 . ARG A 1 139 ? 13.816  12.225  10.458  1.00 24.46 ? 139 ARG A NH2 1 
ATOM   1113 N  N   . ALA A 1 140 ? 11.158  6.216   6.953   1.00 9.81  ? 140 ALA A N   1 
ATOM   1114 C  CA  . ALA A 1 140 ? 9.731   6.076   6.710   1.00 10.92 ? 140 ALA A CA  1 
ATOM   1115 C  C   . ALA A 1 140 ? 9.333   4.600   6.882   1.00 11.55 ? 140 ALA A C   1 
ATOM   1116 O  O   . ALA A 1 140 ? 8.254   4.303   7.400   1.00 9.86  ? 140 ALA A O   1 
ATOM   1117 C  CB  . ALA A 1 140 ? 9.383   6.586   5.307   1.00 10.28 ? 140 ALA A CB  1 
ATOM   1118 N  N   . GLU A 1 141 ? 10.203  3.682   6.462   1.00 10.64 ? 141 GLU A N   1 
ATOM   1119 C  CA  . GLU A 1 141 ? 9.928   2.264   6.642   1.00 9.15  ? 141 GLU A CA  1 
ATOM   1120 C  C   . GLU A 1 141 ? 9.855   1.929   8.126   1.00 9.47  ? 141 GLU A C   1 
ATOM   1121 O  O   . GLU A 1 141 ? 8.999   1.158   8.542   1.00 11.22 ? 141 GLU A O   1 
ATOM   1122 C  CB  . GLU A 1 141 ? 11.014  1.396   5.980   1.00 10.33 ? 141 GLU A CB  1 
ATOM   1123 C  CG  . GLU A 1 141 ? 10.951  1.382   4.461   1.00 11.83 ? 141 GLU A CG  1 
ATOM   1124 C  CD  . GLU A 1 141 ? 11.932  0.407   3.830   1.00 21.07 ? 141 GLU A CD  1 
ATOM   1125 O  OE1 . GLU A 1 141 ? 12.449  -0.473  4.557   1.00 23.47 ? 141 GLU A OE1 1 
ATOM   1126 O  OE2 . GLU A 1 141 ? 12.180  0.514   2.598   1.00 17.74 ? 141 GLU A OE2 1 
ATOM   1127 N  N   . ARG A 1 142 ? 10.769  2.483   8.922   1.00 10.10 ? 142 ARG A N   1 
ATOM   1128 C  CA  . ARG A 1 142 ? 10.750  2.203   10.350  1.00 9.81  ? 142 ARG A CA  1 
ATOM   1129 C  C   . ARG A 1 142 ? 9.436   2.651   10.956  1.00 11.09 ? 142 ARG A C   1 
ATOM   1130 O  O   . ARG A 1 142 ? 8.881   1.963   11.817  1.00 11.58 ? 142 ARG A O   1 
ATOM   1131 C  CB  . ARG A 1 142 ? 11.931  2.869   11.063  1.00 13.01 ? 142 ARG A CB  1 
ATOM   1132 C  CG  . ARG A 1 142 ? 13.256  2.158   10.796  1.00 17.97 ? 142 ARG A CG  1 
ATOM   1133 C  CD  . ARG A 1 142 ? 14.360  2.570   11.788  1.00 20.99 ? 142 ARG A CD  1 
ATOM   1134 N  NE  . ARG A 1 142 ? 14.903  3.903   11.543  1.00 25.19 ? 142 ARG A NE  1 
ATOM   1135 C  CZ  . ARG A 1 142 ? 15.850  4.171   10.647  1.00 29.61 ? 142 ARG A CZ  1 
ATOM   1136 N  NH1 . ARG A 1 142 ? 16.366  3.197   9.910   1.00 35.13 ? 142 ARG A NH1 1 
ATOM   1137 N  NH2 . ARG A 1 142 ? 16.276  5.414   10.482  1.00 34.41 ? 142 ARG A NH2 1 
ATOM   1138 N  N   . VAL A 1 143 ? 8.931   3.801   10.516  1.00 8.80  ? 143 VAL A N   1 
ATOM   1139 C  CA  . VAL A 1 143 ? 7.648   4.281   11.026  1.00 10.81 ? 143 VAL A CA  1 
ATOM   1140 C  C   . VAL A 1 143 ? 6.522   3.325   10.632  1.00 10.46 ? 143 VAL A C   1 
ATOM   1141 O  O   . VAL A 1 143 ? 5.699   2.946   11.462  1.00 10.46 ? 143 VAL A O   1 
ATOM   1142 C  CB  . VAL A 1 143 ? 7.339   5.697   10.485  1.00 10.82 ? 143 VAL A CB  1 
ATOM   1143 C  CG1 . VAL A 1 143 ? 5.903   6.085   10.811  1.00 14.44 ? 143 VAL A CG1 1 
ATOM   1144 C  CG2 . VAL A 1 143 ? 8.329   6.685   11.064  1.00 12.99 ? 143 VAL A CG2 1 
ATOM   1145 N  N   . PHE A 1 144 ? 6.466   2.934   9.361   1.00 8.68  ? 144 PHE A N   1 
ATOM   1146 C  CA  . PHE A 1 144 ? 5.428   2.018   8.916   1.00 9.82  ? 144 PHE A CA  1 
ATOM   1147 C  C   . PHE A 1 144 ? 5.489   0.685   9.654   1.00 10.73 ? 144 PHE A C   1 
ATOM   1148 O  O   . PHE A 1 144 ? 4.456   0.090   9.971   1.00 14.42 ? 144 PHE A O   1 
ATOM   1149 C  CB  . PHE A 1 144 ? 5.572   1.767   7.405   1.00 9.19  ? 144 PHE A CB  1 
ATOM   1150 C  CG  . PHE A 1 144 ? 4.552   2.493   6.564   1.00 9.79  ? 144 PHE A CG  1 
ATOM   1151 C  CD1 . PHE A 1 144 ? 3.748   1.792   5.680   1.00 11.96 ? 144 PHE A CD1 1 
ATOM   1152 C  CD2 . PHE A 1 144 ? 4.424   3.870   6.643   1.00 16.14 ? 144 PHE A CD2 1 
ATOM   1153 C  CE1 . PHE A 1 144 ? 2.817   2.471   4.871   1.00 12.43 ? 144 PHE A CE1 1 
ATOM   1154 C  CE2 . PHE A 1 144 ? 3.504   4.543   5.848   1.00 14.03 ? 144 PHE A CE2 1 
ATOM   1155 C  CZ  . PHE A 1 144 ? 2.707   3.843   4.965   1.00 15.45 ? 144 PHE A CZ  1 
ATOM   1156 N  N   . ASN A 1 145 ? 6.705   0.224   9.947   1.00 10.03 ? 145 ASN A N   1 
ATOM   1157 C  CA  . ASN A 1 145 ? 6.895   -1.062  10.628  1.00 12.25 ? 145 ASN A CA  1 
ATOM   1158 C  C   . ASN A 1 145 ? 6.285   -1.089  12.039  1.00 13.91 ? 145 ASN A C   1 
ATOM   1159 O  O   . ASN A 1 145 ? 5.999   -2.161  12.572  1.00 13.68 ? 145 ASN A O   1 
ATOM   1160 C  CB  . ASN A 1 145 ? 8.393   -1.390  10.733  1.00 11.90 ? 145 ASN A CB  1 
ATOM   1161 C  CG  . ASN A 1 145 ? 9.017   -1.837  9.403   1.00 15.53 ? 145 ASN A CG  1 
ATOM   1162 O  OD1 . ASN A 1 145 ? 10.246  -1.811  9.245   1.00 25.56 ? 145 ASN A OD1 1 
ATOM   1163 N  ND2 . ASN A 1 145 ? 8.196   -2.251  8.471   1.00 13.32 ? 145 ASN A ND2 1 
ATOM   1164 N  N   . LEU A 1 146 ? 6.091   0.083   12.638  1.00 11.95 ? 146 LEU A N   1 
ATOM   1165 C  CA  . LEU A 1 146 ? 5.536   0.159   13.987  1.00 9.94  ? 146 LEU A CA  1 
ATOM   1166 C  C   . LEU A 1 146 ? 4.055   -0.146  14.021  1.00 11.48 ? 146 LEU A C   1 
ATOM   1167 O  O   . LEU A 1 146 ? 3.528   -0.614  15.033  1.00 11.67 ? 146 LEU A O   1 
ATOM   1168 C  CB  . LEU A 1 146 ? 5.755   1.564   14.558  1.00 11.49 ? 146 LEU A CB  1 
ATOM   1169 C  CG  . LEU A 1 146 ? 7.193   2.041   14.742  1.00 14.31 ? 146 LEU A CG  1 
ATOM   1170 C  CD1 . LEU A 1 146 ? 7.204   3.527   15.097  1.00 14.90 ? 146 LEU A CD1 1 
ATOM   1171 C  CD2 . LEU A 1 146 ? 7.851   1.210   15.834  1.00 16.33 ? 146 LEU A CD2 1 
ATOM   1172 N  N   . LEU A 1 147 ? 3.388   0.104   12.902  1.00 13.95 ? 147 LEU A N   1 
ATOM   1173 C  CA  . LEU A 1 147 ? 1.946   -0.078  12.831  1.00 15.02 ? 147 LEU A CA  1 
ATOM   1174 C  C   . LEU A 1 147 ? 1.424   -1.069  11.788  1.00 17.50 ? 147 LEU A C   1 
ATOM   1175 O  O   . LEU A 1 147 ? 0.330   -1.606  11.959  1.00 19.02 ? 147 LEU A O   1 
ATOM   1176 C  CB  . LEU A 1 147 ? 1.306   1.290   12.610  1.00 14.83 ? 147 LEU A CB  1 
ATOM   1177 C  CG  . LEU A 1 147 ? 1.577   2.316   13.718  1.00 19.20 ? 147 LEU A CG  1 
ATOM   1178 C  CD1 . LEU A 1 147 ? 1.044   3.682   13.294  1.00 25.86 ? 147 LEU A CD1 1 
ATOM   1179 C  CD2 . LEU A 1 147 ? 0.925   1.861   15.030  1.00 18.34 ? 147 LEU A CD2 1 
ATOM   1180 N  N   . LEU A 1 148 ? 2.186   -1.315  10.722  1.00 18.10 ? 148 LEU A N   1 
ATOM   1181 C  CA  . LEU A 1 148 ? 1.756   -2.251  9.672   1.00 22.52 ? 148 LEU A CA  1 
ATOM   1182 C  C   . LEU A 1 148 ? 2.721   -3.421  9.435   1.00 27.50 ? 148 LEU A C   1 
ATOM   1183 O  O   . LEU A 1 148 ? 3.945   -3.244  9.646   1.00 31.07 ? 148 LEU A O   1 
ATOM   1184 C  CB  . LEU A 1 148 ? 1.586   -1.499  8.350   1.00 26.41 ? 148 LEU A CB  1 
ATOM   1185 C  CG  . LEU A 1 148 ? 0.498   -0.427  8.284   1.00 23.98 ? 148 LEU A CG  1 
ATOM   1186 C  CD1 . LEU A 1 148 ? 0.696   0.404   7.022   1.00 36.63 ? 148 LEU A CD1 1 
ATOM   1187 C  CD2 . LEU A 1 148 ? -0.881  -1.080  8.274   1.00 26.41 ? 148 LEU A CD2 1 
ATOM   1188 O  OXT . LEU A 1 148 ? 2.247   -4.496  8.986   1.00 23.35 ? 148 LEU A OXT 1 
HETATM 1189 O  O   . HOH B 2 .   ? -9.654  1.903   13.984  1.00 9.98  ? 149 HOH A O   1 
HETATM 1190 O  O   . HOH B 2 .   ? 0.355   -5.063  7.166   1.00 13.27 ? 150 HOH A O   1 
HETATM 1191 O  O   . HOH B 2 .   ? 15.016  1.045   -5.067  1.00 12.01 ? 151 HOH A O   1 
HETATM 1192 O  O   . HOH B 2 .   ? 13.714  2.029   -8.596  1.00 13.44 ? 152 HOH A O   1 
HETATM 1193 O  O   . HOH B 2 .   ? 4.760   11.003  -13.228 1.00 15.65 ? 153 HOH A O   1 
HETATM 1194 O  O   . HOH B 2 .   ? 13.428  9.330   -3.152  1.00 15.80 ? 154 HOH A O   1 
HETATM 1195 O  O   . HOH B 2 .   ? 7.164   12.622  -7.108  1.00 13.49 ? 155 HOH A O   1 
HETATM 1196 O  O   . HOH B 2 .   ? 11.120  2.276   0.848   1.00 16.82 ? 156 HOH A O   1 
HETATM 1197 O  O   . HOH B 2 .   ? 5.762   5.025   -16.163 1.00 16.19 ? 157 HOH A O   1 
HETATM 1198 O  O   . HOH B 2 .   ? 10.249  0.166   13.369  1.00 16.81 ? 158 HOH A O   1 
HETATM 1199 O  O   . HOH B 2 .   ? -2.386  -9.067  13.923  1.00 18.04 ? 159 HOH A O   1 
HETATM 1200 O  O   . HOH B 2 .   ? 6.981   -4.688  -5.800  1.00 18.06 ? 160 HOH A O   1 
HETATM 1201 O  O   . HOH B 2 .   ? -7.827  7.009   -7.215  1.00 18.94 ? 161 HOH A O   1 
HETATM 1202 O  O   . HOH B 2 .   ? -1.204  -0.728  -10.468 1.00 18.75 ? 162 HOH A O   1 
HETATM 1203 O  O   . HOH B 2 .   ? -14.023 -10.284 9.953   1.00 22.72 ? 163 HOH A O   1 
HETATM 1204 O  O   . HOH B 2 .   ? 7.519   10.082  -15.586 1.00 23.57 ? 164 HOH A O   1 
HETATM 1205 O  O   . HOH B 2 .   ? -11.611 -3.946  6.456   1.00 22.00 ? 165 HOH A O   1 
HETATM 1206 O  O   . HOH B 2 .   ? 14.309  10.647  -10.188 1.00 19.38 ? 166 HOH A O   1 
HETATM 1207 O  O   . HOH B 2 .   ? -0.904  15.312  -9.664  1.00 25.65 ? 167 HOH A O   1 
HETATM 1208 O  O   . HOH B 2 .   ? 4.043   -6.358  -10.703 1.00 23.54 ? 168 HOH A O   1 
HETATM 1209 O  O   . HOH B 2 .   ? 14.251  12.875  -4.401  1.00 20.17 ? 169 HOH A O   1 
HETATM 1210 O  O   . HOH B 2 .   ? -13.341 -15.730 -4.755  1.00 23.62 ? 170 HOH A O   1 
HETATM 1211 O  O   . HOH B 2 .   ? -4.716  -0.905  10.012  1.00 21.36 ? 171 HOH A O   1 
HETATM 1212 O  O   . HOH B 2 .   ? 14.338  0.763   7.383   1.00 27.14 ? 172 HOH A O   1 
HETATM 1213 O  O   . HOH B 2 .   ? 11.722  -1.331  11.760  1.00 22.99 ? 173 HOH A O   1 
HETATM 1214 O  O   . HOH B 2 .   ? -7.539  -18.111 12.814  1.00 28.26 ? 174 HOH A O   1 
HETATM 1215 O  O   . HOH B 2 .   ? -11.139 -3.015  9.128   1.00 30.60 ? 175 HOH A O   1 
HETATM 1216 O  O   . HOH B 2 .   ? -16.112 -7.991  0.849   1.00 25.38 ? 176 HOH A O   1 
HETATM 1217 O  O   . HOH B 2 .   ? 12.927  3.304   -1.090  1.00 18.49 ? 177 HOH A O   1 
HETATM 1218 O  O   . HOH B 2 .   ? -3.704  5.717   -12.990 1.00 28.30 ? 178 HOH A O   1 
HETATM 1219 O  O   . HOH B 2 .   ? -2.410  -16.285 7.265   1.00 25.78 ? 179 HOH A O   1 
HETATM 1220 O  O   . HOH B 2 .   ? 6.703   -3.375  15.038  1.00 25.75 ? 180 HOH A O   1 
HETATM 1221 O  O   . HOH B 2 .   ? 2.444   14.776  5.865   1.00 33.35 ? 181 HOH A O   1 
HETATM 1222 O  O   . HOH B 2 .   ? -5.291  -5.403  -14.802 1.00 23.69 ? 182 HOH A O   1 
HETATM 1223 O  O   . HOH B 2 .   ? 10.454  15.508  2.994   1.00 26.11 ? 183 HOH A O   1 
HETATM 1224 O  O   . HOH B 2 .   ? -16.847 -12.967 -4.362  1.00 28.67 ? 184 HOH A O   1 
HETATM 1225 O  O   . HOH B 2 .   ? -0.254  -10.567 13.125  1.00 25.45 ? 185 HOH A O   1 
HETATM 1226 O  O   . HOH B 2 .   ? -11.461 -12.816 -6.105  1.00 21.32 ? 186 HOH A O   1 
HETATM 1227 O  O   . HOH B 2 .   ? 11.655  13.356  3.781   1.00 24.77 ? 187 HOH A O   1 
HETATM 1228 O  O   . HOH B 2 .   ? -2.700  15.778  -1.127  1.00 23.76 ? 188 HOH A O   1 
HETATM 1229 O  O   . HOH B 2 .   ? 17.529  10.111  -9.961  1.00 25.87 ? 189 HOH A O   1 
HETATM 1230 O  O   . HOH B 2 .   ? -2.014  0.064   12.454  1.00 23.50 ? 190 HOH A O   1 
HETATM 1231 O  O   . HOH B 2 .   ? -0.080  -0.595  -15.199 1.00 28.57 ? 191 HOH A O   1 
HETATM 1232 O  O   . HOH B 2 .   ? -13.436 14.591  0.501   1.00 31.88 ? 192 HOH A O   1 
HETATM 1233 O  O   . HOH B 2 .   ? -7.042  -13.500 14.129  1.00 31.81 ? 193 HOH A O   1 
HETATM 1234 O  O   . HOH B 2 .   ? -6.773  14.091  -8.892  1.00 26.25 ? 194 HOH A O   1 
HETATM 1235 O  O   . HOH B 2 .   ? 17.810  8.499   -3.566  1.00 23.83 ? 195 HOH A O   1 
HETATM 1236 O  O   . HOH B 2 .   ? -1.034  0.520   -12.746 1.00 23.79 ? 196 HOH A O   1 
HETATM 1237 O  O   . HOH B 2 .   ? -6.462  -10.604 13.870  1.00 27.31 ? 197 HOH A O   1 
HETATM 1238 O  O   . HOH B 2 .   ? -7.230  2.808   -8.387  1.00 35.36 ? 198 HOH A O   1 
HETATM 1239 O  O   . HOH B 2 .   ? 20.425  8.794   1.396   1.00 36.18 ? 199 HOH A O   1 
HETATM 1240 O  O   . HOH B 2 .   ? -14.196 -3.392  -3.491  1.00 30.46 ? 200 HOH A O   1 
HETATM 1241 O  O   . HOH B 2 .   ? -10.556 14.952  -4.692  1.00 29.66 ? 201 HOH A O   1 
HETATM 1242 O  O   . HOH B 2 .   ? -17.743 -15.616 13.799  1.00 25.42 ? 202 HOH A O   1 
HETATM 1243 O  O   . HOH B 2 .   ? -17.499 -9.877  -3.122  1.00 33.59 ? 203 HOH A O   1 
HETATM 1244 O  O   . HOH B 2 .   ? -11.107 10.711  4.069   1.00 25.95 ? 204 HOH A O   1 
HETATM 1245 O  O   . HOH B 2 .   ? 1.019   -14.472 -3.024  1.00 29.33 ? 205 HOH A O   1 
HETATM 1246 O  O   . HOH B 2 .   ? 12.024  -2.174  6.926   1.00 30.35 ? 206 HOH A O   1 
HETATM 1247 O  O   . HOH B 2 .   ? -5.518  -16.480 -2.402  1.00 30.78 ? 207 HOH A O   1 
HETATM 1248 O  O   . HOH B 2 .   ? -8.617  13.465  -2.388  1.00 30.10 ? 208 HOH A O   1 
HETATM 1249 O  O   . HOH B 2 .   ? -7.884  -14.982 -4.438  1.00 30.27 ? 209 HOH A O   1 
HETATM 1250 O  O   . HOH B 2 .   ? -9.951  -1.569  -8.491  1.00 32.79 ? 210 HOH A O   1 
HETATM 1251 O  O   . HOH B 2 .   ? -6.435  12.116  -11.845 1.00 33.68 ? 211 HOH A O   1 
HETATM 1252 O  O   . HOH B 2 .   ? -7.255  -3.381  -14.148 1.00 27.43 ? 212 HOH A O   1 
HETATM 1253 O  O   . HOH B 2 .   ? 4.376   -12.446 -10.323 1.00 38.57 ? 213 HOH A O   1 
HETATM 1254 O  O   . HOH B 2 .   ? -18.167 -8.804  -0.536  1.00 43.74 ? 214 HOH A O   1 
HETATM 1255 O  O   . HOH B 2 .   ? 2.723   -12.507 7.187   1.00 34.38 ? 215 HOH A O   1 
HETATM 1256 O  O   . HOH B 2 .   ? 8.902   -5.179  4.720   1.00 34.39 ? 216 HOH A O   1 
HETATM 1257 O  O   . HOH B 2 .   ? 6.896   1.636   -14.938 1.00 33.49 ? 217 HOH A O   1 
HETATM 1258 O  O   . HOH B 2 .   ? 9.366   -4.757  8.257   1.00 50.11 ? 218 HOH A O   1 
HETATM 1259 O  O   . HOH B 2 .   ? -12.972 -19.895 15.618  1.00 37.21 ? 219 HOH A O   1 
HETATM 1260 O  O   . HOH B 2 .   ? -14.299 -15.181 -7.702  1.00 30.31 ? 220 HOH A O   1 
HETATM 1261 O  O   . HOH B 2 .   ? -15.518 7.771   -1.520  1.00 43.98 ? 221 HOH A O   1 
HETATM 1262 O  O   . HOH B 2 .   ? -13.652 0.240   1.545   1.00 37.18 ? 222 HOH A O   1 
HETATM 1263 O  O   . HOH B 2 .   ? 1.631   18.658  -5.111  1.00 39.50 ? 223 HOH A O   1 
HETATM 1264 O  O   . HOH B 2 .   ? -2.800  1.823   -14.016 1.00 51.81 ? 224 HOH A O   1 
HETATM 1265 O  O   . HOH B 2 .   ? -5.767  -12.402 -12.253 1.00 36.50 ? 225 HOH A O   1 
HETATM 1266 O  O   . HOH B 2 .   ? 15.467  3.438   -1.157  1.00 27.46 ? 226 HOH A O   1 
HETATM 1267 O  O   . HOH B 2 .   ? -1.750  -12.374 -6.695  1.00 31.05 ? 227 HOH A O   1 
HETATM 1268 O  O   . HOH B 2 .   ? -4.273  10.714  4.647   1.00 37.24 ? 228 HOH A O   1 
HETATM 1269 O  O   . HOH B 2 .   ? -2.814  -16.551 -2.560  1.00 36.49 ? 229 HOH A O   1 
HETATM 1270 O  O   . HOH B 2 .   ? -12.665 -1.758  5.627   1.00 40.80 ? 230 HOH A O   1 
HETATM 1271 O  O   . HOH B 2 .   ? -10.409 -5.898  10.604  1.00 35.22 ? 231 HOH A O   1 
HETATM 1272 O  O   . HOH B 2 .   ? -16.492 -19.899 3.555   1.00 45.46 ? 232 HOH A O   1 
HETATM 1273 O  O   . HOH B 2 .   ? -0.083  15.486  4.488   1.00 45.34 ? 233 HOH A O   1 
HETATM 1274 O  O   . HOH B 2 .   ? 16.539  7.434   12.223  1.00 43.01 ? 234 HOH A O   1 
HETATM 1275 O  O   . HOH B 2 .   ? 6.610   -4.702  10.901  1.00 34.00 ? 235 HOH A O   1 
HETATM 1276 O  O   . HOH B 2 .   ? 3.540   -6.886  -13.470 1.00 30.98 ? 236 HOH A O   1 
HETATM 1277 O  O   . HOH B 2 .   ? 6.142   19.108  0.289   1.00 35.27 ? 237 HOH A O   1 
HETATM 1278 O  O   . HOH B 2 .   ? -12.351 -8.809  -9.220  1.00 39.08 ? 238 HOH A O   1 
HETATM 1279 O  O   . HOH B 2 .   ? -13.646 7.097   5.202   1.00 45.30 ? 239 HOH A O   1 
HETATM 1280 O  O   . HOH B 2 .   ? -1.767  -19.286 4.082   1.00 39.75 ? 240 HOH A O   1 
HETATM 1281 O  O   . HOH B 2 .   ? 4.142   -2.103  -12.948 1.00 45.28 ? 241 HOH A O   1 
HETATM 1282 O  O   . HOH B 2 .   ? 4.440   -17.315 -5.017  1.00 44.02 ? 242 HOH A O   1 
HETATM 1283 O  O   . HOH B 2 .   ? 19.228  8.479   -6.115  1.00 41.44 ? 243 HOH A O   1 
HETATM 1284 O  O   . HOH B 2 .   ? 8.508   18.967  1.376   1.00 46.61 ? 244 HOH A O   1 
HETATM 1285 O  O   . HOH B 2 .   ? -9.351  14.543  -8.034  1.00 45.46 ? 245 HOH A O   1 
HETATM 1286 O  O   . HOH B 2 .   ? 13.645  21.141  -0.754  1.00 39.10 ? 246 HOH A O   1 
HETATM 1287 O  O   . HOH B 2 .   ? -16.612 -3.870  4.210   1.00 40.35 ? 247 HOH A O   1 
HETATM 1288 O  O   . HOH B 2 .   ? -1.718  -10.815 -12.357 1.00 34.94 ? 248 HOH A O   1 
HETATM 1289 O  O   . HOH B 2 .   ? 15.839  14.979  8.105   1.00 53.37 ? 249 HOH A O   1 
HETATM 1290 O  O   . HOH B 2 .   ? -10.596 -20.282 -0.462  1.00 27.69 ? 250 HOH A O   1 
HETATM 1291 O  O   . HOH B 2 .   ? 16.759  1.887   -2.987  1.00 32.02 ? 251 HOH A O   1 
HETATM 1292 O  O   . HOH B 2 .   ? -10.608 13.915  -0.249  1.00 31.62 ? 252 HOH A O   1 
HETATM 1293 O  O   . HOH B 2 .   ? -8.990  -13.730 -6.737  1.00 29.37 ? 253 HOH A O   1 
HETATM 1294 O  O   . HOH B 2 .   ? 4.290   -6.352  8.304   1.00 34.17 ? 254 HOH A O   1 
HETATM 1295 O  O   . HOH B 2 .   ? 9.140   -1.991  14.581  1.00 28.55 ? 255 HOH A O   1 
HETATM 1296 O  O   . HOH B 2 .   ? -16.174 -15.439 -4.751  1.00 33.25 ? 256 HOH A O   1 
HETATM 1297 O  O   . HOH B 2 .   ? 7.757   7.290   -16.451 1.00 33.73 ? 257 HOH A O   1 
HETATM 1298 O  O   . HOH B 2 .   ? -4.122  -18.410 8.759   1.00 38.13 ? 258 HOH A O   1 
HETATM 1299 O  O   . HOH B 2 .   ? 13.550  -4.631  -1.946  1.00 35.39 ? 259 HOH A O   1 
HETATM 1300 O  O   . HOH B 2 .   ? -0.485  14.478  6.884   1.00 38.75 ? 260 HOH A O   1 
HETATM 1301 O  O   . HOH B 2 .   ? 3.774   5.966   -17.997 1.00 36.48 ? 261 HOH A O   1 
HETATM 1302 O  O   . HOH B 2 .   ? 9.654   11.395  -16.714 1.00 42.02 ? 262 HOH A O   1 
HETATM 1303 O  O   . HOH B 2 .   ? -8.962  -20.280 13.646  1.00 37.44 ? 263 HOH A O   1 
HETATM 1304 O  O   . HOH B 2 .   ? -7.440  -15.976 15.246  1.00 38.03 ? 264 HOH A O   1 
HETATM 1305 O  O   . HOH B 2 .   ? -1.868  -13.145 -2.134  1.00 42.58 ? 265 HOH A O   1 
HETATM 1306 O  O   . HOH B 2 .   ? 10.690  -3.870  12.625  1.00 48.29 ? 266 HOH A O   1 
HETATM 1307 O  O   . HOH B 2 .   ? -7.839  14.445  -11.724 1.00 43.43 ? 267 HOH A O   1 
HETATM 1308 O  O   . HOH B 2 .   ? -17.300 -21.713 5.304   1.00 47.46 ? 268 HOH A O   1 
HETATM 1309 O  O   . HOH B 2 .   ? 18.654  4.832   -4.410  1.00 39.11 ? 269 HOH A O   1 
HETATM 1310 O  O   . HOH B 2 .   ? 6.988   -6.374  -7.815  1.00 39.19 ? 270 HOH A O   1 
HETATM 1311 O  O   . HOH B 2 .   ? 1.017   19.407  -7.626  1.00 38.46 ? 271 HOH A O   1 
HETATM 1312 O  O   . HOH B 2 .   ? 20.480  6.481   -5.424  1.00 46.14 ? 272 HOH A O   1 
HETATM 1313 O  O   . HOH B 2 .   ? 17.280  15.215  -6.295  1.00 43.27 ? 273 HOH A O   1 
HETATM 1314 O  O   . HOH B 2 .   ? 17.794  15.957  -1.054  1.00 43.06 ? 274 HOH A O   1 
HETATM 1315 O  O   . HOH B 2 .   ? -13.169 -1.025  -5.185  1.00 35.11 ? 275 HOH A O   1 
HETATM 1316 O  O   . HOH B 2 .   ? 15.011  0.827   2.827   1.00 46.17 ? 276 HOH A O   1 
HETATM 1317 O  O   . HOH B 2 .   ? -1.057  -3.975  -16.314 1.00 51.92 ? 277 HOH A O   1 
HETATM 1318 O  O   . HOH B 2 .   ? -5.004  -19.568 11.509  1.00 46.93 ? 278 HOH A O   1 
HETATM 1319 O  O   . HOH B 2 .   ? -15.024 -2.166  -1.263  1.00 49.78 ? 279 HOH A O   1 
HETATM 1320 O  O   . HOH B 2 .   ? 9.453   -14.427 -6.289  1.00 49.17 ? 280 HOH A O   1 
HETATM 1321 O  O   . HOH B 2 .   ? -3.400  -19.136 -4.711  1.00 50.39 ? 281 HOH A O   1 
HETATM 1322 O  O   . HOH B 2 .   ? 17.087  1.254   1.449   1.00 40.24 ? 282 HOH A O   1 
HETATM 1323 O  O   . HOH B 2 .   ? -15.178 -3.243  6.310   1.00 32.88 ? 283 HOH A O   1 
HETATM 1324 O  O   . HOH B 2 .   ? -7.568  11.523  4.527   1.00 39.88 ? 284 HOH A O   1 
HETATM 1325 O  O   . HOH B 2 .   ? 17.187  12.852  2.223   1.00 39.07 ? 285 HOH A O   1 
HETATM 1326 O  O   . HOH B 2 .   ? 8.180   18.934  -5.248  1.00 43.63 ? 286 HOH A O   1 
HETATM 1327 O  O   . HOH B 2 .   ? -15.610 0.865   -4.121  1.00 46.38 ? 287 HOH A O   1 
HETATM 1328 O  O   . HOH B 2 .   ? 7.855   17.358  -7.649  1.00 45.01 ? 288 HOH A O   1 
# 
